data_9W4T
#
_entry.id   9W4T
#
_cell.length_a   1.00
_cell.length_b   1.00
_cell.length_c   1.00
_cell.angle_alpha   90.00
_cell.angle_beta   90.00
_cell.angle_gamma   90.00
#
_symmetry.space_group_name_H-M   'P 1'
#
loop_
_entity.id
_entity.type
_entity.pdbx_description
1 polymer 'Maltose/maltodextrin-binding periplasmic protein,Transient receptor potential cation channel subfamily V member 1'
2 non-polymer (~{Z})-3-(4-~{tert}-butylphenyl)-~{N}-(2,3-dihydro-1,4-benzodioxin-6-yl)prop-2-enamide
3 non-polymer 'SODIUM ION'
#
_entity_poly.entity_id   1
_entity_poly.type   'polypeptide(L)'
_entity_poly.pdbx_seq_one_letter_code
;MKIEEGKLVIWINGDKGYNGLAEVGKKFEKDTGIKVTVEHPDKLEEKFPQVAATGDGPDIIFWAHDRFGGYAQSGLLAEI
TPDKAFQDKLYPFTWDAVRYNGKLIAYPIAVEALSLIYNKDLLPNPPKTWEEIPALDKELKAKGKSALMFNLQEPYFTWP
LIAADGGYAFKYENGKYDIKDVGVDNAGAKAGLTFLVDLIKNKHMNADTDYSIAEAAFNKGETAMTINGPWAWSNIDTSK
VNYGVTVLPTFKGQPSKPFVGVLSAGINAASPNKELAKEFLENYLLTDEGLEAVNKDKPLGAVALKSYEEELAKDPRIAA
TMENAQKGEIMPNIPQMSAFWYAVRTAVINAASGRQTVDEALKDAQTNSGTGGGSGDDDDKSPMGSHHHHHHHHGSDYDI
PTTENLYFQGAMDPMEQRASLDSEESESPPQENSCLDPPDRDPNCKPPPVKPHIFTTRSRTRLFGKGDSEEASPLDCPYE
EGGLASCPIITVSSVLTIQRPGDGPASVRPSSQDSVSAGEKPPRLYDRRSIFDAVAQSNCQELESLLPFLQRSKKRLTDS
EFKDPETGKTCLLKAMLNLHNGQNDTIALLLDVARKTDSLKQFVNASYTDSYYKGQTALHIAIERRNMTLVTLLVENGAD
VQAAANGDFFKKTKGRPGFYFGELPLSLAACTNQLAIVKFLLQNSWQPADISARDSVGNTVLHALVEVADNTVDNTKFVT
SMYNEILILGAKLHPTLKLEEITNRKGLTPLALAASSGKIGVLAYILQREIHEPECRHLSRKFTEWAYGPVHSSLYDLSC
IDTCEKNSVLEVIAYSSSETPNRHDMLLVEPLNRLLQDKWDRFVKRIFYFNFFVYCLYMIIFTAAAYYRPVEGLPPYKLK
NTVGDYFRVTGEILSVSGGVYFFFRGIQYFLQRRPSLKSLFVDSYSEILFFVQSLFMLVSVVLYFSQRKEYVASMVFSLA
MGWTNMLYYTRGFQQMGIYAVMIEKMILRDLCRFMFVYLVFLFGFSTAVVTLIEDGKNNSLPMESTPHKCRGSACKPGNS
YNSLYSTCLELFKFTIGMGDLEFTENYDFKAVFIILLLAYVILTYILLLNMLIALMGETVNKIAQESKNIWKLQRAITIL
DTEKSFLKCMRKAFRSGKLLQVGFTPDGKDDYRWCFRVDEVNWTTWNTNVGIINEDPGNCEGVKRTLSFSLRSGRVSGRN
WKNFALVPLLRDASTRDRHATQQEEVQLKHYTGSLKPEDAEVFKDSMVPGEK
;
_entity_poly.pdbx_strand_id   A,B,C,D
#
loop_
_chem_comp.id
_chem_comp.type
_chem_comp.name
_chem_comp.formula
A1D6W non-polymer (~{Z})-3-(4-~{tert}-butylphenyl)-~{N}-(2,3-dihydro-1,4-benzodioxin-6-yl)prop-2-enamide 'C21 H23 N O3'
NA non-polymer 'SODIUM ION' 'Na 1'
#
# COMPACT_ATOMS: atom_id res chain seq x y z
N SER A 611 -0.13 -60.49 -0.30
CA SER A 611 1.22 -59.89 -0.49
C SER A 611 1.14 -58.68 -1.43
N TYR A 612 2.14 -57.80 -1.32
CA TYR A 612 2.11 -56.57 -2.12
C TYR A 612 2.18 -56.87 -3.61
N TYR A 613 3.02 -57.83 -4.01
CA TYR A 613 3.25 -58.11 -5.43
C TYR A 613 2.28 -59.17 -5.95
N LYS A 614 0.98 -58.96 -5.71
CA LYS A 614 -0.05 -59.82 -6.27
C LYS A 614 -1.15 -58.98 -6.91
N GLY A 615 -1.41 -57.80 -6.34
CA GLY A 615 -2.40 -56.91 -6.93
C GLY A 615 -1.95 -56.36 -8.27
N GLN A 616 -0.66 -56.07 -8.40
CA GLN A 616 -0.12 -55.51 -9.63
C GLN A 616 0.08 -56.61 -10.67
N THR A 617 0.28 -56.18 -11.91
CA THR A 617 0.53 -57.08 -13.03
C THR A 617 1.40 -56.36 -14.03
N ALA A 618 1.88 -57.10 -15.03
CA ALA A 618 2.70 -56.50 -16.07
C ALA A 618 1.93 -55.42 -16.83
N LEU A 619 0.60 -55.50 -16.85
CA LEU A 619 -0.19 -54.56 -17.63
C LEU A 619 -0.11 -53.15 -17.06
N HIS A 620 -0.34 -52.98 -15.76
CA HIS A 620 -0.31 -51.64 -15.19
C HIS A 620 1.08 -51.03 -15.31
N ILE A 621 2.12 -51.82 -15.07
CA ILE A 621 3.48 -51.30 -15.20
C ILE A 621 3.74 -50.90 -16.65
N ALA A 622 3.39 -51.78 -17.59
CA ALA A 622 3.57 -51.46 -19.00
C ALA A 622 2.89 -50.14 -19.34
N ILE A 623 1.74 -49.87 -18.73
CA ILE A 623 1.12 -48.56 -18.86
C ILE A 623 2.00 -47.49 -18.23
N GLU A 624 2.57 -47.78 -17.06
CA GLU A 624 3.32 -46.78 -16.32
C GLU A 624 4.48 -46.25 -17.14
N ARG A 625 5.18 -47.14 -17.86
CA ARG A 625 6.24 -46.70 -18.74
C ARG A 625 5.72 -45.89 -19.92
N ARG A 626 4.40 -45.85 -20.12
CA ARG A 626 3.79 -45.08 -21.20
C ARG A 626 4.10 -45.68 -22.56
N ASN A 627 4.31 -46.99 -22.62
CA ASN A 627 4.66 -47.68 -23.85
C ASN A 627 3.40 -48.26 -24.46
N MET A 628 2.89 -47.61 -25.51
CA MET A 628 1.72 -48.10 -26.21
C MET A 628 1.99 -49.47 -26.84
N THR A 629 3.15 -49.63 -27.47
CA THR A 629 3.49 -50.91 -28.09
C THR A 629 3.55 -52.01 -27.04
N LEU A 630 4.17 -51.74 -25.90
CA LEU A 630 4.30 -52.76 -24.87
C LEU A 630 2.94 -53.18 -24.33
N VAL A 631 2.07 -52.21 -24.05
CA VAL A 631 0.77 -52.55 -23.48
C VAL A 631 -0.09 -53.28 -24.50
N THR A 632 -0.11 -52.82 -25.75
CA THR A 632 -0.91 -53.49 -26.76
C THR A 632 -0.41 -54.89 -27.03
N LEU A 633 0.91 -55.10 -27.03
CA LEU A 633 1.45 -56.45 -27.18
C LEU A 633 1.05 -57.32 -25.99
N LEU A 634 1.23 -56.80 -24.78
CA LEU A 634 0.88 -57.56 -23.59
C LEU A 634 -0.58 -58.01 -23.64
N VAL A 635 -1.48 -57.07 -23.94
CA VAL A 635 -2.89 -57.42 -24.04
C VAL A 635 -3.23 -58.15 -25.32
N GLU A 636 -2.28 -58.29 -26.25
CA GLU A 636 -2.56 -59.01 -27.48
C GLU A 636 -2.87 -60.48 -27.22
N ASN A 637 -2.12 -61.12 -26.34
CA ASN A 637 -2.38 -62.51 -26.01
C ASN A 637 -3.70 -62.70 -25.28
N GLY A 638 -4.33 -61.62 -24.81
CA GLY A 638 -5.59 -61.72 -24.10
C GLY A 638 -5.43 -61.44 -22.62
N ALA A 639 -4.53 -60.53 -22.28
CA ALA A 639 -4.30 -60.21 -20.88
C ALA A 639 -5.56 -59.61 -20.27
N ASP A 640 -5.83 -59.99 -19.02
CA ASP A 640 -7.03 -59.52 -18.34
C ASP A 640 -6.99 -58.01 -18.15
N VAL A 641 -8.16 -57.38 -18.24
CA VAL A 641 -8.27 -55.92 -18.09
C VAL A 641 -8.98 -55.53 -16.81
N GLN A 642 -9.63 -56.47 -16.12
CA GLN A 642 -10.33 -56.20 -14.88
C GLN A 642 -9.41 -56.27 -13.67
N ALA A 643 -8.11 -56.39 -13.88
CA ALA A 643 -7.17 -56.46 -12.76
C ALA A 643 -7.32 -55.26 -11.86
N ALA A 644 -7.36 -55.50 -10.55
CA ALA A 644 -7.56 -54.47 -9.55
C ALA A 644 -6.31 -54.33 -8.70
N ALA A 645 -5.80 -53.10 -8.58
CA ALA A 645 -4.62 -52.83 -7.76
C ALA A 645 -5.06 -52.45 -6.35
N ASN A 646 -5.48 -53.47 -5.61
CA ASN A 646 -5.95 -53.28 -4.23
C ASN A 646 -4.78 -53.29 -3.24
N GLY A 647 -3.80 -52.43 -3.48
CA GLY A 647 -2.62 -52.33 -2.65
C GLY A 647 -2.61 -51.03 -1.87
N ASP A 648 -2.10 -51.08 -0.64
CA ASP A 648 -2.05 -49.89 0.19
C ASP A 648 -1.24 -48.78 -0.45
N PHE A 649 -0.25 -49.14 -1.27
CA PHE A 649 0.55 -48.13 -1.96
C PHE A 649 -0.32 -47.28 -2.88
N PHE A 650 -1.40 -47.85 -3.41
CA PHE A 650 -2.28 -47.14 -4.32
C PHE A 650 -3.47 -46.48 -3.62
N LYS A 651 -3.56 -46.58 -2.30
CA LYS A 651 -4.70 -46.02 -1.59
C LYS A 651 -4.65 -44.49 -1.62
N LYS A 652 -5.80 -43.88 -1.37
CA LYS A 652 -5.95 -42.43 -1.46
C LYS A 652 -5.24 -41.68 -0.34
N THR A 653 -4.75 -42.38 0.68
CA THR A 653 -4.14 -41.68 1.82
C THR A 653 -3.03 -40.77 1.35
N LYS A 654 -3.11 -39.49 1.75
CA LYS A 654 -2.11 -38.50 1.39
C LYS A 654 -0.92 -38.47 2.35
N GLY A 655 -1.04 -39.11 3.51
CA GLY A 655 0.05 -39.18 4.46
C GLY A 655 1.05 -40.27 4.20
N ARG A 656 0.87 -41.04 3.13
CA ARG A 656 1.73 -42.15 2.77
C ARG A 656 2.19 -41.98 1.33
N PRO A 657 3.33 -42.55 0.96
CA PRO A 657 3.82 -42.43 -0.42
C PRO A 657 2.87 -43.09 -1.40
N GLY A 658 2.85 -42.54 -2.61
CA GLY A 658 2.01 -43.05 -3.67
C GLY A 658 0.75 -42.21 -3.86
N PHE A 659 0.10 -42.41 -5.01
CA PHE A 659 -1.11 -41.68 -5.36
C PHE A 659 -2.13 -42.64 -5.91
N TYR A 660 -3.39 -42.41 -5.57
CA TYR A 660 -4.49 -43.28 -6.00
C TYR A 660 -4.93 -42.89 -7.41
N PHE A 661 -4.98 -43.87 -8.30
CA PHE A 661 -5.42 -43.65 -9.67
C PHE A 661 -6.53 -44.58 -10.13
N GLY A 662 -7.01 -45.46 -9.27
CA GLY A 662 -8.10 -46.37 -9.61
C GLY A 662 -7.58 -47.77 -9.83
N GLU A 663 -8.31 -48.76 -9.30
CA GLU A 663 -7.87 -50.14 -9.36
C GLU A 663 -7.80 -50.63 -10.81
N LEU A 664 -8.82 -50.35 -11.60
CA LEU A 664 -8.83 -50.79 -12.99
C LEU A 664 -7.68 -50.13 -13.74
N PRO A 665 -6.93 -50.85 -14.57
CA PRO A 665 -5.82 -50.21 -15.27
C PRO A 665 -6.28 -49.04 -16.13
N LEU A 666 -7.46 -49.13 -16.73
CA LEU A 666 -8.00 -47.99 -17.46
C LEU A 666 -8.11 -46.77 -16.57
N SER A 667 -8.41 -46.98 -15.29
CA SER A 667 -8.41 -45.86 -14.36
C SER A 667 -7.02 -45.26 -14.24
N LEU A 668 -5.99 -46.11 -14.18
CA LEU A 668 -4.62 -45.60 -14.18
C LEU A 668 -4.37 -44.77 -15.42
N ALA A 669 -4.66 -45.33 -16.60
CA ALA A 669 -4.35 -44.63 -17.84
C ALA A 669 -5.09 -43.30 -17.94
N ALA A 670 -6.37 -43.30 -17.59
CA ALA A 670 -7.12 -42.05 -17.59
C ALA A 670 -6.53 -41.07 -16.60
N CYS A 671 -6.11 -41.56 -15.43
CA CYS A 671 -5.40 -40.69 -14.49
C CYS A 671 -4.12 -40.16 -15.12
N THR A 672 -3.44 -40.98 -15.91
CA THR A 672 -2.37 -40.48 -16.76
C THR A 672 -2.97 -39.78 -17.98
N ASN A 673 -2.09 -39.22 -18.80
CA ASN A 673 -2.49 -38.54 -20.03
C ASN A 673 -2.44 -39.47 -21.24
N GLN A 674 -2.46 -40.78 -21.02
CA GLN A 674 -2.30 -41.75 -22.10
C GLN A 674 -3.59 -41.84 -22.90
N LEU A 675 -3.73 -40.92 -23.85
CA LEU A 675 -4.86 -40.97 -24.78
C LEU A 675 -4.89 -42.29 -25.54
N ALA A 676 -3.74 -42.73 -26.06
CA ALA A 676 -3.71 -43.93 -26.88
C ALA A 676 -4.18 -45.14 -26.09
N ILE A 677 -3.77 -45.27 -24.83
CA ILE A 677 -4.10 -46.46 -24.07
C ILE A 677 -5.59 -46.52 -23.81
N VAL A 678 -6.19 -45.42 -23.36
CA VAL A 678 -7.63 -45.43 -23.13
C VAL A 678 -8.36 -45.74 -24.43
N LYS A 679 -7.94 -45.09 -25.52
CA LYS A 679 -8.59 -45.32 -26.80
C LYS A 679 -8.55 -46.80 -27.18
N PHE A 680 -7.37 -47.40 -27.17
CA PHE A 680 -7.23 -48.79 -27.59
C PHE A 680 -8.00 -49.72 -26.67
N LEU A 681 -7.84 -49.55 -25.36
CA LEU A 681 -8.49 -50.44 -24.42
C LEU A 681 -10.00 -50.39 -24.58
N LEU A 682 -10.56 -49.19 -24.75
CA LEU A 682 -11.99 -49.10 -24.97
C LEU A 682 -12.40 -49.55 -26.36
N GLN A 683 -11.45 -49.63 -27.30
CA GLN A 683 -11.75 -50.03 -28.66
C GLN A 683 -11.14 -51.38 -29.03
N ASN A 684 -10.48 -52.07 -28.10
CA ASN A 684 -9.86 -53.35 -28.42
C ASN A 684 -10.91 -54.37 -28.82
N SER A 685 -10.54 -55.23 -29.77
CA SER A 685 -11.49 -56.22 -30.26
C SER A 685 -11.89 -57.22 -29.17
N TRP A 686 -11.01 -57.45 -28.20
CA TRP A 686 -11.25 -58.41 -27.13
C TRP A 686 -11.15 -57.73 -25.77
N GLN A 687 -12.13 -57.98 -24.92
CA GLN A 687 -12.12 -57.53 -23.53
C GLN A 687 -11.91 -56.02 -23.41
N PRO A 688 -12.82 -55.20 -23.99
CA PRO A 688 -12.79 -53.77 -23.69
C PRO A 688 -13.30 -53.51 -22.29
N ALA A 689 -12.41 -53.17 -21.36
CA ALA A 689 -12.80 -53.10 -19.96
C ALA A 689 -13.96 -52.14 -19.78
N ASP A 690 -14.96 -52.58 -19.03
CA ASP A 690 -16.15 -51.76 -18.81
C ASP A 690 -15.77 -50.42 -18.20
N ILE A 691 -16.31 -49.35 -18.78
CA ILE A 691 -16.06 -48.01 -18.23
C ILE A 691 -16.76 -47.85 -16.89
N SER A 692 -17.99 -48.36 -16.77
CA SER A 692 -18.76 -48.24 -15.54
C SER A 692 -18.28 -49.30 -14.56
N ALA A 693 -17.26 -48.95 -13.77
CA ALA A 693 -16.71 -49.84 -12.78
C ALA A 693 -16.57 -49.10 -11.47
N ARG A 694 -17.12 -49.67 -10.40
CA ARG A 694 -16.90 -49.14 -9.06
C ARG A 694 -15.61 -49.72 -8.50
N ASP A 695 -14.63 -48.85 -8.25
CA ASP A 695 -13.39 -49.28 -7.66
C ASP A 695 -13.61 -49.66 -6.20
N SER A 696 -12.54 -50.07 -5.52
CA SER A 696 -12.66 -50.51 -4.14
C SER A 696 -13.40 -49.49 -3.30
N VAL A 697 -13.08 -48.20 -3.49
CA VAL A 697 -13.69 -47.13 -2.72
C VAL A 697 -14.99 -46.70 -3.40
N GLY A 698 -15.43 -47.46 -4.40
CA GLY A 698 -16.65 -47.14 -5.12
C GLY A 698 -16.50 -46.09 -6.19
N ASN A 699 -15.28 -45.61 -6.43
CA ASN A 699 -15.06 -44.51 -7.36
C ASN A 699 -14.92 -45.04 -8.78
N THR A 700 -15.56 -44.34 -9.73
CA THR A 700 -15.39 -44.61 -11.15
C THR A 700 -14.18 -43.88 -11.69
N VAL A 701 -13.78 -44.24 -12.91
CA VAL A 701 -12.67 -43.54 -13.57
C VAL A 701 -12.89 -42.05 -13.57
N LEU A 702 -14.14 -41.60 -13.70
CA LEU A 702 -14.43 -40.18 -13.58
C LEU A 702 -14.18 -39.71 -12.15
N HIS A 703 -14.63 -40.49 -11.16
CA HIS A 703 -14.41 -40.11 -9.77
C HIS A 703 -12.93 -40.07 -9.44
N ALA A 704 -12.21 -41.12 -9.81
CA ALA A 704 -10.76 -41.12 -9.61
C ALA A 704 -10.12 -39.95 -10.35
N LEU A 705 -10.66 -39.61 -11.52
CA LEU A 705 -10.11 -38.48 -12.26
C LEU A 705 -10.23 -37.21 -11.45
N VAL A 706 -11.45 -36.86 -11.07
CA VAL A 706 -11.66 -35.62 -10.32
C VAL A 706 -10.80 -35.62 -9.07
N GLU A 707 -10.64 -36.78 -8.43
CA GLU A 707 -9.68 -36.89 -7.34
C GLU A 707 -8.31 -36.42 -7.80
N VAL A 708 -7.84 -36.95 -8.92
CA VAL A 708 -6.51 -36.62 -9.41
C VAL A 708 -6.40 -35.15 -9.74
N ALA A 709 -7.52 -34.48 -9.99
CA ALA A 709 -7.46 -33.07 -10.37
C ALA A 709 -6.89 -32.23 -9.23
N ASP A 710 -6.22 -31.14 -9.60
CA ASP A 710 -5.68 -30.17 -8.65
C ASP A 710 -6.16 -28.79 -9.04
N ASN A 711 -5.59 -27.76 -8.43
CA ASN A 711 -5.76 -26.41 -8.92
C ASN A 711 -4.71 -26.02 -9.96
N THR A 712 -3.87 -26.96 -10.37
CA THR A 712 -2.82 -26.65 -11.34
C THR A 712 -3.41 -26.49 -12.74
N VAL A 713 -2.92 -25.47 -13.46
CA VAL A 713 -3.49 -25.14 -14.76
C VAL A 713 -3.32 -26.30 -15.73
N ASP A 714 -2.11 -26.85 -15.83
CA ASP A 714 -1.91 -27.99 -16.72
C ASP A 714 -2.75 -29.18 -16.25
N ASN A 715 -2.83 -29.38 -14.94
CA ASN A 715 -3.74 -30.40 -14.40
C ASN A 715 -5.16 -30.10 -14.83
N THR A 716 -5.56 -28.82 -14.79
CA THR A 716 -6.89 -28.47 -15.23
C THR A 716 -7.10 -28.84 -16.70
N LYS A 717 -6.11 -28.56 -17.54
CA LYS A 717 -6.24 -28.87 -18.96
C LYS A 717 -6.37 -30.37 -19.17
N PHE A 718 -5.53 -31.15 -18.50
CA PHE A 718 -5.59 -32.59 -18.68
C PHE A 718 -6.92 -33.15 -18.20
N VAL A 719 -7.34 -32.76 -17.00
CA VAL A 719 -8.57 -33.27 -16.43
C VAL A 719 -9.80 -32.80 -17.17
N THR A 720 -9.72 -31.68 -17.87
CA THR A 720 -10.84 -31.22 -18.68
C THR A 720 -10.91 -31.98 -20.01
N SER A 721 -9.79 -32.00 -20.75
CA SER A 721 -9.78 -32.68 -22.04
C SER A 721 -10.14 -34.15 -21.87
N MET A 722 -9.49 -34.84 -20.93
CA MET A 722 -9.75 -36.26 -20.77
C MET A 722 -11.16 -36.48 -20.26
N TYR A 723 -11.65 -35.63 -19.36
CA TYR A 723 -13.01 -35.80 -18.88
C TYR A 723 -14.00 -35.75 -20.03
N ASN A 724 -13.89 -34.74 -20.88
CA ASN A 724 -14.80 -34.63 -22.01
C ASN A 724 -14.68 -35.84 -22.93
N GLU A 725 -13.45 -36.20 -23.28
CA GLU A 725 -13.27 -37.30 -24.21
C GLU A 725 -13.88 -38.58 -23.67
N ILE A 726 -13.59 -38.90 -22.41
CA ILE A 726 -14.07 -40.15 -21.86
C ILE A 726 -15.58 -40.11 -21.73
N LEU A 727 -16.13 -38.95 -21.40
CA LEU A 727 -17.59 -38.82 -21.41
C LEU A 727 -18.14 -39.23 -22.76
N ILE A 728 -17.60 -38.65 -23.82
CA ILE A 728 -18.08 -38.95 -25.16
C ILE A 728 -17.91 -40.44 -25.46
N LEU A 729 -16.75 -40.99 -25.12
CA LEU A 729 -16.47 -42.38 -25.48
C LEU A 729 -17.41 -43.33 -24.76
N GLY A 730 -17.59 -43.14 -23.45
CA GLY A 730 -18.55 -43.95 -22.73
C GLY A 730 -19.94 -43.82 -23.31
N ALA A 731 -20.31 -42.61 -23.72
CA ALA A 731 -21.59 -42.44 -24.41
C ALA A 731 -21.61 -43.29 -25.68
N LYS A 732 -20.52 -43.29 -26.43
CA LYS A 732 -20.48 -44.04 -27.68
C LYS A 732 -20.69 -45.53 -27.42
N LEU A 733 -19.89 -46.10 -26.51
CA LEU A 733 -20.05 -47.51 -26.16
C LEU A 733 -21.43 -47.75 -25.56
N HIS A 734 -21.82 -46.94 -24.58
CA HIS A 734 -23.14 -47.00 -23.96
C HIS A 734 -23.76 -45.62 -24.06
N PRO A 735 -24.54 -45.34 -25.09
CA PRO A 735 -25.27 -44.07 -25.13
C PRO A 735 -26.27 -43.91 -23.99
N THR A 736 -26.82 -45.01 -23.49
CA THR A 736 -27.88 -44.97 -22.49
C THR A 736 -27.37 -45.31 -21.09
N LEU A 737 -26.10 -45.04 -20.80
CA LEU A 737 -25.50 -45.33 -19.51
C LEU A 737 -25.22 -44.03 -18.78
N LYS A 738 -25.68 -43.95 -17.54
CA LYS A 738 -25.57 -42.72 -16.74
C LYS A 738 -24.25 -42.72 -15.96
N LEU A 739 -23.16 -42.82 -16.73
CA LEU A 739 -21.84 -42.94 -16.11
C LEU A 739 -21.52 -41.75 -15.21
N GLU A 740 -22.13 -40.60 -15.47
CA GLU A 740 -21.92 -39.41 -14.64
C GLU A 740 -22.84 -39.37 -13.43
N GLU A 741 -23.59 -40.44 -13.20
CA GLU A 741 -24.53 -40.52 -12.09
C GLU A 741 -24.12 -41.54 -11.03
N ILE A 742 -23.34 -42.55 -11.39
CA ILE A 742 -22.92 -43.55 -10.41
C ILE A 742 -22.28 -42.87 -9.23
N THR A 743 -22.50 -43.41 -8.04
CA THR A 743 -22.00 -42.84 -6.80
C THR A 743 -21.11 -43.84 -6.08
N ASN A 744 -20.08 -43.30 -5.42
CA ASN A 744 -19.15 -44.14 -4.68
C ASN A 744 -19.75 -44.58 -3.36
N ARG A 745 -18.94 -45.27 -2.55
CA ARG A 745 -19.38 -45.65 -1.21
C ARG A 745 -19.80 -44.43 -0.41
N LYS A 746 -18.98 -43.38 -0.44
CA LYS A 746 -19.40 -42.11 0.13
C LYS A 746 -20.69 -41.61 -0.52
N GLY A 747 -20.96 -42.02 -1.75
CA GLY A 747 -22.22 -41.71 -2.38
C GLY A 747 -22.27 -40.37 -3.07
N LEU A 748 -21.24 -40.04 -3.85
CA LEU A 748 -21.15 -38.78 -4.56
C LEU A 748 -20.95 -39.03 -6.05
N THR A 749 -21.72 -38.34 -6.87
CA THR A 749 -21.46 -38.32 -8.29
C THR A 749 -20.25 -37.44 -8.57
N PRO A 750 -19.64 -37.56 -9.75
CA PRO A 750 -18.41 -36.81 -10.02
C PRO A 750 -18.59 -35.32 -9.75
N LEU A 751 -19.75 -34.77 -10.10
CA LEU A 751 -20.04 -33.40 -9.71
C LEU A 751 -19.95 -33.26 -8.20
N ALA A 752 -20.63 -34.15 -7.48
CA ALA A 752 -20.62 -34.07 -6.02
C ALA A 752 -19.21 -34.26 -5.48
N LEU A 753 -18.39 -35.00 -6.21
CA LEU A 753 -17.00 -35.25 -5.77
C LEU A 753 -16.22 -33.97 -5.95
N ALA A 754 -16.34 -33.32 -7.10
CA ALA A 754 -15.54 -32.11 -7.37
C ALA A 754 -16.01 -31.06 -6.40
N ALA A 755 -17.28 -31.12 -6.05
CA ALA A 755 -17.90 -30.13 -5.16
C ALA A 755 -17.36 -30.31 -3.77
N SER A 756 -17.39 -31.53 -3.26
CA SER A 756 -16.95 -31.82 -1.89
C SER A 756 -15.42 -31.74 -1.80
N SER A 757 -14.73 -31.94 -2.92
CA SER A 757 -13.26 -31.89 -2.95
C SER A 757 -12.83 -30.44 -3.09
N GLY A 758 -13.44 -29.75 -4.06
CA GLY A 758 -13.08 -28.37 -4.34
C GLY A 758 -12.31 -28.28 -5.62
N LYS A 759 -12.53 -29.23 -6.51
CA LYS A 759 -11.90 -29.18 -7.86
C LYS A 759 -12.66 -28.08 -8.61
N ILE A 760 -12.10 -26.88 -8.69
CA ILE A 760 -12.86 -25.75 -9.27
C ILE A 760 -12.76 -25.87 -10.79
N GLY A 761 -11.69 -26.47 -11.31
CA GLY A 761 -11.60 -26.67 -12.75
C GLY A 761 -12.59 -27.71 -13.25
N VAL A 762 -12.68 -28.84 -12.56
CA VAL A 762 -13.61 -29.88 -12.96
C VAL A 762 -15.05 -29.39 -12.81
N LEU A 763 -15.33 -28.70 -11.71
CA LEU A 763 -16.67 -28.15 -11.52
C LEU A 763 -17.05 -27.24 -12.67
N ALA A 764 -16.15 -26.34 -13.04
CA ALA A 764 -16.44 -25.44 -14.15
C ALA A 764 -16.64 -26.23 -15.43
N TYR A 765 -15.78 -27.23 -15.67
CA TYR A 765 -15.93 -28.05 -16.86
C TYR A 765 -17.34 -28.60 -16.95
N ILE A 766 -17.82 -29.16 -15.85
CA ILE A 766 -19.14 -29.80 -15.88
C ILE A 766 -20.23 -28.75 -16.05
N LEU A 767 -20.15 -27.66 -15.29
CA LEU A 767 -21.25 -26.71 -15.22
C LEU A 767 -21.34 -25.83 -16.45
N GLN A 768 -20.28 -25.73 -17.24
CA GLN A 768 -20.33 -24.99 -18.50
C GLN A 768 -20.16 -25.91 -19.70
N ARG A 769 -20.39 -27.21 -19.51
CA ARG A 769 -20.05 -28.18 -20.56
C ARG A 769 -20.95 -27.99 -21.77
N GLU A 770 -20.32 -27.81 -22.93
CA GLU A 770 -20.99 -27.61 -24.21
C GLU A 770 -20.40 -28.55 -25.24
N ILE A 771 -21.25 -29.03 -26.15
CA ILE A 771 -20.82 -29.90 -27.24
C ILE A 771 -21.49 -29.44 -28.53
N HIS A 772 -20.72 -29.41 -29.61
CA HIS A 772 -21.22 -28.96 -30.90
C HIS A 772 -21.72 -30.10 -31.78
N GLU A 773 -21.33 -31.33 -31.50
CA GLU A 773 -21.78 -32.47 -32.30
C GLU A 773 -23.25 -32.71 -32.05
N PRO A 774 -24.13 -32.66 -33.06
CA PRO A 774 -25.56 -32.84 -32.79
C PRO A 774 -25.90 -34.17 -32.15
N GLU A 775 -25.21 -35.24 -32.53
CA GLU A 775 -25.59 -36.57 -32.06
C GLU A 775 -25.34 -36.71 -30.56
N CYS A 776 -24.18 -36.27 -30.09
CA CYS A 776 -23.76 -36.47 -28.71
C CYS A 776 -23.91 -35.22 -27.84
N ARG A 777 -24.59 -34.19 -28.34
CA ARG A 777 -24.79 -32.98 -27.54
C ARG A 777 -25.69 -33.20 -26.35
N HIS A 778 -26.36 -34.36 -26.28
CA HIS A 778 -27.22 -34.68 -25.14
C HIS A 778 -26.46 -34.52 -23.82
N LEU A 779 -25.27 -35.10 -23.73
CA LEU A 779 -24.54 -35.10 -22.47
C LEU A 779 -23.82 -33.78 -22.31
N SER A 780 -24.54 -32.67 -22.46
CA SER A 780 -23.94 -31.35 -22.45
C SER A 780 -24.65 -30.50 -21.42
N ARG A 781 -23.88 -29.71 -20.68
CA ARG A 781 -24.47 -28.98 -19.57
C ARG A 781 -24.99 -27.60 -19.98
N LYS A 782 -24.39 -26.97 -20.98
CA LYS A 782 -24.83 -25.67 -21.46
C LYS A 782 -25.42 -25.83 -22.86
N PHE A 783 -26.67 -25.40 -23.03
CA PHE A 783 -27.37 -25.42 -24.31
C PHE A 783 -27.56 -23.98 -24.79
N THR A 784 -26.68 -23.55 -25.69
CA THR A 784 -26.87 -22.26 -26.34
C THR A 784 -28.16 -22.27 -27.16
N GLU A 785 -28.94 -21.20 -27.05
CA GLU A 785 -30.24 -21.15 -27.71
C GLU A 785 -30.17 -20.51 -29.09
N TRP A 786 -29.75 -19.25 -29.14
CA TRP A 786 -29.68 -18.51 -30.39
C TRP A 786 -28.71 -17.34 -30.22
N ALA A 787 -28.36 -16.72 -31.34
CA ALA A 787 -27.45 -15.58 -31.34
C ALA A 787 -27.89 -14.62 -32.45
N TYR A 788 -28.66 -13.60 -32.06
CA TYR A 788 -29.06 -12.54 -32.98
C TYR A 788 -28.05 -11.40 -32.82
N GLY A 789 -26.93 -11.52 -33.54
CA GLY A 789 -25.85 -10.59 -33.40
C GLY A 789 -25.10 -10.84 -32.10
N PRO A 790 -24.27 -9.87 -31.69
CA PRO A 790 -23.52 -10.04 -30.44
C PRO A 790 -24.35 -10.53 -29.28
N VAL A 791 -25.65 -10.24 -29.28
CA VAL A 791 -26.53 -10.71 -28.21
C VAL A 791 -26.91 -12.16 -28.46
N HIS A 792 -26.82 -12.98 -27.41
CA HIS A 792 -27.18 -14.39 -27.53
C HIS A 792 -27.52 -14.93 -26.15
N SER A 793 -28.54 -15.79 -26.10
CA SER A 793 -28.97 -16.41 -24.86
C SER A 793 -28.01 -17.54 -24.47
N SER A 794 -28.21 -18.07 -23.26
CA SER A 794 -27.43 -19.21 -22.79
C SER A 794 -28.22 -19.90 -21.68
N LEU A 795 -28.54 -21.17 -21.90
CA LEU A 795 -29.24 -21.98 -20.93
C LEU A 795 -28.24 -22.84 -20.13
N TYR A 796 -28.75 -23.57 -19.15
CA TYR A 796 -27.94 -24.46 -18.35
C TYR A 796 -28.78 -25.68 -17.96
N ASP A 797 -28.23 -26.54 -17.11
CA ASP A 797 -28.82 -27.84 -16.80
C ASP A 797 -29.52 -27.87 -15.45
N LEU A 798 -28.83 -27.51 -14.37
CA LEU A 798 -29.42 -27.46 -13.04
C LEU A 798 -30.03 -28.79 -12.64
N SER A 799 -29.42 -29.90 -13.06
CA SER A 799 -29.97 -31.21 -12.73
C SER A 799 -30.00 -31.44 -11.21
N CYS A 800 -28.91 -31.11 -10.53
CA CYS A 800 -28.86 -31.18 -9.08
C CYS A 800 -28.30 -29.91 -8.46
N ILE A 801 -27.96 -28.92 -9.27
CA ILE A 801 -27.59 -27.60 -8.74
C ILE A 801 -28.58 -27.22 -7.65
N ASP A 802 -29.87 -27.31 -7.99
CA ASP A 802 -30.93 -26.96 -7.06
C ASP A 802 -31.04 -28.01 -5.97
N THR A 803 -31.63 -27.60 -4.84
CA THR A 803 -31.79 -28.51 -3.72
C THR A 803 -32.87 -29.52 -4.05
N CYS A 804 -32.61 -30.36 -5.05
CA CYS A 804 -33.55 -31.37 -5.52
C CYS A 804 -32.92 -32.76 -5.55
N GLU A 805 -31.94 -33.01 -4.68
CA GLU A 805 -31.21 -34.27 -4.69
C GLU A 805 -30.64 -34.50 -3.30
N LYS A 806 -30.08 -35.69 -3.09
CA LYS A 806 -29.61 -36.08 -1.76
C LYS A 806 -28.57 -35.10 -1.23
N ASN A 807 -27.60 -34.72 -2.06
CA ASN A 807 -26.69 -33.62 -1.74
C ASN A 807 -26.48 -32.77 -3.00
N SER A 808 -26.85 -31.50 -2.92
CA SER A 808 -26.76 -30.59 -4.05
C SER A 808 -25.43 -29.85 -4.01
N VAL A 809 -24.81 -29.69 -5.18
CA VAL A 809 -23.49 -29.09 -5.25
C VAL A 809 -23.48 -27.75 -4.51
N LEU A 810 -24.59 -27.02 -4.60
CA LEU A 810 -24.71 -25.84 -3.75
C LEU A 810 -24.67 -26.24 -2.29
N GLU A 811 -25.39 -27.29 -1.91
CA GLU A 811 -25.33 -27.78 -0.54
C GLU A 811 -23.91 -28.19 -0.19
N VAL A 812 -23.25 -28.90 -1.09
CA VAL A 812 -21.91 -29.43 -0.81
C VAL A 812 -20.95 -28.28 -0.57
N ILE A 813 -20.99 -27.26 -1.43
CA ILE A 813 -20.12 -26.11 -1.22
C ILE A 813 -20.48 -25.41 0.07
N ALA A 814 -21.77 -25.25 0.35
CA ALA A 814 -22.20 -24.44 1.48
C ALA A 814 -21.72 -25.05 2.79
N TYR A 815 -22.00 -26.33 3.02
CA TYR A 815 -21.72 -26.91 4.31
C TYR A 815 -20.33 -27.52 4.40
N SER A 816 -19.58 -27.55 3.31
CA SER A 816 -18.23 -28.07 3.36
C SER A 816 -17.37 -27.24 4.32
N SER A 817 -16.51 -27.92 5.08
CA SER A 817 -15.68 -27.24 6.05
C SER A 817 -14.62 -26.39 5.34
N SER A 818 -13.96 -25.53 6.12
CA SER A 818 -12.93 -24.66 5.57
C SER A 818 -11.70 -25.43 5.13
N GLU A 819 -11.58 -26.72 5.47
CA GLU A 819 -10.45 -27.50 5.02
C GLU A 819 -10.41 -27.57 3.49
N THR A 820 -11.57 -27.76 2.86
CA THR A 820 -11.64 -27.80 1.42
C THR A 820 -11.16 -26.46 0.86
N PRO A 821 -10.19 -26.44 -0.04
CA PRO A 821 -9.70 -25.15 -0.55
C PRO A 821 -10.60 -24.59 -1.64
N ASN A 822 -10.60 -23.26 -1.73
CA ASN A 822 -11.35 -22.52 -2.74
C ASN A 822 -12.85 -22.62 -2.54
N ARG A 823 -13.31 -22.95 -1.34
CA ARG A 823 -14.74 -23.20 -1.14
C ARG A 823 -15.56 -21.94 -1.45
N HIS A 824 -15.10 -20.78 -0.98
CA HIS A 824 -15.81 -19.55 -1.27
C HIS A 824 -15.53 -19.02 -2.67
N ASP A 825 -14.51 -19.56 -3.34
CA ASP A 825 -14.15 -19.08 -4.66
C ASP A 825 -14.87 -19.81 -5.78
N MET A 826 -15.34 -21.03 -5.53
CA MET A 826 -16.02 -21.80 -6.58
C MET A 826 -17.34 -21.15 -6.97
N LEU A 827 -18.05 -20.58 -6.00
CA LEU A 827 -19.37 -20.01 -6.28
C LEU A 827 -19.33 -19.02 -7.43
N LEU A 828 -18.15 -18.53 -7.81
CA LEU A 828 -18.06 -17.53 -8.86
C LEU A 828 -18.42 -18.07 -10.23
N VAL A 829 -18.57 -19.39 -10.38
CA VAL A 829 -18.98 -19.94 -11.67
C VAL A 829 -20.34 -19.36 -12.04
N GLU A 830 -20.43 -18.78 -13.22
CA GLU A 830 -21.57 -17.93 -13.58
C GLU A 830 -22.92 -18.57 -13.33
N PRO A 831 -23.20 -19.80 -13.78
CA PRO A 831 -24.53 -20.36 -13.52
C PRO A 831 -24.88 -20.41 -12.05
N LEU A 832 -23.94 -20.83 -11.19
CA LEU A 832 -24.24 -20.93 -9.77
C LEU A 832 -24.43 -19.56 -9.14
N ASN A 833 -23.53 -18.62 -9.43
CA ASN A 833 -23.63 -17.30 -8.83
C ASN A 833 -24.94 -16.63 -9.24
N ARG A 834 -25.27 -16.69 -10.53
CA ARG A 834 -26.52 -16.10 -10.98
C ARG A 834 -27.71 -16.83 -10.39
N LEU A 835 -27.60 -18.14 -10.18
CA LEU A 835 -28.71 -18.87 -9.56
C LEU A 835 -28.95 -18.39 -8.14
N LEU A 836 -27.87 -18.20 -7.38
CA LEU A 836 -28.02 -17.70 -6.02
C LEU A 836 -28.58 -16.29 -6.01
N GLN A 837 -28.09 -15.42 -6.90
CA GLN A 837 -28.62 -14.07 -6.95
C GLN A 837 -30.09 -14.07 -7.33
N ASP A 838 -30.47 -14.94 -8.26
CA ASP A 838 -31.87 -15.05 -8.65
C ASP A 838 -32.72 -15.44 -7.47
N LYS A 839 -32.32 -16.46 -6.72
CA LYS A 839 -33.11 -16.83 -5.55
C LYS A 839 -33.19 -15.68 -4.56
N TRP A 840 -32.06 -15.04 -4.30
CA TRP A 840 -32.01 -13.93 -3.33
C TRP A 840 -33.00 -12.85 -3.70
N ASP A 841 -32.95 -12.38 -4.94
CA ASP A 841 -33.83 -11.28 -5.36
C ASP A 841 -35.26 -11.73 -5.59
N ARG A 842 -35.51 -13.03 -5.75
CA ARG A 842 -36.85 -13.50 -6.08
C ARG A 842 -37.66 -13.79 -4.81
N PHE A 843 -37.18 -14.69 -3.96
CA PHE A 843 -38.02 -15.20 -2.88
C PHE A 843 -37.38 -15.25 -1.51
N VAL A 844 -36.07 -15.09 -1.39
CA VAL A 844 -35.41 -15.14 -0.10
C VAL A 844 -35.30 -13.77 0.53
N LYS A 845 -34.95 -12.75 -0.26
CA LYS A 845 -34.67 -11.43 0.28
C LYS A 845 -35.79 -10.96 1.20
N ARG A 846 -37.04 -11.08 0.74
CA ARG A 846 -38.16 -10.65 1.57
C ARG A 846 -38.22 -11.43 2.87
N ILE A 847 -38.03 -12.75 2.80
CA ILE A 847 -38.03 -13.56 4.01
C ILE A 847 -36.89 -13.14 4.92
N PHE A 848 -35.72 -12.87 4.34
CA PHE A 848 -34.59 -12.48 5.17
C PHE A 848 -34.87 -11.18 5.92
N TYR A 849 -35.44 -10.19 5.23
CA TYR A 849 -35.79 -8.96 5.95
C TYR A 849 -36.89 -9.22 6.96
N PHE A 850 -37.78 -10.17 6.70
CA PHE A 850 -38.78 -10.50 7.71
C PHE A 850 -38.11 -11.05 8.96
N ASN A 851 -37.12 -11.92 8.78
CA ASN A 851 -36.36 -12.39 9.93
C ASN A 851 -35.66 -11.24 10.63
N PHE A 852 -35.06 -10.33 9.86
CA PHE A 852 -34.39 -9.18 10.47
C PHE A 852 -35.38 -8.41 11.34
N PHE A 853 -36.55 -8.10 10.80
CA PHE A 853 -37.52 -7.29 11.51
C PHE A 853 -38.06 -8.01 12.74
N VAL A 854 -38.34 -9.30 12.63
CA VAL A 854 -38.85 -10.02 13.78
C VAL A 854 -37.78 -10.12 14.86
N TYR A 855 -36.52 -10.29 14.45
CA TYR A 855 -35.44 -10.28 15.43
C TYR A 855 -35.34 -8.93 16.11
N CYS A 856 -35.51 -7.84 15.35
CA CYS A 856 -35.51 -6.52 15.96
C CYS A 856 -36.62 -6.42 17.00
N LEU A 857 -37.82 -6.87 16.64
CA LEU A 857 -38.93 -6.79 17.59
C LEU A 857 -38.62 -7.63 18.83
N TYR A 858 -38.04 -8.81 18.63
CA TYR A 858 -37.71 -9.67 19.76
C TYR A 858 -36.68 -9.01 20.67
N MET A 859 -35.64 -8.43 20.08
CA MET A 859 -34.59 -7.81 20.89
C MET A 859 -35.12 -6.58 21.60
N ILE A 860 -35.98 -5.80 20.94
CA ILE A 860 -36.55 -4.63 21.60
C ILE A 860 -37.46 -5.04 22.75
N ILE A 861 -38.26 -6.10 22.55
CA ILE A 861 -39.09 -6.60 23.62
C ILE A 861 -38.23 -7.07 24.79
N PHE A 862 -37.16 -7.80 24.48
CA PHE A 862 -36.26 -8.27 25.54
C PHE A 862 -35.64 -7.10 26.27
N THR A 863 -35.19 -6.09 25.55
CA THR A 863 -34.55 -4.94 26.17
C THR A 863 -35.53 -4.20 27.07
N ALA A 864 -36.76 -4.01 26.58
CA ALA A 864 -37.77 -3.32 27.38
C ALA A 864 -38.10 -4.12 28.63
N ALA A 865 -38.25 -5.44 28.50
CA ALA A 865 -38.55 -6.26 29.67
C ALA A 865 -37.41 -6.18 30.69
N ALA A 866 -36.17 -6.33 30.22
CA ALA A 866 -35.03 -6.27 31.12
C ALA A 866 -34.98 -4.94 31.85
N TYR A 867 -35.06 -3.84 31.09
CA TYR A 867 -34.93 -2.52 31.69
C TYR A 867 -35.92 -2.34 32.83
N TYR A 868 -37.09 -2.95 32.74
CA TYR A 868 -38.13 -2.82 33.75
C TYR A 868 -38.20 -4.03 34.66
N ARG A 869 -37.16 -4.85 34.68
CA ARG A 869 -37.16 -6.01 35.56
C ARG A 869 -37.35 -5.54 37.00
N PRO A 870 -38.12 -6.24 37.82
CA PRO A 870 -38.33 -5.80 39.20
C PRO A 870 -37.03 -5.79 39.97
N VAL A 871 -36.94 -4.86 40.91
CA VAL A 871 -35.75 -4.70 41.74
C VAL A 871 -35.97 -5.16 43.16
N GLU A 872 -37.16 -4.94 43.71
CA GLU A 872 -37.47 -5.36 45.11
C GLU A 872 -37.59 -6.89 45.24
N GLY A 873 -36.81 -7.52 46.12
CA GLY A 873 -36.96 -8.97 46.41
C GLY A 873 -36.29 -9.90 45.43
N LEU A 874 -35.89 -11.10 45.87
CA LEU A 874 -35.22 -12.11 45.01
C LEU A 874 -36.25 -12.61 44.01
N PRO A 875 -35.88 -13.35 42.95
CA PRO A 875 -36.87 -13.89 42.04
C PRO A 875 -37.45 -15.19 42.59
N PRO A 876 -38.39 -15.86 41.91
CA PRO A 876 -39.33 -15.16 41.04
C PRO A 876 -40.11 -14.09 41.77
N TYR A 877 -41.02 -13.43 41.05
CA TYR A 877 -41.82 -12.32 41.60
C TYR A 877 -43.28 -12.72 41.62
N LYS A 878 -44.19 -11.76 41.41
CA LYS A 878 -45.65 -12.00 41.50
C LYS A 878 -46.29 -11.36 40.27
N LEU A 879 -47.63 -11.28 40.20
CA LEU A 879 -48.30 -10.86 38.96
C LEU A 879 -49.35 -9.84 39.35
N LYS A 880 -48.94 -8.57 39.42
CA LYS A 880 -49.86 -7.52 39.85
C LYS A 880 -51.04 -7.41 38.88
N ASN A 881 -52.09 -6.75 39.34
CA ASN A 881 -53.28 -6.52 38.54
C ASN A 881 -53.13 -5.36 37.56
N THR A 882 -52.05 -4.60 37.65
CA THR A 882 -51.84 -3.47 36.77
C THR A 882 -51.44 -3.93 35.38
N VAL A 883 -51.69 -3.07 34.39
CA VAL A 883 -51.34 -3.39 33.01
C VAL A 883 -49.83 -3.47 32.83
N GLY A 884 -49.07 -2.64 33.54
CA GLY A 884 -47.63 -2.68 33.42
C GLY A 884 -47.05 -4.03 33.77
N ASP A 885 -47.55 -4.64 34.85
CA ASP A 885 -47.09 -5.98 35.22
C ASP A 885 -47.34 -6.98 34.11
N TYR A 886 -48.55 -6.94 33.54
CA TYR A 886 -48.88 -7.88 32.47
C TYR A 886 -47.96 -7.68 31.28
N PHE A 887 -47.72 -6.43 30.90
CA PHE A 887 -46.81 -6.16 29.78
C PHE A 887 -45.42 -6.69 30.09
N ARG A 888 -44.95 -6.50 31.32
CA ARG A 888 -43.62 -6.97 31.70
C ARG A 888 -43.53 -8.48 31.57
N VAL A 889 -44.54 -9.20 32.07
CA VAL A 889 -44.47 -10.66 32.02
C VAL A 889 -44.56 -11.12 30.57
N THR A 890 -45.37 -10.44 29.77
CA THR A 890 -45.45 -10.78 28.35
C THR A 890 -44.09 -10.65 27.68
N GLY A 891 -43.40 -9.53 27.93
CA GLY A 891 -42.08 -9.35 27.36
C GLY A 891 -41.11 -10.42 27.83
N GLU A 892 -41.12 -10.73 29.13
CA GLU A 892 -40.20 -11.73 29.67
C GLU A 892 -40.44 -13.07 29.01
N ILE A 893 -41.71 -13.49 28.91
CA ILE A 893 -42.00 -14.81 28.37
C ILE A 893 -41.67 -14.86 26.89
N LEU A 894 -41.92 -13.77 26.16
CA LEU A 894 -41.54 -13.73 24.75
C LEU A 894 -40.03 -13.88 24.60
N SER A 895 -39.27 -13.19 25.45
CA SER A 895 -37.81 -13.32 25.40
C SER A 895 -37.38 -14.75 25.67
N VAL A 896 -38.00 -15.39 26.67
CA VAL A 896 -37.65 -16.76 27.00
C VAL A 896 -37.92 -17.68 25.83
N SER A 897 -39.08 -17.50 25.18
CA SER A 897 -39.42 -18.34 24.04
C SER A 897 -38.40 -18.16 22.93
N GLY A 898 -38.02 -16.91 22.65
CA GLY A 898 -37.00 -16.69 21.64
C GLY A 898 -35.69 -17.36 22.00
N GLY A 899 -35.30 -17.28 23.27
CA GLY A 899 -34.05 -17.89 23.69
C GLY A 899 -34.07 -19.40 23.51
N VAL A 900 -35.17 -20.04 23.89
CA VAL A 900 -35.24 -21.48 23.78
C VAL A 900 -35.26 -21.90 22.32
N TYR A 901 -35.94 -21.12 21.47
CA TYR A 901 -35.87 -21.41 20.04
C TYR A 901 -34.44 -21.35 19.55
N PHE A 902 -33.70 -20.31 19.96
CA PHE A 902 -32.33 -20.16 19.50
C PHE A 902 -31.47 -21.32 19.98
N PHE A 903 -31.69 -21.76 21.22
CA PHE A 903 -30.96 -22.92 21.75
C PHE A 903 -31.23 -24.16 20.93
N PHE A 904 -32.51 -24.45 20.68
CA PHE A 904 -32.86 -25.62 19.88
C PHE A 904 -32.23 -25.53 18.50
N ARG A 905 -32.28 -24.35 17.89
CA ARG A 905 -31.72 -24.19 16.55
C ARG A 905 -30.22 -24.40 16.55
N GLY A 906 -29.54 -23.91 17.57
CA GLY A 906 -28.10 -24.16 17.67
C GLY A 906 -27.80 -25.63 17.79
N ILE A 907 -28.58 -26.34 18.61
CA ILE A 907 -28.39 -27.79 18.74
C ILE A 907 -28.61 -28.46 17.38
N GLN A 908 -29.67 -28.04 16.68
CA GLN A 908 -29.97 -28.65 15.39
C GLN A 908 -28.83 -28.43 14.40
N TYR A 909 -28.27 -27.23 14.38
CA TYR A 909 -27.14 -26.96 13.50
C TYR A 909 -25.96 -27.84 13.90
N PHE A 910 -25.71 -27.96 15.20
CA PHE A 910 -24.62 -28.80 15.68
C PHE A 910 -24.79 -30.23 15.16
N LEU A 911 -25.96 -30.81 15.37
CA LEU A 911 -26.19 -32.19 14.94
C LEU A 911 -26.09 -32.30 13.42
N GLN A 912 -26.97 -31.60 12.70
CA GLN A 912 -27.03 -31.75 11.24
C GLN A 912 -25.66 -31.53 10.62
N ARG A 913 -25.01 -30.42 10.95
CA ARG A 913 -23.70 -30.14 10.37
C ARG A 913 -22.60 -30.93 11.06
N ARG A 914 -22.72 -31.14 12.38
CA ARG A 914 -21.66 -31.75 13.17
C ARG A 914 -20.36 -31.02 12.84
N PRO A 915 -20.30 -29.71 13.09
CA PRO A 915 -19.25 -28.90 12.47
C PRO A 915 -17.86 -29.34 12.91
N SER A 916 -16.91 -29.16 12.00
CA SER A 916 -15.52 -29.55 12.27
C SER A 916 -15.08 -29.02 13.61
N LEU A 917 -14.80 -29.94 14.54
CA LEU A 917 -14.42 -29.54 15.89
C LEU A 917 -13.05 -28.91 15.92
N LYS A 918 -12.20 -29.19 14.94
CA LYS A 918 -10.86 -28.60 14.91
C LYS A 918 -10.94 -27.09 14.83
N SER A 919 -11.69 -26.57 13.86
CA SER A 919 -11.89 -25.13 13.68
C SER A 919 -13.38 -24.91 13.46
N LEU A 920 -14.12 -24.73 14.57
CA LEU A 920 -15.53 -24.39 14.50
C LEU A 920 -15.77 -22.90 14.68
N PHE A 921 -14.76 -22.15 15.08
CA PHE A 921 -14.89 -20.71 15.29
C PHE A 921 -14.63 -19.92 14.02
N VAL A 922 -14.11 -20.55 12.97
CA VAL A 922 -13.75 -19.83 11.75
C VAL A 922 -14.89 -19.94 10.75
N ASP A 923 -15.63 -21.04 10.80
CA ASP A 923 -16.71 -21.28 9.87
C ASP A 923 -18.09 -21.10 10.47
N SER A 924 -18.22 -21.02 11.78
CA SER A 924 -19.52 -21.01 12.44
C SER A 924 -19.54 -20.03 13.61
N TYR A 925 -19.08 -18.80 13.38
CA TYR A 925 -19.04 -17.83 14.47
C TYR A 925 -20.46 -17.46 14.90
N SER A 926 -21.35 -17.21 13.93
CA SER A 926 -22.67 -16.69 14.25
C SER A 926 -23.48 -17.67 15.09
N GLU A 927 -23.43 -18.95 14.73
CA GLU A 927 -24.21 -19.93 15.48
C GLU A 927 -23.68 -20.12 16.89
N ILE A 928 -22.36 -20.05 17.08
CA ILE A 928 -21.86 -20.16 18.45
C ILE A 928 -22.29 -18.94 19.25
N LEU A 929 -22.29 -17.76 18.63
CA LEU A 929 -22.77 -16.57 19.33
C LEU A 929 -24.21 -16.76 19.78
N PHE A 930 -25.07 -17.19 18.85
CA PHE A 930 -26.48 -17.35 19.19
C PHE A 930 -26.65 -18.42 20.26
N PHE A 931 -25.86 -19.50 20.17
CA PHE A 931 -25.93 -20.54 21.17
C PHE A 931 -25.56 -20.00 22.54
N VAL A 932 -24.50 -19.20 22.61
CA VAL A 932 -24.07 -18.66 23.90
C VAL A 932 -25.12 -17.72 24.47
N GLN A 933 -25.69 -16.86 23.63
CA GLN A 933 -26.74 -15.96 24.11
C GLN A 933 -27.92 -16.76 24.63
N SER A 934 -28.33 -17.78 23.89
CA SER A 934 -29.42 -18.63 24.33
C SER A 934 -29.08 -19.31 25.65
N LEU A 935 -27.84 -19.76 25.80
CA LEU A 935 -27.44 -20.41 27.03
C LEU A 935 -27.53 -19.47 28.21
N PHE A 936 -27.07 -18.23 28.02
CA PHE A 936 -27.19 -17.25 29.10
C PHE A 936 -28.64 -17.01 29.46
N MET A 937 -29.50 -16.88 28.45
CA MET A 937 -30.92 -16.68 28.74
C MET A 937 -31.49 -17.87 29.51
N LEU A 938 -31.14 -19.08 29.10
CA LEU A 938 -31.68 -20.27 29.74
C LEU A 938 -31.21 -20.38 31.19
N VAL A 939 -29.93 -20.13 31.44
CA VAL A 939 -29.44 -20.20 32.80
C VAL A 939 -30.06 -19.09 33.64
N SER A 940 -30.35 -17.95 33.02
CA SER A 940 -31.08 -16.90 33.74
C SER A 940 -32.46 -17.39 34.13
N VAL A 941 -33.11 -18.14 33.24
CA VAL A 941 -34.41 -18.69 33.59
C VAL A 941 -34.28 -19.72 34.71
N VAL A 942 -33.19 -20.50 34.68
CA VAL A 942 -32.97 -21.53 35.69
C VAL A 942 -32.81 -20.89 37.06
N LEU A 943 -32.00 -19.84 37.15
CA LEU A 943 -31.75 -19.19 38.42
C LEU A 943 -32.93 -18.32 38.87
N TYR A 944 -33.70 -17.78 37.92
CA TYR A 944 -34.78 -16.88 38.28
C TYR A 944 -35.82 -17.58 39.14
N PHE A 945 -36.13 -18.84 38.84
CA PHE A 945 -37.01 -19.65 39.66
C PHE A 945 -36.25 -20.35 40.78
N SER A 946 -34.96 -20.07 40.93
CA SER A 946 -34.09 -20.65 41.98
C SER A 946 -33.92 -19.64 43.11
N GLN A 947 -34.84 -18.70 43.24
CA GLN A 947 -34.79 -17.73 44.34
C GLN A 947 -33.37 -17.20 44.51
N ARG A 948 -32.79 -16.71 43.40
CA ARG A 948 -31.44 -16.18 43.39
C ARG A 948 -31.40 -14.96 42.47
N LYS A 949 -30.68 -13.93 42.89
CA LYS A 949 -30.58 -12.69 42.15
C LYS A 949 -29.43 -12.71 41.14
N GLU A 950 -28.67 -13.79 41.10
CA GLU A 950 -27.57 -13.92 40.16
C GLU A 950 -28.06 -13.85 38.72
N TYR A 951 -29.32 -14.25 38.46
CA TYR A 951 -29.81 -14.35 37.10
C TYR A 951 -29.59 -13.06 36.31
N VAL A 952 -29.52 -11.92 36.98
CA VAL A 952 -29.35 -10.66 36.28
C VAL A 952 -28.07 -10.70 35.45
N ALA A 953 -27.01 -11.33 35.98
CA ALA A 953 -25.76 -11.41 35.24
C ALA A 953 -25.96 -12.15 33.92
N SER A 954 -26.59 -13.31 33.97
CA SER A 954 -26.81 -14.08 32.76
C SER A 954 -27.70 -13.32 31.78
N MET A 955 -28.76 -12.70 32.29
CA MET A 955 -29.66 -11.95 31.42
C MET A 955 -28.91 -10.80 30.74
N VAL A 956 -28.07 -10.10 31.48
CA VAL A 956 -27.35 -8.95 30.93
C VAL A 956 -26.35 -9.40 29.88
N PHE A 957 -25.63 -10.49 30.15
CA PHE A 957 -24.72 -11.02 29.14
C PHE A 957 -25.48 -11.41 27.89
N SER A 958 -26.65 -12.03 28.06
CA SER A 958 -27.46 -12.41 26.92
C SER A 958 -27.91 -11.20 26.12
N LEU A 959 -28.33 -10.14 26.82
CA LEU A 959 -28.79 -8.93 26.15
C LEU A 959 -27.67 -8.31 25.32
N ALA A 960 -26.49 -8.16 25.93
CA ALA A 960 -25.37 -7.61 25.18
C ALA A 960 -25.02 -8.50 24.00
N MET A 961 -25.05 -9.79 24.25
CA MET A 961 -24.67 -10.79 23.22
C MET A 961 -25.62 -10.68 22.03
N GLY A 962 -26.93 -10.53 22.24
CA GLY A 962 -27.90 -10.45 21.16
C GLY A 962 -27.86 -9.12 20.43
N TRP A 963 -27.82 -8.02 21.18
CA TRP A 963 -27.75 -6.71 20.54
C TRP A 963 -26.53 -6.63 19.64
N THR A 964 -25.40 -7.14 20.11
CA THR A 964 -24.20 -7.16 19.28
C THR A 964 -24.34 -8.14 18.13
N ASN A 965 -25.07 -9.23 18.32
CA ASN A 965 -25.25 -10.23 17.28
C ASN A 965 -26.13 -9.74 16.15
N MET A 966 -26.90 -8.69 16.38
CA MET A 966 -27.62 -8.07 15.27
C MET A 966 -26.74 -7.91 14.04
N LEU A 967 -25.43 -7.83 14.22
CA LEU A 967 -24.53 -7.77 13.09
C LEU A 967 -24.67 -8.97 12.17
N TYR A 968 -25.17 -10.10 12.70
CA TYR A 968 -25.28 -11.30 11.87
C TYR A 968 -26.16 -11.04 10.66
N TYR A 969 -27.16 -10.18 10.79
CA TYR A 969 -28.07 -9.92 9.68
C TYR A 969 -27.47 -9.00 8.65
N THR A 970 -26.35 -8.34 8.95
CA THR A 970 -25.75 -7.43 7.99
C THR A 970 -25.21 -8.13 6.76
N ARG A 971 -25.33 -9.46 6.68
CA ARG A 971 -24.91 -10.16 5.46
C ARG A 971 -25.87 -9.91 4.30
N GLY A 972 -27.04 -9.35 4.57
CA GLY A 972 -28.00 -9.05 3.53
C GLY A 972 -27.72 -7.78 2.77
N PHE A 973 -26.62 -7.10 3.08
CA PHE A 973 -26.27 -5.84 2.44
C PHE A 973 -24.83 -5.90 1.99
N GLN A 974 -24.60 -5.54 0.72
CA GLN A 974 -23.32 -5.78 0.07
C GLN A 974 -22.16 -5.08 0.75
N GLN A 975 -22.42 -4.06 1.58
CA GLN A 975 -21.37 -3.25 2.18
C GLN A 975 -21.24 -3.43 3.68
N MET A 976 -22.33 -3.29 4.43
CA MET A 976 -22.29 -3.61 5.85
C MET A 976 -21.81 -5.03 6.09
N GLY A 977 -22.17 -5.95 5.21
CA GLY A 977 -21.72 -7.32 5.38
C GLY A 977 -20.21 -7.44 5.35
N ILE A 978 -19.56 -6.70 4.45
CA ILE A 978 -18.10 -6.71 4.40
C ILE A 978 -17.54 -6.20 5.71
N TYR A 979 -18.19 -5.19 6.30
CA TYR A 979 -17.74 -4.67 7.58
C TYR A 979 -17.84 -5.72 8.68
N ALA A 980 -18.97 -6.43 8.72
CA ALA A 980 -19.12 -7.47 9.74
C ALA A 980 -18.10 -8.59 9.54
N VAL A 981 -17.85 -8.97 8.29
CA VAL A 981 -16.86 -10.00 8.01
C VAL A 981 -15.49 -9.54 8.48
N MET A 982 -15.14 -8.28 8.20
CA MET A 982 -13.88 -7.74 8.69
C MET A 982 -13.81 -7.82 10.20
N ILE A 983 -14.89 -7.44 10.89
CA ILE A 983 -14.88 -7.47 12.34
C ILE A 983 -14.62 -8.88 12.84
N GLU A 984 -15.27 -9.87 12.23
CA GLU A 984 -15.09 -11.25 12.70
C GLU A 984 -13.67 -11.75 12.40
N LYS A 985 -13.17 -11.51 11.18
CA LYS A 985 -11.83 -11.95 10.84
C LYS A 985 -10.79 -11.32 11.74
N MET A 986 -10.98 -10.05 12.11
CA MET A 986 -9.99 -9.41 12.98
C MET A 986 -10.15 -9.85 14.43
N ILE A 987 -11.36 -10.17 14.86
CA ILE A 987 -11.52 -10.68 16.22
C ILE A 987 -10.88 -12.05 16.35
N LEU A 988 -10.87 -12.84 15.28
CA LEU A 988 -10.30 -14.18 15.33
C LEU A 988 -8.88 -14.27 14.79
N ARG A 989 -8.34 -13.19 14.21
CA ARG A 989 -7.02 -13.25 13.60
C ARG A 989 -6.01 -12.38 14.33
N ASP A 990 -6.26 -11.08 14.46
CA ASP A 990 -5.29 -10.16 15.01
C ASP A 990 -5.55 -9.83 16.47
N LEU A 991 -6.81 -9.65 16.84
CA LEU A 991 -7.12 -9.22 18.20
C LEU A 991 -6.62 -10.25 19.22
N CYS A 992 -6.68 -11.53 18.90
CA CYS A 992 -6.28 -12.56 19.85
C CYS A 992 -4.79 -12.48 20.16
N ARG A 993 -3.95 -12.40 19.13
CA ARG A 993 -2.51 -12.32 19.34
C ARG A 993 -2.14 -11.06 20.12
N PHE A 994 -2.65 -9.91 19.68
CA PHE A 994 -2.33 -8.68 20.37
C PHE A 994 -2.77 -8.76 21.82
N MET A 995 -3.92 -9.40 22.08
CA MET A 995 -4.36 -9.52 23.45
C MET A 995 -3.41 -10.39 24.25
N PHE A 996 -2.93 -11.48 23.66
CA PHE A 996 -1.95 -12.31 24.36
C PHE A 996 -0.73 -11.49 24.78
N VAL A 997 -0.14 -10.79 23.81
CA VAL A 997 1.09 -10.04 24.10
C VAL A 997 0.82 -8.93 25.09
N TYR A 998 -0.27 -8.18 24.89
CA TYR A 998 -0.59 -7.10 25.80
C TYR A 998 -0.85 -7.63 27.20
N LEU A 999 -1.45 -8.81 27.31
CA LEU A 999 -1.68 -9.39 28.62
C LEU A 999 -0.36 -9.76 29.29
N VAL A 1000 0.59 -10.28 28.50
CA VAL A 1000 1.91 -10.56 29.06
C VAL A 1000 2.53 -9.27 29.61
N PHE A 1001 2.54 -8.21 28.79
CA PHE A 1001 3.11 -6.95 29.24
C PHE A 1001 2.42 -6.44 30.49
N LEU A 1002 1.10 -6.35 30.45
CA LEU A 1002 0.37 -5.78 31.57
C LEU A 1002 0.57 -6.60 32.82
N PHE A 1003 0.56 -7.93 32.69
CA PHE A 1003 0.72 -8.77 33.87
C PHE A 1003 2.11 -8.60 34.47
N GLY A 1004 3.14 -8.60 33.62
CA GLY A 1004 4.49 -8.43 34.13
C GLY A 1004 4.67 -7.10 34.82
N PHE A 1005 4.23 -6.02 34.18
CA PHE A 1005 4.44 -4.69 34.75
C PHE A 1005 3.57 -4.47 35.97
N SER A 1006 2.36 -5.03 35.99
CA SER A 1006 1.53 -4.94 37.17
C SER A 1006 2.17 -5.67 38.34
N THR A 1007 2.73 -6.85 38.07
CA THR A 1007 3.44 -7.59 39.11
C THR A 1007 4.61 -6.79 39.63
N ALA A 1008 5.39 -6.20 38.73
CA ALA A 1008 6.52 -5.37 39.14
C ALA A 1008 6.04 -4.22 40.03
N VAL A 1009 5.06 -3.46 39.56
CA VAL A 1009 4.62 -2.29 40.30
C VAL A 1009 4.08 -2.69 41.66
N VAL A 1010 3.24 -3.73 41.70
CA VAL A 1010 2.65 -4.14 42.97
C VAL A 1010 3.74 -4.62 43.92
N THR A 1011 4.77 -5.28 43.39
CA THR A 1011 5.91 -5.60 44.23
C THR A 1011 6.52 -4.35 44.81
N LEU A 1012 6.62 -3.29 44.00
CA LEU A 1012 7.23 -2.05 44.47
C LEU A 1012 6.37 -1.38 45.54
N ILE A 1013 5.05 -1.34 45.34
CA ILE A 1013 4.19 -0.68 46.31
C ILE A 1013 4.32 -1.38 47.66
N GLU A 1014 4.20 -0.60 48.74
CA GLU A 1014 4.28 -1.12 50.09
C GLU A 1014 3.00 -0.94 50.89
N ASP A 1015 2.48 0.29 50.95
CA ASP A 1015 1.31 0.59 51.77
C ASP A 1015 1.58 0.30 53.25
N GLY A 1016 2.68 0.87 53.74
CA GLY A 1016 3.09 0.67 55.11
C GLY A 1016 2.70 1.82 56.02
N LYS A 1017 1.73 2.62 55.60
CA LYS A 1017 1.30 3.77 56.38
C LYS A 1017 0.27 3.37 57.43
N GLY A 1038 -6.97 5.98 48.11
CA GLY A 1038 -5.62 5.97 47.59
C GLY A 1038 -4.63 5.29 48.52
N ASN A 1039 -5.12 4.30 49.28
CA ASN A 1039 -4.30 3.55 50.21
C ASN A 1039 -4.35 2.05 49.97
N SER A 1040 -5.50 1.52 49.56
CA SER A 1040 -5.63 0.09 49.29
C SER A 1040 -5.34 -0.23 47.83
N TYR A 1041 -4.20 0.23 47.34
CA TYR A 1041 -3.79 -0.02 45.96
C TYR A 1041 -2.90 -1.25 45.83
N ASN A 1042 -2.56 -1.91 46.94
CA ASN A 1042 -1.71 -3.09 46.86
C ASN A 1042 -2.31 -4.15 45.96
N SER A 1043 -3.62 -4.17 45.80
CA SER A 1043 -4.26 -5.22 45.04
C SER A 1043 -3.69 -5.27 43.63
N LEU A 1044 -3.39 -6.48 43.17
CA LEU A 1044 -2.95 -6.64 41.79
C LEU A 1044 -4.06 -6.23 40.82
N TYR A 1045 -5.32 -6.46 41.20
CA TYR A 1045 -6.43 -6.04 40.36
C TYR A 1045 -6.42 -4.54 40.16
N SER A 1046 -6.19 -3.78 41.23
CA SER A 1046 -6.18 -2.33 41.12
C SER A 1046 -5.08 -1.86 40.18
N THR A 1047 -3.89 -2.43 40.32
CA THR A 1047 -2.78 -2.02 39.46
C THR A 1047 -3.04 -2.39 38.01
N CYS A 1048 -3.61 -3.58 37.79
CA CYS A 1048 -3.98 -3.95 36.43
C CYS A 1048 -4.97 -2.95 35.86
N LEU A 1049 -5.93 -2.51 36.67
CA LEU A 1049 -6.91 -1.55 36.21
C LEU A 1049 -6.26 -0.21 35.88
N GLU A 1050 -5.30 0.23 36.70
CA GLU A 1050 -4.65 1.51 36.42
C GLU A 1050 -3.86 1.44 35.12
N LEU A 1051 -3.11 0.37 34.90
CA LEU A 1051 -2.39 0.26 33.65
C LEU A 1051 -3.34 0.15 32.46
N PHE A 1052 -4.48 -0.53 32.65
CA PHE A 1052 -5.46 -0.57 31.57
C PHE A 1052 -6.00 0.82 31.28
N LYS A 1053 -6.30 1.59 32.32
CA LYS A 1053 -6.67 2.99 32.10
C LYS A 1053 -5.58 3.69 31.29
N PHE A 1054 -4.32 3.32 31.54
CA PHE A 1054 -3.24 3.89 30.77
C PHE A 1054 -3.41 3.60 29.28
N THR A 1055 -3.80 2.38 28.93
CA THR A 1055 -3.89 2.10 27.50
C THR A 1055 -5.10 2.76 26.86
N ILE A 1056 -6.14 3.07 27.63
CA ILE A 1056 -7.35 3.65 27.07
C ILE A 1056 -7.32 5.17 27.18
N GLY A 1057 -6.14 5.72 27.46
CA GLY A 1057 -5.97 7.15 27.45
C GLY A 1057 -6.42 7.88 28.69
N MET A 1058 -6.47 7.21 29.83
CA MET A 1058 -6.76 7.86 31.10
C MET A 1058 -5.87 7.34 32.21
N GLY A 1059 -4.58 7.22 31.93
CA GLY A 1059 -3.61 6.74 32.90
C GLY A 1059 -3.01 7.87 33.70
N ASP A 1060 -3.06 7.73 35.01
CA ASP A 1060 -2.56 8.73 35.94
C ASP A 1060 -1.14 8.34 36.34
N LEU A 1061 -0.15 9.11 35.89
CA LEU A 1061 1.24 8.76 36.13
C LEU A 1061 1.63 8.81 37.60
N GLU A 1062 0.78 9.38 38.44
CA GLU A 1062 1.06 9.47 39.88
C GLU A 1062 -0.15 8.99 40.67
N PHE A 1063 -0.71 7.86 40.27
CA PHE A 1063 -1.90 7.36 40.95
C PHE A 1063 -1.61 6.86 42.36
N THR A 1064 -0.33 6.71 42.73
CA THR A 1064 0.00 6.23 44.07
C THR A 1064 1.27 6.89 44.54
N GLU A 1065 1.33 7.21 45.83
CA GLU A 1065 2.53 7.77 46.44
C GLU A 1065 2.99 6.96 47.65
N ASN A 1066 2.58 5.70 47.74
CA ASN A 1066 3.01 4.84 48.85
C ASN A 1066 4.26 4.04 48.54
N TYR A 1067 4.80 4.18 47.33
CA TYR A 1067 6.08 3.58 46.95
C TYR A 1067 7.19 4.05 47.86
N ASP A 1068 8.41 3.54 47.63
CA ASP A 1068 9.61 4.05 48.28
C ASP A 1068 10.65 4.62 47.34
N PHE A 1069 10.66 4.23 46.06
CA PHE A 1069 11.63 4.72 45.08
C PHE A 1069 10.87 5.39 43.94
N LYS A 1070 10.91 6.72 43.89
CA LYS A 1070 10.19 7.43 42.84
C LYS A 1070 10.76 7.11 41.47
N ALA A 1071 12.09 7.03 41.38
CA ALA A 1071 12.72 6.72 40.10
C ALA A 1071 12.24 5.39 39.57
N VAL A 1072 12.20 4.37 40.43
CA VAL A 1072 11.81 3.04 39.98
C VAL A 1072 10.38 3.06 39.48
N PHE A 1073 9.48 3.66 40.25
CA PHE A 1073 8.08 3.68 39.89
C PHE A 1073 7.86 4.41 38.56
N ILE A 1074 8.49 5.58 38.40
CA ILE A 1074 8.32 6.34 37.18
C ILE A 1074 8.94 5.60 36.00
N ILE A 1075 10.10 4.98 36.21
CA ILE A 1075 10.74 4.26 35.10
C ILE A 1075 9.86 3.11 34.67
N LEU A 1076 9.24 2.41 35.62
CA LEU A 1076 8.35 1.30 35.28
C LEU A 1076 7.14 1.80 34.51
N LEU A 1077 6.49 2.86 35.01
CA LEU A 1077 5.30 3.37 34.33
C LEU A 1077 5.65 3.87 32.93
N LEU A 1078 6.79 4.56 32.79
CA LEU A 1078 7.17 5.09 31.49
C LEU A 1078 7.54 3.96 30.55
N ALA A 1079 8.22 2.93 31.05
CA ALA A 1079 8.50 1.78 30.21
C ALA A 1079 7.21 1.13 29.73
N TYR A 1080 6.24 0.99 30.64
CA TYR A 1080 4.96 0.42 30.25
C TYR A 1080 4.28 1.27 29.19
N VAL A 1081 4.28 2.59 29.38
CA VAL A 1081 3.62 3.48 28.42
C VAL A 1081 4.30 3.37 27.06
N ILE A 1082 5.63 3.42 27.03
CA ILE A 1082 6.33 3.37 25.77
C ILE A 1082 6.11 2.03 25.08
N LEU A 1083 6.13 0.94 25.86
CA LEU A 1083 6.05 -0.38 25.26
C LEU A 1083 4.65 -0.69 24.78
N THR A 1084 3.62 -0.29 25.53
CA THR A 1084 2.24 -0.58 25.18
C THR A 1084 1.58 0.57 24.43
N TYR A 1085 1.49 1.74 25.06
CA TYR A 1085 0.64 2.80 24.53
C TYR A 1085 1.18 3.33 23.20
N ILE A 1086 2.46 3.69 23.16
CA ILE A 1086 3.00 4.29 21.94
C ILE A 1086 3.55 3.22 21.00
N LEU A 1087 3.99 2.08 21.53
CA LEU A 1087 4.62 1.05 20.71
C LEU A 1087 3.64 -0.02 20.28
N LEU A 1088 3.02 -0.71 21.23
CA LEU A 1088 2.21 -1.88 20.88
C LEU A 1088 0.91 -1.48 20.19
N LEU A 1089 0.23 -0.46 20.70
CA LEU A 1089 -1.04 -0.09 20.09
C LEU A 1089 -0.85 0.39 18.66
N ASN A 1090 0.15 1.24 18.43
CA ASN A 1090 0.47 1.63 17.07
C ASN A 1090 0.93 0.42 16.26
N MET A 1091 1.57 -0.53 16.93
CA MET A 1091 1.95 -1.79 16.27
C MET A 1091 0.71 -2.51 15.76
N LEU A 1092 -0.33 -2.57 16.60
CA LEU A 1092 -1.60 -3.17 16.20
C LEU A 1092 -2.24 -2.40 15.06
N ILE A 1093 -2.20 -1.08 15.10
CA ILE A 1093 -2.77 -0.29 14.01
C ILE A 1093 -2.07 -0.65 12.71
N ALA A 1094 -0.74 -0.74 12.74
CA ALA A 1094 0.00 -1.10 11.55
C ALA A 1094 -0.39 -2.49 11.06
N LEU A 1095 -0.48 -3.45 11.98
CA LEU A 1095 -0.86 -4.79 11.57
C LEU A 1095 -2.24 -4.81 10.94
N MET A 1096 -3.22 -4.19 11.57
CA MET A 1096 -4.56 -4.20 11.00
C MET A 1096 -4.59 -3.52 9.64
N GLY A 1097 -3.80 -2.46 9.47
CA GLY A 1097 -3.67 -1.89 8.14
C GLY A 1097 -3.20 -2.92 7.14
N GLU A 1098 -2.18 -3.68 7.51
CA GLU A 1098 -1.69 -4.73 6.61
C GLU A 1098 -2.79 -5.75 6.32
N THR A 1099 -3.51 -6.16 7.36
CA THR A 1099 -4.56 -7.16 7.17
C THR A 1099 -5.60 -6.68 6.16
N VAL A 1100 -6.17 -5.49 6.38
CA VAL A 1100 -7.21 -5.03 5.47
C VAL A 1100 -6.67 -4.91 4.06
N ASN A 1101 -5.46 -4.33 3.93
CA ASN A 1101 -4.88 -4.18 2.60
C ASN A 1101 -4.81 -5.53 1.90
N LYS A 1102 -4.49 -6.59 2.63
CA LYS A 1102 -4.43 -7.92 2.02
C LYS A 1102 -5.83 -8.44 1.70
N ILE A 1103 -6.76 -8.35 2.65
CA ILE A 1103 -7.91 -9.25 2.69
C ILE A 1103 -9.23 -8.51 2.48
N ALA A 1104 -9.21 -7.33 1.87
CA ALA A 1104 -10.48 -6.76 1.40
C ALA A 1104 -11.25 -7.78 0.55
N GLN A 1105 -10.56 -8.37 -0.43
CA GLN A 1105 -11.21 -9.34 -1.32
C GLN A 1105 -11.70 -10.54 -0.53
N GLU A 1106 -10.91 -10.98 0.45
CA GLU A 1106 -11.32 -12.14 1.24
C GLU A 1106 -12.59 -11.84 2.00
N SER A 1107 -12.71 -10.63 2.53
CA SER A 1107 -13.94 -10.26 3.22
C SER A 1107 -15.11 -10.28 2.25
N LYS A 1108 -14.91 -9.75 1.04
CA LYS A 1108 -15.98 -9.80 0.03
C LYS A 1108 -16.43 -11.24 -0.20
N ASN A 1109 -15.48 -12.13 -0.48
CA ASN A 1109 -15.84 -13.51 -0.80
C ASN A 1109 -16.48 -14.20 0.38
N ILE A 1110 -15.98 -13.95 1.59
CA ILE A 1110 -16.58 -14.58 2.75
C ILE A 1110 -18.02 -14.13 2.90
N TRP A 1111 -18.29 -12.84 2.69
CA TRP A 1111 -19.66 -12.37 2.76
C TRP A 1111 -20.53 -13.06 1.73
N LYS A 1112 -19.99 -13.24 0.51
CA LYS A 1112 -20.75 -13.96 -0.51
C LYS A 1112 -21.13 -15.34 -0.02
N LEU A 1113 -20.16 -16.06 0.54
CA LEU A 1113 -20.44 -17.38 1.10
C LEU A 1113 -21.51 -17.29 2.17
N GLN A 1114 -21.48 -16.21 2.95
CA GLN A 1114 -22.44 -16.07 4.03
C GLN A 1114 -23.85 -15.94 3.47
N ARG A 1115 -24.00 -15.16 2.41
CA ARG A 1115 -25.32 -15.04 1.80
C ARG A 1115 -25.75 -16.37 1.17
N ALA A 1116 -24.80 -17.12 0.62
CA ALA A 1116 -25.13 -18.41 0.04
C ALA A 1116 -25.69 -19.35 1.10
N ILE A 1117 -25.03 -19.42 2.25
CA ILE A 1117 -25.55 -20.26 3.33
C ILE A 1117 -26.90 -19.73 3.80
N THR A 1118 -27.08 -18.41 3.80
CA THR A 1118 -28.37 -17.85 4.15
C THR A 1118 -29.46 -18.37 3.22
N ILE A 1119 -29.19 -18.34 1.91
CA ILE A 1119 -30.20 -18.77 0.95
C ILE A 1119 -30.52 -20.25 1.16
N LEU A 1120 -29.47 -21.06 1.31
CA LEU A 1120 -29.70 -22.49 1.46
C LEU A 1120 -30.54 -22.77 2.70
N ASP A 1121 -30.19 -22.14 3.83
CA ASP A 1121 -30.96 -22.35 5.05
C ASP A 1121 -32.40 -21.92 4.87
N THR A 1122 -32.61 -20.76 4.25
CA THR A 1122 -33.97 -20.28 4.06
C THR A 1122 -34.79 -21.29 3.26
N GLU A 1123 -34.27 -21.70 2.10
CA GLU A 1123 -35.02 -22.62 1.26
C GLU A 1123 -35.25 -23.95 1.97
N LYS A 1124 -34.32 -24.38 2.81
CA LYS A 1124 -34.54 -25.59 3.57
C LYS A 1124 -35.53 -25.39 4.71
N SER A 1125 -35.77 -24.14 5.11
CA SER A 1125 -36.68 -23.90 6.22
C SER A 1125 -38.13 -24.19 5.82
N PHE A 1126 -38.50 -23.93 4.57
CA PHE A 1126 -39.87 -24.07 4.10
C PHE A 1126 -40.11 -25.41 3.41
N LEU A 1127 -39.42 -26.46 3.86
CA LEU A 1127 -39.63 -27.78 3.28
C LEU A 1127 -41.08 -28.24 3.46
N LYS A 1128 -41.64 -28.05 4.65
CA LYS A 1128 -43.03 -28.40 4.90
C LYS A 1128 -43.99 -27.27 4.56
N CYS A 1129 -43.52 -26.02 4.58
CA CYS A 1129 -44.39 -24.90 4.27
C CYS A 1129 -44.81 -24.92 2.81
N MET A 1130 -43.84 -24.85 1.90
CA MET A 1130 -44.12 -25.02 0.48
C MET A 1130 -42.82 -25.22 -0.27
N ARG A 1131 -42.90 -25.93 -1.39
CA ARG A 1131 -41.72 -26.23 -2.20
C ARG A 1131 -41.95 -25.90 -3.68
N LYS A 1132 -43.21 -26.01 -4.14
CA LYS A 1132 -43.49 -25.84 -5.56
C LYS A 1132 -43.02 -24.46 -6.04
N ALA A 1133 -43.41 -23.40 -5.33
CA ALA A 1133 -42.94 -22.07 -5.70
C ALA A 1133 -41.45 -21.89 -5.38
N PHE A 1134 -40.88 -22.77 -4.58
CA PHE A 1134 -39.47 -22.68 -4.22
C PHE A 1134 -38.64 -23.58 -5.15
N ARG A 1135 -38.48 -23.07 -6.38
CA ARG A 1135 -37.64 -23.74 -7.36
C ARG A 1135 -37.13 -22.67 -8.31
N SER A 1136 -35.95 -22.93 -8.89
CA SER A 1136 -35.33 -22.01 -9.82
C SER A 1136 -35.19 -22.66 -11.19
N GLY A 1137 -35.21 -21.84 -12.23
CA GLY A 1137 -35.13 -22.32 -13.59
C GLY A 1137 -36.49 -22.67 -14.16
N LYS A 1138 -36.48 -23.01 -15.44
CA LYS A 1138 -37.71 -23.35 -16.16
C LYS A 1138 -37.53 -24.68 -16.88
N LEU A 1139 -38.57 -25.50 -16.86
CA LEU A 1139 -38.53 -26.77 -17.57
C LEU A 1139 -38.55 -26.50 -19.07
N LEU A 1140 -37.65 -27.17 -19.81
CA LEU A 1140 -37.49 -26.94 -21.22
C LEU A 1140 -37.15 -28.24 -21.93
N GLN A 1141 -37.36 -28.24 -23.25
CA GLN A 1141 -37.08 -29.37 -24.11
C GLN A 1141 -36.47 -28.81 -25.40
N VAL A 1142 -35.14 -28.89 -25.51
CA VAL A 1142 -34.43 -28.29 -26.63
C VAL A 1142 -34.01 -29.37 -27.61
N GLY A 1143 -33.23 -30.35 -27.14
CA GLY A 1143 -32.67 -31.38 -27.99
C GLY A 1143 -33.29 -32.74 -27.78
N PHE A 1144 -32.62 -33.75 -28.31
CA PHE A 1144 -33.06 -35.13 -28.23
C PHE A 1144 -31.89 -36.02 -27.81
N THR A 1145 -32.23 -37.11 -27.13
CA THR A 1145 -31.26 -38.14 -26.78
C THR A 1145 -31.18 -39.18 -27.89
N PRO A 1146 -30.06 -39.92 -28.00
CA PRO A 1146 -29.94 -40.91 -29.08
C PRO A 1146 -31.09 -41.91 -29.12
N ASP A 1147 -31.81 -42.06 -28.01
CA ASP A 1147 -32.97 -42.93 -27.95
C ASP A 1147 -34.19 -42.34 -28.63
N GLY A 1148 -34.05 -41.20 -29.30
CA GLY A 1148 -35.19 -40.58 -29.96
C GLY A 1148 -36.26 -40.12 -29.00
N LYS A 1149 -35.86 -39.52 -27.88
CA LYS A 1149 -36.79 -39.04 -26.86
C LYS A 1149 -36.41 -37.61 -26.49
N ASP A 1150 -37.33 -36.97 -25.76
CA ASP A 1150 -37.19 -35.56 -25.42
C ASP A 1150 -36.42 -35.37 -24.12
N ASP A 1151 -35.87 -34.17 -23.95
CA ASP A 1151 -35.09 -33.80 -22.78
C ASP A 1151 -35.92 -32.82 -21.96
N TYR A 1152 -36.42 -33.29 -20.81
CA TYR A 1152 -37.19 -32.45 -19.90
C TYR A 1152 -36.23 -31.96 -18.83
N ARG A 1153 -35.55 -30.84 -19.11
CA ARG A 1153 -34.48 -30.35 -18.25
C ARG A 1153 -34.80 -28.96 -17.74
N TRP A 1154 -34.49 -28.72 -16.47
CA TRP A 1154 -34.70 -27.42 -15.84
C TRP A 1154 -33.52 -26.52 -16.16
N CYS A 1155 -33.69 -25.64 -17.13
CA CYS A 1155 -32.62 -24.76 -17.56
C CYS A 1155 -32.75 -23.38 -16.92
N PHE A 1156 -31.83 -22.50 -17.27
CA PHE A 1156 -31.82 -21.15 -16.74
C PHE A 1156 -31.07 -20.27 -17.73
N ARG A 1157 -31.80 -19.39 -18.42
CA ARG A 1157 -31.23 -18.62 -19.52
C ARG A 1157 -30.23 -17.59 -19.00
N VAL A 1158 -29.20 -17.34 -19.81
CA VAL A 1158 -28.24 -16.29 -19.53
C VAL A 1158 -27.89 -15.59 -20.84
N ASP A 1159 -28.42 -14.40 -21.05
CA ASP A 1159 -28.07 -13.63 -22.23
C ASP A 1159 -26.70 -13.00 -22.07
N GLU A 1160 -25.93 -13.00 -23.15
CA GLU A 1160 -24.59 -12.42 -23.14
C GLU A 1160 -24.36 -11.67 -24.43
N VAL A 1161 -23.47 -10.68 -24.39
CA VAL A 1161 -23.13 -9.86 -25.54
C VAL A 1161 -21.63 -9.94 -25.75
N ASN A 1162 -21.23 -10.26 -26.98
CA ASN A 1162 -19.82 -10.35 -27.34
C ASN A 1162 -19.65 -9.84 -28.75
N TRP A 1163 -18.70 -8.92 -28.92
CA TRP A 1163 -18.51 -8.20 -30.17
C TRP A 1163 -17.37 -8.76 -31.02
N THR A 1164 -16.81 -9.91 -30.65
CA THR A 1164 -15.65 -10.44 -31.35
C THR A 1164 -15.84 -11.87 -31.83
N THR A 1165 -16.56 -12.72 -31.08
CA THR A 1165 -16.69 -14.12 -31.45
C THR A 1165 -17.20 -14.25 -32.88
N TRP A 1166 -18.40 -13.73 -33.14
CA TRP A 1166 -18.93 -13.62 -34.50
C TRP A 1166 -18.95 -14.98 -35.21
N ASN A 1167 -19.28 -16.03 -34.47
CA ASN A 1167 -19.40 -17.36 -35.05
C ASN A 1167 -19.95 -18.35 -34.03
N SER B 611 -48.60 -7.85 -35.20
CA SER B 611 -47.90 -9.13 -34.83
C SER B 611 -46.39 -8.94 -34.89
N TYR B 612 -45.67 -9.80 -34.16
CA TYR B 612 -44.21 -9.67 -34.09
C TYR B 612 -43.57 -9.89 -35.45
N TYR B 613 -44.05 -10.87 -36.20
CA TYR B 613 -43.44 -11.26 -37.48
C TYR B 613 -44.04 -10.48 -38.64
N LYS B 614 -44.10 -9.16 -38.51
CA LYS B 614 -44.53 -8.29 -39.61
C LYS B 614 -43.54 -7.14 -39.79
N GLY B 615 -42.95 -6.69 -38.69
CA GLY B 615 -41.94 -5.64 -38.79
C GLY B 615 -40.68 -6.12 -39.48
N GLN B 616 -40.28 -7.36 -39.23
CA GLN B 616 -39.09 -7.91 -39.83
C GLN B 616 -39.35 -8.34 -41.27
N THR B 617 -38.26 -8.60 -42.00
CA THR B 617 -38.32 -9.04 -43.37
C THR B 617 -37.09 -9.89 -43.64
N ALA B 618 -37.07 -10.51 -44.82
CA ALA B 618 -35.90 -11.31 -45.20
C ALA B 618 -34.65 -10.45 -45.28
N LEU B 619 -34.79 -9.15 -45.53
CA LEU B 619 -33.63 -8.29 -45.72
C LEU B 619 -32.81 -8.15 -44.43
N HIS B 620 -33.47 -7.80 -43.33
CA HIS B 620 -32.73 -7.60 -42.08
C HIS B 620 -32.06 -8.90 -41.64
N ILE B 621 -32.76 -10.03 -41.76
CA ILE B 621 -32.17 -11.31 -41.38
C ILE B 621 -30.98 -11.61 -42.28
N ALA B 622 -31.15 -11.45 -43.60
CA ALA B 622 -30.05 -11.67 -44.52
C ALA B 622 -28.84 -10.85 -44.12
N ILE B 623 -29.07 -9.63 -43.63
CA ILE B 623 -27.98 -8.84 -43.07
C ILE B 623 -27.43 -9.52 -41.82
N GLU B 624 -28.32 -10.04 -40.97
CA GLU B 624 -27.88 -10.60 -39.69
C GLU B 624 -26.86 -11.70 -39.90
N ARG B 625 -27.09 -12.58 -40.89
CA ARG B 625 -26.11 -13.58 -41.25
C ARG B 625 -24.85 -12.97 -41.84
N ARG B 626 -24.88 -11.67 -42.17
CA ARG B 626 -23.73 -10.96 -42.73
C ARG B 626 -23.33 -11.56 -44.08
N ASN B 627 -24.32 -12.05 -44.81
CA ASN B 627 -24.08 -12.62 -46.14
C ASN B 627 -24.27 -11.52 -47.18
N MET B 628 -23.16 -11.00 -47.70
CA MET B 628 -23.23 -9.96 -48.71
C MET B 628 -23.94 -10.47 -49.96
N THR B 629 -23.60 -11.69 -50.40
CA THR B 629 -24.26 -12.25 -51.57
C THR B 629 -25.76 -12.38 -51.36
N LEU B 630 -26.16 -12.88 -50.19
CA LEU B 630 -27.58 -13.08 -49.92
C LEU B 630 -28.32 -11.74 -49.92
N VAL B 631 -27.77 -10.72 -49.25
CA VAL B 631 -28.47 -9.45 -49.16
C VAL B 631 -28.53 -8.77 -50.52
N THR B 632 -27.42 -8.80 -51.28
CA THR B 632 -27.44 -8.17 -52.59
C THR B 632 -28.40 -8.88 -53.54
N LEU B 633 -28.45 -10.22 -53.48
CA LEU B 633 -29.42 -10.95 -54.29
C LEU B 633 -30.84 -10.59 -53.89
N LEU B 634 -31.12 -10.57 -52.59
CA LEU B 634 -32.46 -10.23 -52.12
C LEU B 634 -32.87 -8.85 -52.63
N VAL B 635 -32.01 -7.86 -52.45
CA VAL B 635 -32.32 -6.51 -52.90
C VAL B 635 -32.21 -6.35 -54.42
N GLU B 636 -31.71 -7.37 -55.11
CA GLU B 636 -31.57 -7.27 -56.57
C GLU B 636 -32.92 -7.11 -57.24
N ASN B 637 -33.93 -7.88 -56.80
CA ASN B 637 -35.26 -7.78 -57.39
C ASN B 637 -35.93 -6.45 -57.09
N GLY B 638 -35.39 -5.65 -56.17
CA GLY B 638 -35.98 -4.36 -55.83
C GLY B 638 -36.63 -4.38 -54.47
N ALA B 639 -36.04 -5.11 -53.53
CA ALA B 639 -36.60 -5.19 -52.19
C ALA B 639 -36.55 -3.83 -51.52
N ASP B 640 -37.58 -3.54 -50.73
CA ASP B 640 -37.67 -2.25 -50.05
C ASP B 640 -36.54 -2.11 -49.04
N VAL B 641 -36.01 -0.89 -48.93
CA VAL B 641 -34.95 -0.58 -47.98
C VAL B 641 -35.43 0.26 -46.80
N GLN B 642 -36.64 0.82 -46.89
CA GLN B 642 -37.20 1.66 -45.84
C GLN B 642 -37.90 0.84 -44.77
N ALA B 643 -37.83 -0.49 -44.83
CA ALA B 643 -38.50 -1.33 -43.86
C ALA B 643 -38.06 -0.98 -42.45
N ALA B 644 -39.02 -0.83 -41.54
CA ALA B 644 -38.77 -0.43 -40.17
C ALA B 644 -39.08 -1.58 -39.24
N ALA B 645 -38.13 -1.91 -38.37
CA ALA B 645 -38.31 -2.98 -37.38
C ALA B 645 -38.85 -2.39 -36.08
N ASN B 646 -40.13 -2.05 -36.13
CA ASN B 646 -40.83 -1.46 -34.99
C ASN B 646 -41.35 -2.54 -34.04
N GLY B 647 -40.46 -3.42 -33.61
CA GLY B 647 -40.79 -4.51 -32.71
C GLY B 647 -40.21 -4.29 -31.33
N ASP B 648 -40.94 -4.73 -30.31
CA ASP B 648 -40.48 -4.56 -28.94
C ASP B 648 -39.14 -5.26 -28.70
N PHE B 649 -38.89 -6.36 -29.43
CA PHE B 649 -37.62 -7.04 -29.28
C PHE B 649 -36.45 -6.14 -29.65
N PHE B 650 -36.66 -5.19 -30.55
CA PHE B 650 -35.61 -4.29 -30.99
C PHE B 650 -35.58 -2.99 -30.21
N LYS B 651 -36.45 -2.82 -29.21
CA LYS B 651 -36.48 -1.57 -28.47
C LYS B 651 -35.24 -1.43 -27.59
N LYS B 652 -34.98 -0.20 -27.15
CA LYS B 652 -33.79 0.12 -26.40
C LYS B 652 -33.81 -0.42 -24.98
N THR B 653 -34.94 -0.90 -24.50
CA THR B 653 -35.03 -1.34 -23.10
C THR B 653 -33.95 -2.36 -22.79
N LYS B 654 -33.09 -2.02 -21.83
CA LYS B 654 -32.00 -2.90 -21.41
C LYS B 654 -32.46 -4.00 -20.46
N GLY B 655 -33.66 -3.87 -19.90
CA GLY B 655 -34.20 -4.90 -19.02
C GLY B 655 -34.88 -6.04 -19.73
N ARG B 656 -34.87 -6.04 -21.06
CA ARG B 656 -35.50 -7.07 -21.87
C ARG B 656 -34.49 -7.60 -22.88
N PRO B 657 -34.66 -8.83 -23.35
CA PRO B 657 -33.71 -9.39 -24.31
C PRO B 657 -33.74 -8.63 -25.63
N GLY B 658 -32.58 -8.62 -26.29
CA GLY B 658 -32.42 -7.93 -27.55
C GLY B 658 -31.71 -6.59 -27.38
N PHE B 659 -31.24 -6.06 -28.50
CA PHE B 659 -30.51 -4.79 -28.53
C PHE B 659 -31.04 -3.94 -29.68
N TYR B 660 -31.13 -2.63 -29.43
CA TYR B 660 -31.63 -1.71 -30.43
C TYR B 660 -30.52 -1.31 -31.39
N PHE B 661 -30.78 -1.48 -32.69
CA PHE B 661 -29.80 -1.13 -33.72
C PHE B 661 -30.37 -0.19 -34.78
N GLY B 662 -31.62 0.23 -34.66
CA GLY B 662 -32.23 1.15 -35.59
C GLY B 662 -33.21 0.44 -36.49
N GLU B 663 -34.35 1.09 -36.74
CA GLU B 663 -35.40 0.45 -37.52
C GLU B 663 -34.95 0.22 -38.96
N LEU B 664 -34.31 1.21 -39.58
CA LEU B 664 -33.84 1.05 -40.94
C LEU B 664 -32.79 -0.04 -40.99
N PRO B 665 -32.84 -0.95 -41.96
CA PRO B 665 -31.82 -2.02 -42.00
C PRO B 665 -30.42 -1.46 -42.07
N LEU B 666 -30.22 -0.37 -42.79
CA LEU B 666 -28.90 0.26 -42.82
C LEU B 666 -28.44 0.61 -41.41
N SER B 667 -29.38 0.95 -40.53
CA SER B 667 -29.01 1.17 -39.14
C SER B 667 -28.48 -0.12 -38.52
N LEU B 668 -29.13 -1.24 -38.81
CA LEU B 668 -28.61 -2.52 -38.34
C LEU B 668 -27.18 -2.75 -38.85
N ALA B 669 -26.99 -2.60 -40.16
CA ALA B 669 -25.69 -2.90 -40.75
C ALA B 669 -24.60 -1.99 -40.18
N ALA B 670 -24.91 -0.69 -40.06
CA ALA B 670 -23.94 0.22 -39.44
C ALA B 670 -23.68 -0.19 -38.00
N CYS B 671 -24.72 -0.57 -37.27
CA CYS B 671 -24.52 -1.11 -35.93
C CYS B 671 -23.63 -2.35 -36.00
N THR B 672 -23.80 -3.16 -37.03
CA THR B 672 -22.86 -4.24 -37.31
C THR B 672 -21.62 -3.67 -37.98
N ASN B 673 -20.61 -4.52 -38.13
CA ASN B 673 -19.37 -4.15 -38.81
C ASN B 673 -19.42 -4.46 -40.30
N GLN B 674 -20.62 -4.64 -40.86
CA GLN B 674 -20.77 -5.03 -42.27
C GLN B 674 -20.51 -3.81 -43.15
N LEU B 675 -19.22 -3.57 -43.40
CA LEU B 675 -18.82 -2.46 -44.25
C LEU B 675 -19.38 -2.64 -45.67
N ALA B 676 -19.31 -3.86 -46.19
CA ALA B 676 -19.79 -4.11 -47.55
C ALA B 676 -21.27 -3.80 -47.68
N ILE B 677 -22.07 -4.16 -46.67
CA ILE B 677 -23.51 -3.95 -46.76
C ILE B 677 -23.82 -2.46 -46.80
N VAL B 678 -23.23 -1.68 -45.89
CA VAL B 678 -23.50 -0.25 -45.88
C VAL B 678 -23.04 0.36 -47.21
N LYS B 679 -21.85 -0.03 -47.68
CA LYS B 679 -21.33 0.50 -48.93
C LYS B 679 -22.29 0.24 -50.08
N PHE B 680 -22.70 -1.02 -50.26
CA PHE B 680 -23.56 -1.36 -51.39
C PHE B 680 -24.93 -0.70 -51.25
N LEU B 681 -25.51 -0.72 -50.06
CA LEU B 681 -26.83 -0.13 -49.86
C LEU B 681 -26.79 1.35 -50.18
N LEU B 682 -25.74 2.05 -49.76
CA LEU B 682 -25.63 3.46 -50.06
C LEU B 682 -25.25 3.72 -51.52
N GLN B 683 -24.67 2.74 -52.19
CA GLN B 683 -24.22 2.89 -53.58
C GLN B 683 -25.07 2.10 -54.57
N ASN B 684 -26.13 1.45 -54.11
CA ASN B 684 -26.96 0.65 -55.01
C ASN B 684 -27.60 1.54 -56.07
N SER B 685 -27.72 0.98 -57.29
CA SER B 685 -28.28 1.75 -58.39
C SER B 685 -29.75 2.07 -58.16
N TRP B 686 -30.47 1.24 -57.42
CA TRP B 686 -31.90 1.43 -57.18
C TRP B 686 -32.16 1.51 -55.68
N GLN B 687 -33.02 2.46 -55.30
CA GLN B 687 -33.48 2.62 -53.94
C GLN B 687 -32.32 2.71 -52.93
N PRO B 688 -31.43 3.70 -53.05
CA PRO B 688 -30.43 3.91 -52.01
C PRO B 688 -31.04 4.54 -50.77
N ALA B 689 -31.13 3.76 -49.69
CA ALA B 689 -31.83 4.23 -48.50
C ALA B 689 -31.25 5.54 -48.01
N ASP B 690 -32.13 6.50 -47.74
CA ASP B 690 -31.69 7.80 -47.26
C ASP B 690 -30.94 7.66 -45.94
N ILE B 691 -29.77 8.30 -45.86
CA ILE B 691 -28.98 8.23 -44.64
C ILE B 691 -29.65 9.02 -43.52
N SER B 692 -30.17 10.20 -43.84
CA SER B 692 -30.83 11.05 -42.85
C SER B 692 -32.23 10.52 -42.61
N ALA B 693 -32.37 9.64 -41.62
CA ALA B 693 -33.67 9.05 -41.28
C ALA B 693 -33.85 9.09 -39.77
N ARG B 694 -34.98 9.61 -39.32
CA ARG B 694 -35.34 9.56 -37.91
C ARG B 694 -36.02 8.23 -37.63
N ASP B 695 -35.44 7.42 -36.75
CA ASP B 695 -36.05 6.17 -36.37
C ASP B 695 -37.25 6.43 -35.47
N SER B 696 -37.90 5.36 -35.04
CA SER B 696 -39.10 5.49 -34.21
C SER B 696 -38.83 6.40 -33.02
N VAL B 697 -37.66 6.26 -32.39
CA VAL B 697 -37.30 7.05 -31.23
C VAL B 697 -36.64 8.35 -31.70
N GLY B 698 -36.70 8.62 -33.00
CA GLY B 698 -36.14 9.82 -33.56
C GLY B 698 -34.65 9.76 -33.82
N ASN B 699 -34.01 8.63 -33.55
CA ASN B 699 -32.56 8.51 -33.66
C ASN B 699 -32.15 8.23 -35.09
N THR B 700 -31.03 8.81 -35.50
CA THR B 700 -30.43 8.51 -36.78
C THR B 700 -29.46 7.35 -36.64
N VAL B 701 -29.04 6.80 -37.78
CA VAL B 701 -28.02 5.76 -37.78
C VAL B 701 -26.80 6.19 -36.99
N LEU B 702 -26.49 7.48 -36.99
CA LEU B 702 -25.40 7.97 -36.13
C LEU B 702 -25.80 7.90 -34.67
N HIS B 703 -27.02 8.33 -34.35
CA HIS B 703 -27.48 8.23 -32.98
C HIS B 703 -27.48 6.78 -32.51
N ALA B 704 -27.97 5.89 -33.38
CA ALA B 704 -27.91 4.47 -33.07
C ALA B 704 -26.48 4.01 -32.86
N LEU B 705 -25.56 4.49 -33.71
CA LEU B 705 -24.16 4.10 -33.55
C LEU B 705 -23.64 4.48 -32.18
N VAL B 706 -23.80 5.74 -31.80
CA VAL B 706 -23.31 6.18 -30.50
C VAL B 706 -23.96 5.38 -29.40
N GLU B 707 -25.24 5.08 -29.55
CA GLU B 707 -25.92 4.24 -28.57
C GLU B 707 -25.22 2.89 -28.43
N VAL B 708 -24.97 2.23 -29.57
CA VAL B 708 -24.36 0.91 -29.55
C VAL B 708 -22.97 0.98 -28.96
N ALA B 709 -22.31 2.13 -29.05
CA ALA B 709 -20.95 2.25 -28.55
C ALA B 709 -20.91 1.97 -27.05
N ASP B 710 -19.81 1.38 -26.60
CA ASP B 710 -19.58 1.08 -25.20
C ASP B 710 -18.23 1.65 -24.79
N ASN B 711 -17.76 1.28 -23.60
CA ASN B 711 -16.39 1.57 -23.19
C ASN B 711 -15.41 0.52 -23.66
N THR B 712 -15.85 -0.47 -24.42
CA THR B 712 -14.96 -1.53 -24.88
C THR B 712 -14.06 -1.03 -26.00
N VAL B 713 -12.78 -1.42 -25.93
CA VAL B 713 -11.79 -0.91 -26.87
C VAL B 713 -12.15 -1.30 -28.30
N ASP B 714 -12.45 -2.59 -28.53
CA ASP B 714 -12.84 -3.01 -29.87
C ASP B 714 -14.12 -2.32 -30.30
N ASN B 715 -15.07 -2.15 -29.36
CA ASN B 715 -16.26 -1.39 -29.65
C ASN B 715 -15.90 0.04 -30.04
N THR B 716 -14.94 0.63 -29.33
CA THR B 716 -14.49 1.98 -29.67
C THR B 716 -13.96 2.00 -31.09
N LYS B 717 -13.12 1.02 -31.44
CA LYS B 717 -12.55 0.99 -32.78
C LYS B 717 -13.64 0.89 -33.83
N PHE B 718 -14.59 -0.01 -33.63
CA PHE B 718 -15.65 -0.20 -34.62
C PHE B 718 -16.50 1.05 -34.76
N VAL B 719 -17.02 1.56 -33.64
CA VAL B 719 -17.93 2.71 -33.69
C VAL B 719 -17.21 4.03 -33.89
N THR B 720 -15.90 4.00 -34.04
CA THR B 720 -15.14 5.17 -34.48
C THR B 720 -14.81 5.12 -35.96
N SER B 721 -14.21 4.01 -36.41
CA SER B 721 -13.91 3.87 -37.83
C SER B 721 -15.18 3.96 -38.67
N MET B 722 -16.20 3.18 -38.30
CA MET B 722 -17.43 3.22 -39.07
C MET B 722 -18.07 4.59 -38.98
N TYR B 723 -17.98 5.23 -37.81
CA TYR B 723 -18.55 6.56 -37.66
C TYR B 723 -17.96 7.54 -38.67
N ASN B 724 -16.63 7.65 -38.69
CA ASN B 724 -16.00 8.56 -39.63
C ASN B 724 -16.36 8.19 -41.06
N GLU B 725 -16.30 6.89 -41.37
CA GLU B 725 -16.60 6.46 -42.73
C GLU B 725 -17.99 6.92 -43.14
N ILE B 726 -18.98 6.74 -42.25
CA ILE B 726 -20.33 7.05 -42.65
C ILE B 726 -20.48 8.54 -42.81
N LEU B 727 -19.82 9.32 -41.97
CA LEU B 727 -19.82 10.76 -42.17
C LEU B 727 -19.32 11.11 -43.57
N ILE B 728 -18.17 10.55 -43.95
CA ILE B 728 -17.65 10.84 -45.28
C ILE B 728 -18.65 10.44 -46.35
N LEU B 729 -19.25 9.26 -46.20
CA LEU B 729 -20.15 8.76 -47.24
C LEU B 729 -21.38 9.64 -47.37
N GLY B 730 -22.00 9.99 -46.23
CA GLY B 730 -23.15 10.87 -46.27
C GLY B 730 -22.79 12.21 -46.88
N ALA B 731 -21.61 12.72 -46.57
CA ALA B 731 -21.15 13.94 -47.22
C ALA B 731 -21.08 13.74 -48.73
N LYS B 732 -20.57 12.60 -49.17
CA LYS B 732 -20.46 12.34 -50.60
C LYS B 732 -21.83 12.34 -51.25
N LEU B 733 -22.77 11.57 -50.70
CA LEU B 733 -24.13 11.57 -51.23
C LEU B 733 -24.76 12.96 -51.08
N HIS B 734 -24.72 13.51 -49.87
CA HIS B 734 -25.22 14.85 -49.59
C HIS B 734 -24.10 15.65 -48.96
N PRO B 735 -23.32 16.39 -49.74
CA PRO B 735 -22.31 17.28 -49.14
C PRO B 735 -22.93 18.36 -48.26
N THR B 736 -24.13 18.82 -48.59
CA THR B 736 -24.77 19.95 -47.90
C THR B 736 -25.84 19.50 -46.91
N LEU B 737 -25.68 18.32 -46.32
CA LEU B 737 -26.64 17.78 -45.38
C LEU B 737 -26.01 17.72 -44.00
N LYS B 738 -26.71 18.27 -43.00
CA LYS B 738 -26.18 18.38 -41.64
C LYS B 738 -26.56 17.14 -40.83
N LEU B 739 -26.12 15.99 -41.34
CA LEU B 739 -26.50 14.72 -40.74
C LEU B 739 -26.06 14.62 -39.28
N GLU B 740 -25.02 15.37 -38.90
CA GLU B 740 -24.54 15.38 -37.52
C GLU B 740 -25.28 16.39 -36.66
N GLU B 741 -26.32 17.03 -37.21
CA GLU B 741 -27.11 18.01 -36.49
C GLU B 741 -28.52 17.55 -36.19
N ILE B 742 -29.05 16.59 -36.96
CA ILE B 742 -30.41 16.12 -36.72
C ILE B 742 -30.53 15.63 -35.29
N THR B 743 -31.66 15.94 -34.66
CA THR B 743 -31.89 15.60 -33.27
C THR B 743 -33.05 14.63 -33.15
N ASN B 744 -33.00 13.79 -32.13
CA ASN B 744 -34.02 12.78 -31.90
C ASN B 744 -35.21 13.40 -31.18
N ARG B 745 -36.19 12.58 -30.81
CA ARG B 745 -37.31 13.06 -30.02
C ARG B 745 -36.83 13.67 -28.72
N LYS B 746 -35.90 13.01 -28.03
CA LYS B 746 -35.24 13.63 -26.90
C LYS B 746 -34.53 14.91 -27.30
N GLY B 747 -34.17 15.05 -28.57
CA GLY B 747 -33.64 16.29 -29.07
C GLY B 747 -32.15 16.45 -28.85
N LEU B 748 -31.37 15.42 -29.14
CA LEU B 748 -29.92 15.45 -28.96
C LEU B 748 -29.23 15.09 -30.26
N THR B 749 -28.23 15.88 -30.63
CA THR B 749 -27.36 15.51 -31.73
C THR B 749 -26.42 14.41 -31.28
N PRO B 750 -25.78 13.71 -32.21
CA PRO B 750 -24.93 12.59 -31.82
C PRO B 750 -23.89 12.98 -30.77
N LEU B 751 -23.33 14.17 -30.90
CA LEU B 751 -22.48 14.67 -29.83
C LEU B 751 -23.26 14.74 -28.52
N ALA B 752 -24.45 15.32 -28.56
CA ALA B 752 -25.25 15.44 -27.36
C ALA B 752 -25.63 14.07 -26.82
N LEU B 753 -25.69 13.09 -27.71
CA LEU B 753 -26.06 11.72 -27.32
C LEU B 753 -24.88 11.12 -26.58
N ALA B 754 -23.67 11.24 -27.13
CA ALA B 754 -22.51 10.58 -26.50
C ALA B 754 -22.27 11.31 -25.20
N ALA B 755 -22.65 12.56 -25.16
CA ALA B 755 -22.43 13.40 -23.98
C ALA B 755 -23.37 12.98 -22.88
N SER B 756 -24.64 12.82 -23.23
CA SER B 756 -25.68 12.48 -22.23
C SER B 756 -25.58 11.01 -21.82
N SER B 757 -25.01 10.17 -22.68
CA SER B 757 -24.88 8.72 -22.39
C SER B 757 -23.51 8.50 -21.76
N GLY B 758 -22.48 9.04 -22.39
CA GLY B 758 -21.11 8.94 -21.86
C GLY B 758 -20.29 7.97 -22.63
N LYS B 759 -20.29 8.08 -23.95
CA LYS B 759 -19.45 7.22 -24.82
C LYS B 759 -18.07 7.86 -24.94
N ILE B 760 -17.26 7.80 -23.90
CA ILE B 760 -15.98 8.57 -23.94
C ILE B 760 -15.25 8.36 -25.27
N GLY B 761 -15.28 7.19 -25.93
CA GLY B 761 -14.56 6.96 -27.18
C GLY B 761 -15.16 7.74 -28.33
N VAL B 762 -16.48 7.66 -28.49
CA VAL B 762 -17.14 8.39 -29.56
C VAL B 762 -17.00 9.89 -29.35
N LEU B 763 -17.15 10.34 -28.10
CA LEU B 763 -16.96 11.75 -27.80
C LEU B 763 -15.59 12.22 -28.26
N ALA B 764 -14.55 11.50 -27.84
CA ALA B 764 -13.20 11.89 -28.22
C ALA B 764 -13.04 11.88 -29.73
N TYR B 765 -13.60 10.88 -30.39
CA TYR B 765 -13.47 10.79 -31.84
C TYR B 765 -14.07 12.02 -32.50
N ILE B 766 -15.22 12.46 -32.02
CA ILE B 766 -15.85 13.65 -32.60
C ILE B 766 -15.05 14.89 -32.27
N LEU B 767 -14.51 14.97 -31.04
CA LEU B 767 -13.90 16.20 -30.57
C LEU B 767 -12.48 16.40 -31.07
N GLN B 768 -11.84 15.33 -31.55
CA GLN B 768 -10.52 15.46 -32.16
C GLN B 768 -10.55 15.08 -33.64
N ARG B 769 -11.73 15.01 -34.24
CA ARG B 769 -11.86 14.50 -35.59
C ARG B 769 -11.05 15.35 -36.56
N GLU B 770 -10.19 14.68 -37.33
CA GLU B 770 -9.33 15.31 -38.32
C GLU B 770 -9.42 14.52 -39.62
N ILE B 771 -9.36 15.23 -40.75
CA ILE B 771 -9.37 14.59 -42.06
C ILE B 771 -8.30 15.23 -42.93
N HIS B 772 -7.57 14.40 -43.68
CA HIS B 772 -6.48 14.88 -44.53
C HIS B 772 -6.91 15.16 -45.96
N GLU B 773 -8.05 14.62 -46.39
CA GLU B 773 -8.52 14.87 -47.76
C GLU B 773 -8.98 16.31 -47.89
N PRO B 774 -8.39 17.12 -48.78
CA PRO B 774 -8.79 18.53 -48.85
C PRO B 774 -10.26 18.74 -49.13
N GLU B 775 -10.86 17.89 -49.98
CA GLU B 775 -12.24 18.14 -50.43
C GLU B 775 -13.22 17.99 -49.27
N CYS B 776 -13.09 16.94 -48.47
CA CYS B 776 -14.04 16.61 -47.43
C CYS B 776 -13.57 16.99 -46.03
N ARG B 777 -12.49 17.76 -45.92
CA ARG B 777 -11.97 18.14 -44.61
C ARG B 777 -12.90 19.11 -43.88
N HIS B 778 -13.92 19.64 -44.56
CA HIS B 778 -14.85 20.54 -43.90
C HIS B 778 -15.53 19.87 -42.71
N LEU B 779 -15.96 18.63 -42.86
CA LEU B 779 -16.66 17.95 -41.78
C LEU B 779 -15.63 17.41 -40.79
N SER B 780 -14.72 18.26 -40.35
CA SER B 780 -13.61 17.84 -39.52
C SER B 780 -13.57 18.71 -38.28
N ARG B 781 -13.20 18.11 -37.15
CA ARG B 781 -13.26 18.83 -35.89
C ARG B 781 -11.98 19.60 -35.62
N LYS B 782 -10.82 18.95 -35.74
CA LYS B 782 -9.54 19.58 -35.46
C LYS B 782 -8.90 20.04 -36.77
N PHE B 783 -8.61 21.34 -36.86
CA PHE B 783 -7.93 21.92 -38.02
C PHE B 783 -6.50 22.25 -37.63
N THR B 784 -5.57 21.37 -37.99
CA THR B 784 -4.15 21.68 -37.79
C THR B 784 -3.77 22.90 -38.62
N GLU B 785 -3.03 23.81 -38.00
CA GLU B 785 -2.69 25.08 -38.66
C GLU B 785 -1.35 25.02 -39.37
N TRP B 786 -0.28 24.75 -38.64
CA TRP B 786 1.05 24.70 -39.20
C TRP B 786 1.95 23.90 -38.28
N ALA B 787 3.19 23.63 -38.70
CA ALA B 787 4.18 22.93 -37.84
C ALA B 787 5.60 23.38 -38.21
N TYR B 788 6.25 24.18 -37.36
CA TYR B 788 7.67 24.62 -37.57
C TYR B 788 8.46 23.90 -36.50
N GLY B 789 8.93 22.69 -36.82
CA GLY B 789 9.62 21.86 -35.82
C GLY B 789 8.61 21.16 -34.97
N PRO B 790 9.01 20.38 -33.94
CA PRO B 790 8.03 19.79 -33.05
C PRO B 790 6.92 20.75 -32.75
N VAL B 791 7.24 22.02 -32.55
CA VAL B 791 6.21 23.07 -32.31
C VAL B 791 5.16 23.03 -33.45
N HIS B 792 3.89 22.82 -33.13
CA HIS B 792 2.79 22.81 -34.16
C HIS B 792 1.44 23.13 -33.49
N SER B 793 0.77 24.20 -33.90
CA SER B 793 -0.48 24.61 -33.28
C SER B 793 -1.59 23.63 -33.68
N SER B 794 -2.69 23.68 -32.93
CA SER B 794 -3.85 22.81 -33.16
C SER B 794 -5.12 23.57 -32.79
N LEU B 795 -6.03 23.71 -33.75
CA LEU B 795 -7.30 24.39 -33.55
C LEU B 795 -8.40 23.39 -33.25
N TYR B 796 -9.60 23.90 -32.97
CA TYR B 796 -10.78 23.07 -32.76
C TYR B 796 -11.99 23.83 -33.30
N ASP B 797 -13.19 23.32 -33.00
CA ASP B 797 -14.42 23.85 -33.58
C ASP B 797 -15.30 24.56 -32.55
N LEU B 798 -15.57 23.91 -31.41
CA LEU B 798 -16.35 24.53 -30.34
C LEU B 798 -17.72 24.98 -30.83
N SER B 799 -18.32 24.23 -31.76
CA SER B 799 -19.61 24.65 -32.32
C SER B 799 -20.68 24.71 -31.23
N CYS B 800 -20.75 23.68 -30.39
CA CYS B 800 -21.69 23.65 -29.28
C CYS B 800 -21.02 23.36 -27.96
N ILE B 801 -19.70 23.11 -27.95
CA ILE B 801 -18.97 23.02 -26.69
C ILE B 801 -19.38 24.17 -25.79
N ASP B 802 -19.29 25.38 -26.31
CA ASP B 802 -19.64 26.57 -25.54
C ASP B 802 -21.12 26.61 -25.26
N THR B 803 -21.48 27.31 -24.18
CA THR B 803 -22.87 27.41 -23.79
C THR B 803 -23.60 28.31 -24.77
N CYS B 804 -23.70 27.85 -26.03
CA CYS B 804 -24.31 28.62 -27.10
C CYS B 804 -25.34 27.79 -27.86
N GLU B 805 -25.94 26.79 -27.20
CA GLU B 805 -26.89 25.89 -27.83
C GLU B 805 -27.92 25.48 -26.80
N LYS B 806 -28.91 24.69 -27.25
CA LYS B 806 -29.96 24.23 -26.35
C LYS B 806 -29.38 23.37 -25.23
N ASN B 807 -28.48 22.45 -25.54
CA ASN B 807 -27.73 21.73 -24.50
C ASN B 807 -26.29 21.59 -24.95
N SER B 808 -25.37 22.22 -24.23
CA SER B 808 -23.96 22.20 -24.57
C SER B 808 -23.28 21.03 -23.88
N VAL B 809 -22.54 20.24 -24.66
CA VAL B 809 -21.93 19.02 -24.14
C VAL B 809 -21.27 19.26 -22.80
N LEU B 810 -20.69 20.44 -22.61
CA LEU B 810 -20.20 20.77 -21.28
C LEU B 810 -21.37 20.79 -20.28
N GLU B 811 -22.48 21.40 -20.67
CA GLU B 811 -23.65 21.39 -19.80
C GLU B 811 -24.16 19.97 -19.60
N VAL B 812 -24.15 19.17 -20.65
CA VAL B 812 -24.67 17.81 -20.56
C VAL B 812 -23.85 17.00 -19.58
N ILE B 813 -22.52 17.10 -19.67
CA ILE B 813 -21.67 16.40 -18.72
C ILE B 813 -21.87 16.94 -17.33
N ALA B 814 -21.92 18.26 -17.18
CA ALA B 814 -21.98 18.85 -15.85
C ALA B 814 -23.23 18.42 -15.11
N TYR B 815 -24.38 18.50 -15.78
CA TYR B 815 -25.64 18.26 -15.10
C TYR B 815 -26.07 16.80 -15.12
N SER B 816 -25.39 15.95 -15.89
CA SER B 816 -25.78 14.55 -15.95
C SER B 816 -25.61 13.88 -14.60
N SER B 817 -26.58 13.05 -14.24
CA SER B 817 -26.54 12.36 -12.96
C SER B 817 -25.36 11.39 -12.91
N SER B 818 -25.12 10.85 -11.72
CA SER B 818 -24.03 9.90 -11.53
C SER B 818 -24.30 8.55 -12.17
N GLU B 819 -25.53 8.31 -12.63
CA GLU B 819 -25.81 7.04 -13.31
C GLU B 819 -24.96 6.90 -14.57
N THR B 820 -24.79 7.99 -15.32
CA THR B 820 -23.96 7.94 -16.50
C THR B 820 -22.53 7.58 -16.10
N PRO B 821 -21.94 6.56 -16.70
CA PRO B 821 -20.58 6.18 -16.31
C PRO B 821 -19.52 7.04 -16.99
N ASN B 822 -18.36 7.14 -16.33
CA ASN B 822 -17.22 7.90 -16.82
C ASN B 822 -17.50 9.39 -16.90
N ARG B 823 -18.53 9.86 -16.18
CA ARG B 823 -18.94 11.26 -16.32
C ARG B 823 -17.79 12.21 -16.02
N HIS B 824 -17.14 12.03 -14.86
CA HIS B 824 -16.03 12.90 -14.51
C HIS B 824 -14.79 12.61 -15.34
N ASP B 825 -14.72 11.44 -15.95
CA ASP B 825 -13.54 11.05 -16.71
C ASP B 825 -13.53 11.59 -18.13
N MET B 826 -14.70 11.88 -18.70
CA MET B 826 -14.74 12.38 -20.07
C MET B 826 -14.09 13.74 -20.20
N LEU B 827 -14.23 14.59 -19.17
CA LEU B 827 -13.72 15.94 -19.24
C LEU B 827 -12.25 15.99 -19.61
N LEU B 828 -11.54 14.87 -19.50
CA LEU B 828 -10.10 14.86 -19.75
C LEU B 828 -9.76 15.06 -21.23
N VAL B 829 -10.74 15.01 -22.13
CA VAL B 829 -10.44 15.25 -23.54
C VAL B 829 -9.85 16.64 -23.70
N GLU B 830 -8.68 16.70 -24.32
CA GLU B 830 -7.86 17.90 -24.28
C GLU B 830 -8.60 19.18 -24.64
N PRO B 831 -9.34 19.25 -25.74
CA PRO B 831 -10.04 20.52 -26.05
C PRO B 831 -10.98 20.96 -24.94
N LEU B 832 -11.75 20.03 -24.37
CA LEU B 832 -12.67 20.40 -23.31
C LEU B 832 -11.94 20.85 -22.06
N ASN B 833 -10.94 20.08 -21.62
CA ASN B 833 -10.23 20.42 -20.40
C ASN B 833 -9.53 21.76 -20.54
N ARG B 834 -8.88 21.99 -21.67
CA ARG B 834 -8.20 23.25 -21.88
C ARG B 834 -9.19 24.41 -21.98
N LEU B 835 -10.36 24.16 -22.58
CA LEU B 835 -11.39 25.19 -22.60
C LEU B 835 -11.81 25.55 -21.18
N LEU B 836 -11.99 24.54 -20.34
CA LEU B 836 -12.35 24.78 -18.96
C LEU B 836 -11.29 25.60 -18.25
N GLN B 837 -10.02 25.18 -18.35
CA GLN B 837 -8.95 25.89 -17.65
C GLN B 837 -8.83 27.31 -18.18
N ASP B 838 -8.95 27.49 -19.49
CA ASP B 838 -8.86 28.82 -20.08
C ASP B 838 -9.93 29.74 -19.52
N LYS B 839 -11.19 29.30 -19.54
CA LYS B 839 -12.23 30.17 -19.00
C LYS B 839 -12.01 30.43 -17.52
N TRP B 840 -11.63 29.38 -16.77
CA TRP B 840 -11.44 29.52 -15.33
C TRP B 840 -10.41 30.58 -15.01
N ASP B 841 -9.26 30.52 -15.69
CA ASP B 841 -8.19 31.49 -15.45
C ASP B 841 -8.50 32.85 -16.05
N ARG B 842 -9.35 32.91 -17.07
CA ARG B 842 -9.61 34.16 -17.77
C ARG B 842 -10.62 35.03 -17.02
N PHE B 843 -11.83 34.51 -16.78
CA PHE B 843 -12.92 35.38 -16.33
C PHE B 843 -13.71 34.87 -15.14
N VAL B 844 -13.47 33.65 -14.67
CA VAL B 844 -14.27 33.08 -13.59
C VAL B 844 -13.55 33.13 -12.26
N LYS B 845 -12.25 32.81 -12.27
CA LYS B 845 -11.51 32.75 -11.01
C LYS B 845 -11.72 34.01 -10.19
N ARG B 846 -11.66 35.17 -10.83
CA ARG B 846 -11.88 36.42 -10.11
C ARG B 846 -13.29 36.47 -9.53
N ILE B 847 -14.29 36.07 -10.32
CA ILE B 847 -15.66 36.07 -9.82
C ILE B 847 -15.80 35.07 -8.69
N PHE B 848 -15.20 33.89 -8.83
CA PHE B 848 -15.30 32.89 -7.77
C PHE B 848 -14.69 33.42 -6.47
N TYR B 849 -13.53 34.06 -6.57
CA TYR B 849 -12.92 34.64 -5.37
C TYR B 849 -13.80 35.73 -4.80
N PHE B 850 -14.49 36.49 -5.66
CA PHE B 850 -15.39 37.51 -5.17
C PHE B 850 -16.54 36.89 -4.38
N ASN B 851 -17.12 35.81 -4.90
CA ASN B 851 -18.15 35.13 -4.12
C ASN B 851 -17.60 34.59 -2.81
N PHE B 852 -16.38 34.05 -2.84
CA PHE B 852 -15.78 33.57 -1.61
C PHE B 852 -15.68 34.71 -0.59
N PHE B 853 -15.18 35.86 -1.03
CA PHE B 853 -14.99 36.98 -0.10
C PHE B 853 -16.31 37.49 0.42
N VAL B 854 -17.32 37.62 -0.45
CA VAL B 854 -18.61 38.11 0.02
C VAL B 854 -19.25 37.11 0.97
N TYR B 855 -19.07 35.81 0.71
CA TYR B 855 -19.57 34.82 1.65
C TYR B 855 -18.86 34.92 2.98
N CYS B 856 -17.55 35.19 2.96
CA CYS B 856 -16.85 35.40 4.21
C CYS B 856 -17.43 36.59 4.95
N LEU B 857 -17.68 37.69 4.25
CA LEU B 857 -18.27 38.85 4.91
C LEU B 857 -19.64 38.52 5.47
N TYR B 858 -20.44 37.78 4.70
CA TYR B 858 -21.74 37.33 5.16
C TYR B 858 -21.62 36.53 6.47
N MET B 859 -20.75 35.53 6.47
CA MET B 859 -20.66 34.66 7.64
C MET B 859 -20.11 35.41 8.84
N ILE B 860 -19.18 36.34 8.62
CA ILE B 860 -18.67 37.13 9.73
C ILE B 860 -19.75 38.04 10.28
N ILE B 861 -20.54 38.67 9.41
CA ILE B 861 -21.62 39.52 9.87
C ILE B 861 -22.63 38.69 10.66
N PHE B 862 -22.96 37.50 10.16
CA PHE B 862 -23.91 36.63 10.84
C PHE B 862 -23.37 36.22 12.20
N THR B 863 -22.09 35.85 12.26
CA THR B 863 -21.50 35.44 13.52
C THR B 863 -21.51 36.59 14.52
N ALA B 864 -21.14 37.79 14.07
CA ALA B 864 -21.14 38.94 14.95
C ALA B 864 -22.54 39.24 15.47
N ALA B 865 -23.54 39.17 14.58
CA ALA B 865 -24.91 39.45 15.00
C ALA B 865 -25.38 38.42 16.02
N ALA B 866 -25.19 37.14 15.71
CA ALA B 866 -25.60 36.09 16.63
C ALA B 866 -24.92 36.26 17.99
N TYR B 867 -23.61 36.44 17.99
CA TYR B 867 -22.88 36.53 19.24
C TYR B 867 -23.45 37.62 20.13
N TYR B 868 -23.99 38.68 19.53
CA TYR B 868 -24.56 39.79 20.28
C TYR B 868 -26.09 39.75 20.31
N ARG B 869 -26.68 38.59 20.05
CA ARG B 869 -28.12 38.47 20.15
C ARG B 869 -28.56 38.87 21.55
N PRO B 870 -29.65 39.63 21.69
CA PRO B 870 -30.12 39.97 23.03
C PRO B 870 -30.51 38.72 23.81
N VAL B 871 -30.33 38.79 25.13
CA VAL B 871 -30.61 37.62 25.99
C VAL B 871 -31.86 37.92 26.83
N GLU B 872 -32.16 39.20 27.07
CA GLU B 872 -33.30 39.56 27.95
C GLU B 872 -34.62 39.56 27.17
N GLY B 873 -35.64 38.81 27.62
CA GLY B 873 -36.98 38.85 27.02
C GLY B 873 -37.13 37.98 25.77
N LEU B 874 -38.33 37.41 25.58
CA LEU B 874 -38.63 36.56 24.39
C LEU B 874 -38.49 37.42 23.15
N PRO B 875 -38.23 36.83 21.96
CA PRO B 875 -38.19 37.63 20.75
C PRO B 875 -39.62 38.04 20.39
N PRO B 876 -39.84 38.92 19.40
CA PRO B 876 -38.84 39.89 18.99
C PRO B 876 -38.40 40.86 20.06
N TYR B 877 -37.63 41.86 19.68
CA TYR B 877 -37.06 42.84 20.63
C TYR B 877 -37.47 44.24 20.25
N LYS B 878 -36.63 45.24 20.51
CA LYS B 878 -36.99 46.67 20.29
C LYS B 878 -35.85 47.33 19.53
N LEU B 879 -35.85 48.67 19.40
CA LEU B 879 -34.90 49.34 18.52
C LEU B 879 -34.32 50.52 19.29
N LYS B 880 -33.26 50.26 20.06
CA LYS B 880 -32.68 51.31 20.89
C LYS B 880 -32.10 52.42 20.03
N ASN B 881 -31.93 53.60 20.64
CA ASN B 881 -31.34 54.73 19.96
C ASN B 881 -29.83 54.65 19.86
N THR B 882 -29.21 53.68 20.52
CA THR B 882 -27.76 53.54 20.49
C THR B 882 -27.30 52.98 19.14
N VAL B 883 -26.03 53.26 18.82
CA VAL B 883 -25.46 52.76 17.57
C VAL B 883 -25.33 51.24 17.60
N GLY B 884 -25.04 50.67 18.77
CA GLY B 884 -24.90 49.23 18.85
C GLY B 884 -26.15 48.48 18.42
N ASP B 885 -27.31 48.96 18.86
CA ASP B 885 -28.56 48.33 18.44
C ASP B 885 -28.71 48.38 16.93
N TYR B 886 -28.42 49.54 16.33
CA TYR B 886 -28.56 49.67 14.89
C TYR B 886 -27.62 48.71 14.16
N PHE B 887 -26.38 48.61 14.62
CA PHE B 887 -25.45 47.67 14.00
C PHE B 887 -25.95 46.24 14.13
N ARG B 888 -26.50 45.89 15.29
CA ARG B 888 -27.00 44.55 15.49
C ARG B 888 -28.14 44.24 14.52
N VAL B 889 -29.08 45.18 14.36
CA VAL B 889 -30.21 44.91 13.49
C VAL B 889 -29.75 44.84 12.04
N THR B 890 -28.77 45.68 11.68
CA THR B 890 -28.22 45.61 10.34
C THR B 890 -27.64 44.23 10.07
N GLY B 891 -26.87 43.71 11.03
CA GLY B 891 -26.32 42.37 10.87
C GLY B 891 -27.40 41.33 10.74
N GLU B 892 -28.42 41.40 11.60
CA GLU B 892 -29.48 40.41 11.58
C GLU B 892 -30.20 40.43 10.24
N ILE B 893 -30.54 41.61 9.75
CA ILE B 893 -31.32 41.71 8.51
C ILE B 893 -30.47 41.26 7.33
N LEU B 894 -29.17 41.59 7.34
CA LEU B 894 -28.29 41.10 6.28
C LEU B 894 -28.25 39.59 6.28
N SER B 895 -28.17 38.98 7.47
CA SER B 895 -28.17 37.53 7.56
C SER B 895 -29.46 36.95 7.02
N VAL B 896 -30.60 37.57 7.35
CA VAL B 896 -31.89 37.09 6.85
C VAL B 896 -31.89 37.14 5.33
N SER B 897 -31.42 38.24 4.76
CA SER B 897 -31.41 38.36 3.30
C SER B 897 -30.56 37.27 2.68
N GLY B 898 -29.38 37.03 3.24
CA GLY B 898 -28.53 35.97 2.72
C GLY B 898 -29.22 34.62 2.79
N GLY B 899 -29.88 34.35 3.91
CA GLY B 899 -30.54 33.06 4.06
C GLY B 899 -31.65 32.87 3.04
N VAL B 900 -32.46 33.91 2.84
CA VAL B 900 -33.56 33.78 1.89
C VAL B 900 -33.03 33.62 0.48
N TYR B 901 -31.94 34.32 0.15
CA TYR B 901 -31.33 34.12 -1.15
C TYR B 901 -30.90 32.68 -1.32
N PHE B 902 -30.26 32.12 -0.29
CA PHE B 902 -29.78 30.74 -0.40
C PHE B 902 -30.94 29.78 -0.56
N PHE B 903 -32.04 30.02 0.16
CA PHE B 903 -33.23 29.18 0.01
C PHE B 903 -33.77 29.22 -1.41
N PHE B 904 -33.94 30.43 -1.94
CA PHE B 904 -34.45 30.56 -3.30
C PHE B 904 -33.52 29.88 -4.29
N ARG B 905 -32.21 30.02 -4.10
CA ARG B 905 -31.26 29.40 -5.01
C ARG B 905 -31.35 27.88 -4.93
N GLY B 906 -31.52 27.35 -3.73
CA GLY B 906 -31.70 25.91 -3.60
C GLY B 906 -32.93 25.42 -4.32
N ILE B 907 -34.04 26.15 -4.18
CA ILE B 907 -35.26 25.78 -4.90
C ILE B 907 -35.02 25.83 -6.40
N GLN B 908 -34.32 26.88 -6.86
CA GLN B 908 -34.05 27.02 -8.28
C GLN B 908 -33.22 25.85 -8.80
N TYR B 909 -32.20 25.45 -8.05
CA TYR B 909 -31.40 24.30 -8.46
C TYR B 909 -32.26 23.04 -8.49
N PHE B 910 -33.12 22.88 -7.48
CA PHE B 910 -34.02 21.73 -7.45
C PHE B 910 -34.87 21.68 -8.73
N LEU B 911 -35.53 22.78 -9.04
CA LEU B 911 -36.42 22.79 -10.20
C LEU B 911 -35.64 22.60 -11.50
N GLN B 912 -34.61 23.41 -11.72
CA GLN B 912 -33.89 23.38 -13.00
C GLN B 912 -33.25 22.02 -13.21
N ARG B 913 -32.50 21.54 -12.23
CA ARG B 913 -31.87 20.23 -12.36
C ARG B 913 -32.86 19.10 -12.14
N ARG B 914 -33.77 19.26 -11.18
CA ARG B 914 -34.58 18.15 -10.69
C ARG B 914 -33.61 17.00 -10.43
N PRO B 915 -32.78 17.10 -9.40
CA PRO B 915 -31.71 16.12 -9.23
C PRO B 915 -32.27 14.72 -9.02
N SER B 916 -31.51 13.73 -9.47
CA SER B 916 -31.94 12.34 -9.33
C SER B 916 -32.30 12.06 -7.88
N LEU B 917 -33.59 11.84 -7.63
CA LEU B 917 -34.04 11.61 -6.26
C LEU B 917 -33.49 10.32 -5.68
N LYS B 918 -33.12 9.37 -6.53
CA LYS B 918 -32.56 8.12 -6.02
C LYS B 918 -31.27 8.39 -5.26
N SER B 919 -30.34 9.12 -5.87
CA SER B 919 -29.08 9.50 -5.24
C SER B 919 -28.91 10.99 -5.45
N LEU B 920 -29.48 11.80 -4.55
CA LEU B 920 -29.30 13.23 -4.58
C LEU B 920 -28.21 13.70 -3.63
N PHE B 921 -27.79 12.83 -2.70
CA PHE B 921 -26.74 13.16 -1.75
C PHE B 921 -25.35 12.93 -2.31
N VAL B 922 -25.23 12.23 -3.45
CA VAL B 922 -23.92 11.94 -4.02
C VAL B 922 -23.53 12.94 -5.10
N ASP B 923 -24.46 13.77 -5.57
CA ASP B 923 -24.17 14.73 -6.62
C ASP B 923 -24.54 16.16 -6.27
N SER B 924 -25.20 16.40 -5.14
CA SER B 924 -25.61 17.74 -4.77
C SER B 924 -25.40 17.99 -3.28
N TYR B 925 -24.33 17.45 -2.72
CA TYR B 925 -24.15 17.50 -1.27
C TYR B 925 -24.16 18.96 -0.81
N SER B 926 -23.36 19.80 -1.48
CA SER B 926 -23.24 21.19 -1.08
C SER B 926 -24.57 21.92 -1.20
N GLU B 927 -25.34 21.61 -2.25
CA GLU B 927 -26.63 22.26 -2.41
C GLU B 927 -27.56 21.90 -1.28
N ILE B 928 -27.57 20.63 -0.87
CA ILE B 928 -28.40 20.24 0.26
C ILE B 928 -27.96 20.96 1.52
N LEU B 929 -26.65 21.06 1.73
CA LEU B 929 -26.15 21.75 2.92
C LEU B 929 -26.62 23.19 2.96
N PHE B 930 -26.46 23.91 1.84
CA PHE B 930 -26.89 25.30 1.80
C PHE B 930 -28.40 25.40 2.01
N PHE B 931 -29.15 24.49 1.40
CA PHE B 931 -30.59 24.51 1.58
C PHE B 931 -30.95 24.31 3.03
N VAL B 932 -30.29 23.38 3.72
CA VAL B 932 -30.62 23.12 5.12
C VAL B 932 -30.27 24.31 5.99
N GLN B 933 -29.12 24.92 5.75
CA GLN B 933 -28.77 26.12 6.53
C GLN B 933 -29.79 27.22 6.30
N SER B 934 -30.20 27.42 5.05
CA SER B 934 -31.22 28.41 4.77
C SER B 934 -32.52 28.08 5.47
N LEU B 935 -32.89 26.81 5.49
CA LEU B 935 -34.10 26.40 6.19
C LEU B 935 -34.01 26.72 7.66
N PHE B 936 -32.86 26.45 8.28
CA PHE B 936 -32.71 26.76 9.69
C PHE B 936 -32.82 28.26 9.93
N MET B 937 -32.20 29.07 9.07
CA MET B 937 -32.30 30.51 9.25
C MET B 937 -33.75 30.99 9.11
N LEU B 938 -34.45 30.46 8.11
CA LEU B 938 -35.84 30.86 7.90
C LEU B 938 -36.73 30.47 9.08
N VAL B 939 -36.53 29.27 9.61
CA VAL B 939 -37.34 28.87 10.76
C VAL B 939 -36.96 29.70 11.98
N SER B 940 -35.69 30.10 12.09
CA SER B 940 -35.34 31.05 13.13
C SER B 940 -36.13 32.34 12.97
N VAL B 941 -36.35 32.76 11.72
CA VAL B 941 -37.11 33.98 11.48
C VAL B 941 -38.58 33.79 11.85
N VAL B 942 -39.14 32.63 11.51
CA VAL B 942 -40.57 32.42 11.80
C VAL B 942 -40.79 32.38 13.31
N LEU B 943 -39.94 31.67 14.04
CA LEU B 943 -40.12 31.50 15.50
C LEU B 943 -39.81 32.82 16.19
N TYR B 944 -38.83 33.55 15.69
CA TYR B 944 -38.36 34.81 16.33
C TYR B 944 -39.56 35.72 16.56
N PHE B 945 -40.28 36.04 15.49
CA PHE B 945 -41.48 36.91 15.59
C PHE B 945 -42.56 36.17 16.36
N SER B 946 -42.57 34.84 16.29
CA SER B 946 -43.57 34.00 17.01
C SER B 946 -43.16 33.87 18.47
N GLN B 947 -43.12 34.96 19.21
CA GLN B 947 -42.74 34.95 20.65
C GLN B 947 -42.28 33.57 21.10
N ARG B 948 -40.96 33.28 21.03
CA ARG B 948 -40.38 31.97 21.43
C ARG B 948 -38.85 32.07 21.33
N LYS B 949 -38.12 31.73 22.40
CA LYS B 949 -36.63 31.82 22.43
C LYS B 949 -36.06 30.51 21.90
N GLU B 950 -36.86 29.74 21.18
CA GLU B 950 -36.41 28.47 20.59
C GLU B 950 -35.81 28.78 19.22
N TYR B 951 -35.98 30.00 18.74
CA TYR B 951 -35.32 30.36 17.48
C TYR B 951 -33.82 30.23 17.57
N VAL B 952 -33.25 30.40 18.76
CA VAL B 952 -31.80 30.36 18.91
C VAL B 952 -31.26 29.00 18.46
N ALA B 953 -32.04 27.94 18.67
CA ALA B 953 -31.60 26.62 18.24
C ALA B 953 -31.40 26.58 16.74
N SER B 954 -32.41 27.04 15.99
CA SER B 954 -32.30 27.06 14.54
C SER B 954 -31.16 27.97 14.09
N MET B 955 -31.05 29.14 14.72
CA MET B 955 -29.97 30.06 14.35
C MET B 955 -28.61 29.41 14.56
N VAL B 956 -28.43 28.71 15.67
CA VAL B 956 -27.15 28.10 15.99
C VAL B 956 -26.83 26.99 15.00
N PHE B 957 -27.82 26.15 14.70
CA PHE B 957 -27.60 25.11 13.69
C PHE B 957 -27.21 25.74 12.36
N SER B 958 -27.87 26.83 11.99
CA SER B 958 -27.56 27.51 10.74
C SER B 958 -26.13 28.05 10.75
N LEU B 959 -25.73 28.65 11.86
CA LEU B 959 -24.38 29.20 11.96
C LEU B 959 -23.33 28.12 11.80
N ALA B 960 -23.50 27.02 12.53
CA ALA B 960 -22.55 25.92 12.41
C ALA B 960 -22.53 25.40 10.99
N MET B 961 -23.71 25.23 10.39
CA MET B 961 -23.77 24.68 9.05
C MET B 961 -23.05 25.59 8.06
N GLY B 962 -23.26 26.90 8.15
CA GLY B 962 -22.62 27.80 7.19
C GLY B 962 -21.11 27.87 7.36
N TRP B 963 -20.66 28.00 8.62
CA TRP B 963 -19.22 28.04 8.84
C TRP B 963 -18.57 26.77 8.33
N THR B 964 -19.21 25.63 8.55
CA THR B 964 -18.68 24.38 8.03
C THR B 964 -18.79 24.30 6.52
N ASN B 965 -19.80 24.94 5.94
CA ASN B 965 -20.00 24.94 4.49
C ASN B 965 -18.97 25.79 3.77
N MET B 966 -18.31 26.69 4.48
CA MET B 966 -17.20 27.41 3.85
C MET B 966 -16.30 26.48 3.07
N LEU B 967 -16.26 25.20 3.42
CA LEU B 967 -15.47 24.24 2.67
C LEU B 967 -15.90 24.15 1.21
N TYR B 968 -17.14 24.52 0.89
CA TYR B 968 -17.60 24.39 -0.49
C TYR B 968 -16.73 25.20 -1.44
N TYR B 969 -16.22 26.33 -0.97
CA TYR B 969 -15.39 27.18 -1.81
C TYR B 969 -13.99 26.63 -2.01
N THR B 970 -13.64 25.61 -1.29
CA THR B 970 -12.29 25.08 -1.34
C THR B 970 -12.09 24.34 -2.65
N ARG B 971 -13.10 24.24 -3.50
CA ARG B 971 -12.94 23.62 -4.81
C ARG B 971 -12.16 24.50 -5.78
N GLY B 972 -12.02 25.78 -5.51
CA GLY B 972 -11.22 26.64 -6.36
C GLY B 972 -9.73 26.46 -6.22
N PHE B 973 -9.29 25.78 -5.16
CA PHE B 973 -7.88 25.53 -4.90
C PHE B 973 -7.59 24.07 -5.15
N GLN B 974 -6.50 23.80 -5.89
CA GLN B 974 -6.20 22.43 -6.29
C GLN B 974 -6.15 21.50 -5.08
N GLN B 975 -5.38 21.87 -4.06
CA GLN B 975 -5.08 20.94 -2.98
C GLN B 975 -6.21 20.84 -1.95
N MET B 976 -6.63 21.97 -1.38
CA MET B 976 -7.71 21.93 -0.40
C MET B 976 -8.97 21.32 -0.98
N GLY B 977 -9.18 21.47 -2.28
CA GLY B 977 -10.35 20.88 -2.91
C GLY B 977 -10.37 19.38 -2.82
N ILE B 978 -9.22 18.75 -3.07
CA ILE B 978 -9.16 17.29 -2.92
C ILE B 978 -9.49 16.91 -1.50
N TYR B 979 -9.08 17.74 -0.54
CA TYR B 979 -9.33 17.44 0.87
C TYR B 979 -10.82 17.49 1.16
N ALA B 980 -11.51 18.51 0.65
CA ALA B 980 -12.96 18.60 0.86
C ALA B 980 -13.67 17.45 0.17
N VAL B 981 -13.20 17.05 -1.01
CA VAL B 981 -13.81 15.94 -1.71
C VAL B 981 -13.68 14.67 -0.89
N MET B 982 -12.48 14.44 -0.33
CA MET B 982 -12.29 13.30 0.57
C MET B 982 -13.26 13.37 1.75
N ILE B 983 -13.39 14.54 2.36
CA ILE B 983 -14.26 14.66 3.53
C ILE B 983 -15.69 14.27 3.16
N GLU B 984 -16.20 14.79 2.04
CA GLU B 984 -17.55 14.43 1.62
C GLU B 984 -17.66 12.95 1.31
N LYS B 985 -16.69 12.41 0.56
CA LYS B 985 -16.76 11.03 0.13
C LYS B 985 -16.79 10.09 1.32
N MET B 986 -16.04 10.42 2.37
CA MET B 986 -15.97 9.53 3.52
C MET B 986 -16.97 9.90 4.61
N ILE B 987 -17.69 11.02 4.44
CA ILE B 987 -18.87 11.24 5.27
C ILE B 987 -20.06 10.49 4.68
N LEU B 988 -20.03 10.21 3.39
CA LEU B 988 -21.10 9.45 2.76
C LEU B 988 -20.73 7.99 2.45
N ARG B 989 -19.49 7.59 2.71
CA ARG B 989 -19.06 6.22 2.39
C ARG B 989 -18.72 5.40 3.62
N ASP B 990 -17.77 5.86 4.43
CA ASP B 990 -17.26 5.08 5.55
C ASP B 990 -17.88 5.47 6.88
N LEU B 991 -18.11 6.76 7.10
CA LEU B 991 -18.58 7.21 8.40
C LEU B 991 -19.98 6.67 8.70
N CYS B 992 -20.84 6.58 7.69
CA CYS B 992 -22.20 6.11 7.94
C CYS B 992 -22.21 4.65 8.39
N ARG B 993 -21.47 3.80 7.69
CA ARG B 993 -21.41 2.39 8.05
C ARG B 993 -20.87 2.21 9.47
N PHE B 994 -19.73 2.82 9.75
CA PHE B 994 -19.14 2.69 11.07
C PHE B 994 -20.08 3.22 12.12
N MET B 995 -20.79 4.30 11.82
CA MET B 995 -21.72 4.85 12.80
C MET B 995 -22.84 3.86 13.09
N PHE B 996 -23.36 3.21 12.05
CA PHE B 996 -24.38 2.18 12.26
C PHE B 996 -23.87 1.10 13.20
N VAL B 997 -22.71 0.53 12.89
CA VAL B 997 -22.21 -0.59 13.69
C VAL B 997 -21.91 -0.13 15.12
N TYR B 998 -21.26 1.02 15.26
CA TYR B 998 -20.95 1.53 16.59
C TYR B 998 -22.21 1.82 17.37
N LEU B 999 -23.26 2.28 16.70
CA LEU B 999 -24.51 2.53 17.38
C LEU B 999 -25.12 1.24 17.88
N VAL B 1000 -25.03 0.18 17.07
CA VAL B 1000 -25.49 -1.12 17.55
C VAL B 1000 -24.73 -1.54 18.80
N PHE B 1001 -23.40 -1.47 18.75
CA PHE B 1001 -22.60 -1.85 19.91
C PHE B 1001 -22.97 -1.03 21.13
N LEU B 1002 -22.95 0.30 20.98
CA LEU B 1002 -23.18 1.17 22.13
C LEU B 1002 -24.57 0.97 22.68
N PHE B 1003 -25.57 0.82 21.81
CA PHE B 1003 -26.93 0.63 22.30
C PHE B 1003 -27.05 -0.68 23.06
N GLY B 1004 -26.50 -1.75 22.53
CA GLY B 1004 -26.57 -3.03 23.22
C GLY B 1004 -25.88 -2.97 24.59
N PHE B 1005 -24.66 -2.43 24.62
CA PHE B 1005 -23.93 -2.44 25.88
C PHE B 1005 -24.53 -1.45 26.87
N SER B 1006 -25.07 -0.33 26.40
CA SER B 1006 -25.76 0.59 27.28
C SER B 1006 -26.99 -0.05 27.87
N THR B 1007 -27.75 -0.79 27.05
CA THR B 1007 -28.92 -1.49 27.55
C THR B 1007 -28.52 -2.52 28.60
N ALA B 1008 -27.45 -3.28 28.33
CA ALA B 1008 -26.97 -4.25 29.30
C ALA B 1008 -26.60 -3.56 30.62
N VAL B 1009 -25.78 -2.51 30.54
CA VAL B 1009 -25.30 -1.87 31.75
C VAL B 1009 -26.47 -1.30 32.54
N VAL B 1010 -27.39 -0.61 31.86
CA VAL B 1010 -28.51 -0.01 32.57
C VAL B 1010 -29.38 -1.08 33.19
N THR B 1011 -29.53 -2.23 32.51
CA THR B 1011 -30.20 -3.35 33.15
C THR B 1011 -29.48 -3.75 34.42
N LEU B 1012 -28.15 -3.66 34.42
CA LEU B 1012 -27.39 -4.08 35.59
C LEU B 1012 -27.51 -3.07 36.73
N ILE B 1013 -27.46 -1.77 36.41
CA ILE B 1013 -27.53 -0.76 37.45
C ILE B 1013 -28.84 -0.90 38.21
N GLU B 1014 -28.82 -0.53 39.48
CA GLU B 1014 -30.00 -0.60 40.34
C GLU B 1014 -30.43 0.77 40.86
N ASP B 1015 -29.53 1.51 41.49
CA ASP B 1015 -29.87 2.77 42.15
C ASP B 1015 -30.95 2.55 43.20
N GLY B 1016 -30.72 1.54 44.04
CA GLY B 1016 -31.67 1.17 45.07
C GLY B 1016 -31.33 1.75 46.43
N LYS B 1017 -30.50 2.79 46.45
CA LYS B 1017 -30.07 3.40 47.71
C LYS B 1017 -31.08 4.44 48.17
N GLY B 1038 -23.95 11.25 41.23
CA GLY B 1038 -23.57 9.86 40.99
C GLY B 1038 -24.60 8.87 41.49
N ASN B 1039 -25.87 9.28 41.45
CA ASN B 1039 -26.98 8.44 41.87
C ASN B 1039 -28.04 8.27 40.80
N SER B 1040 -28.31 9.32 40.01
CA SER B 1040 -29.31 9.25 38.94
C SER B 1040 -28.67 8.83 37.62
N TYR B 1041 -27.94 7.72 37.64
CA TYR B 1041 -27.31 7.19 36.45
C TYR B 1041 -28.16 6.13 35.77
N ASN B 1042 -29.31 5.77 36.34
CA ASN B 1042 -30.16 4.77 35.72
C ASN B 1042 -30.52 5.14 34.30
N SER B 1043 -30.58 6.44 34.01
CA SER B 1043 -31.03 6.88 32.69
C SER B 1043 -30.19 6.22 31.61
N LEU B 1044 -30.86 5.71 30.58
CA LEU B 1044 -30.14 5.15 29.45
C LEU B 1044 -29.30 6.20 28.75
N TYR B 1045 -29.78 7.45 28.74
CA TYR B 1045 -29.00 8.53 28.13
C TYR B 1045 -27.67 8.71 28.83
N SER B 1046 -27.66 8.65 30.16
CA SER B 1046 -26.41 8.81 30.89
C SER B 1046 -25.44 7.69 30.55
N THR B 1047 -25.93 6.45 30.47
CA THR B 1047 -25.05 5.34 30.14
C THR B 1047 -24.50 5.48 28.73
N CYS B 1048 -25.35 5.89 27.78
CA CYS B 1048 -24.87 6.11 26.42
C CYS B 1048 -23.80 7.18 26.40
N LEU B 1049 -24.00 8.26 27.14
CA LEU B 1049 -23.01 9.34 27.19
C LEU B 1049 -21.70 8.84 27.79
N GLU B 1050 -21.79 8.00 28.82
CA GLU B 1050 -20.58 7.54 29.48
C GLU B 1050 -19.77 6.62 28.57
N LEU B 1051 -20.45 5.70 27.88
CA LEU B 1051 -19.75 4.85 26.94
C LEU B 1051 -19.19 5.66 25.78
N PHE B 1052 -19.90 6.72 25.36
CA PHE B 1052 -19.35 7.58 24.32
C PHE B 1052 -18.09 8.27 24.81
N LYS B 1053 -18.09 8.76 26.05
CA LYS B 1053 -16.87 9.31 26.61
C LYS B 1053 -15.75 8.28 26.54
N PHE B 1054 -16.07 7.02 26.86
CA PHE B 1054 -15.11 5.95 26.65
C PHE B 1054 -14.58 5.98 25.22
N THR B 1055 -15.45 6.26 24.25
CA THR B 1055 -15.00 6.29 22.87
C THR B 1055 -14.04 7.44 22.61
N ILE B 1056 -14.25 8.60 23.25
CA ILE B 1056 -13.46 9.79 22.96
C ILE B 1056 -12.32 9.93 23.97
N GLY B 1057 -12.05 8.88 24.73
CA GLY B 1057 -10.92 8.89 25.63
C GLY B 1057 -11.14 9.60 26.94
N MET B 1058 -12.36 9.61 27.46
CA MET B 1058 -12.62 10.15 28.79
C MET B 1058 -13.59 9.26 29.55
N GLY B 1059 -13.43 7.95 29.43
CA GLY B 1059 -14.36 6.99 30.00
C GLY B 1059 -13.88 6.46 31.33
N ASP B 1060 -14.64 6.76 32.38
CA ASP B 1060 -14.27 6.41 33.74
C ASP B 1060 -14.74 4.99 34.02
N LEU B 1061 -13.81 4.06 34.19
CA LEU B 1061 -14.16 2.65 34.33
C LEU B 1061 -14.96 2.36 35.59
N GLU B 1062 -15.01 3.30 36.53
CA GLU B 1062 -15.77 3.14 37.77
C GLU B 1062 -16.69 4.34 37.96
N PHE B 1063 -17.39 4.71 36.89
CA PHE B 1063 -18.27 5.86 36.97
C PHE B 1063 -19.48 5.63 37.85
N THR B 1064 -19.75 4.40 38.26
CA THR B 1064 -20.92 4.12 39.08
C THR B 1064 -20.61 2.96 40.01
N GLU B 1065 -21.11 3.07 41.25
CA GLU B 1065 -20.95 2.02 42.24
C GLU B 1065 -22.28 1.58 42.85
N ASN B 1066 -23.40 1.93 42.19
CA ASN B 1066 -24.70 1.45 42.62
C ASN B 1066 -25.02 0.06 42.07
N TYR B 1067 -24.11 -0.52 41.29
CA TYR B 1067 -24.25 -1.87 40.77
C TYR B 1067 -24.33 -2.88 41.91
N ASP B 1068 -24.46 -4.16 41.55
CA ASP B 1068 -24.46 -5.24 42.54
C ASP B 1068 -23.54 -6.41 42.19
N PHE B 1069 -23.08 -6.55 40.94
CA PHE B 1069 -22.04 -7.51 40.56
C PHE B 1069 -20.87 -6.75 39.94
N LYS B 1070 -19.77 -6.64 40.68
CA LYS B 1070 -18.60 -5.95 40.14
C LYS B 1070 -18.03 -6.70 38.94
N ALA B 1071 -17.97 -8.02 39.02
CA ALA B 1071 -17.42 -8.78 37.92
C ALA B 1071 -18.20 -8.51 36.64
N VAL B 1072 -19.53 -8.52 36.73
CA VAL B 1072 -20.35 -8.33 35.54
C VAL B 1072 -20.13 -6.93 34.97
N PHE B 1073 -20.17 -5.92 35.83
CA PHE B 1073 -20.00 -4.55 35.38
C PHE B 1073 -18.66 -4.36 34.70
N ILE B 1074 -17.59 -4.82 35.34
CA ILE B 1074 -16.25 -4.63 34.80
C ILE B 1074 -16.08 -5.42 33.52
N ILE B 1075 -16.63 -6.63 33.46
CA ILE B 1075 -16.51 -7.42 32.24
C ILE B 1075 -17.24 -6.73 31.09
N LEU B 1076 -18.41 -6.17 31.36
CA LEU B 1076 -19.14 -5.48 30.31
C LEU B 1076 -18.38 -4.25 29.83
N LEU B 1077 -17.87 -3.44 30.76
CA LEU B 1077 -17.12 -2.26 30.35
C LEU B 1077 -15.88 -2.64 29.56
N LEU B 1078 -15.17 -3.68 30.01
CA LEU B 1078 -13.96 -4.10 29.31
C LEU B 1078 -14.29 -4.66 27.94
N ALA B 1079 -15.37 -5.42 27.83
CA ALA B 1079 -15.79 -5.92 26.53
C ALA B 1079 -16.11 -4.76 25.60
N TYR B 1080 -16.82 -3.75 26.11
CA TYR B 1080 -17.13 -2.59 25.28
C TYR B 1080 -15.86 -1.89 24.83
N VAL B 1081 -14.92 -1.70 25.74
CA VAL B 1081 -13.67 -1.00 25.40
C VAL B 1081 -12.92 -1.78 24.34
N ILE B 1082 -12.80 -3.08 24.51
CA ILE B 1082 -12.06 -3.90 23.55
C ILE B 1082 -12.76 -3.87 22.20
N LEU B 1083 -14.09 -3.98 22.20
CA LEU B 1083 -14.80 -4.13 20.94
C LEU B 1083 -14.87 -2.81 20.17
N THR B 1084 -15.04 -1.69 20.88
CA THR B 1084 -15.15 -0.39 20.23
C THR B 1084 -13.81 0.35 20.20
N TYR B 1085 -13.24 0.65 21.37
CA TYR B 1085 -12.12 1.57 21.44
C TYR B 1085 -10.89 0.99 20.75
N ILE B 1086 -10.54 -0.25 21.07
CA ILE B 1086 -9.33 -0.84 20.52
C ILE B 1086 -9.61 -1.61 19.23
N LEU B 1087 -10.81 -2.17 19.09
CA LEU B 1087 -11.12 -2.99 17.92
C LEU B 1087 -11.76 -2.18 16.81
N LEU B 1088 -12.91 -1.54 17.07
CA LEU B 1088 -13.60 -0.84 16.00
C LEU B 1088 -12.81 0.39 15.55
N LEU B 1089 -12.65 1.38 16.44
CA LEU B 1089 -12.03 2.64 16.02
C LEU B 1089 -10.81 2.38 15.15
N ASN B 1090 -9.95 1.45 15.58
CA ASN B 1090 -8.81 1.08 14.75
C ASN B 1090 -9.26 0.38 13.48
N MET B 1091 -10.39 -0.33 13.54
CA MET B 1091 -10.98 -0.92 12.34
C MET B 1091 -11.33 0.16 11.32
N LEU B 1092 -11.96 1.24 11.79
CA LEU B 1092 -12.28 2.38 10.94
C LEU B 1092 -11.02 3.02 10.39
N ILE B 1093 -9.98 3.16 11.21
CA ILE B 1093 -8.74 3.74 10.72
C ILE B 1093 -8.19 2.89 9.57
N ALA B 1094 -8.21 1.57 9.76
CA ALA B 1094 -7.74 0.69 8.69
C ALA B 1094 -8.57 0.85 7.43
N LEU B 1095 -9.90 0.88 7.58
CA LEU B 1095 -10.75 1.04 6.41
C LEU B 1095 -10.49 2.35 5.70
N MET B 1096 -10.34 3.44 6.46
CA MET B 1096 -10.12 4.73 5.83
C MET B 1096 -8.78 4.78 5.13
N GLY B 1097 -7.76 4.14 5.70
CA GLY B 1097 -6.51 4.00 4.97
C GLY B 1097 -6.73 3.30 3.64
N GLU B 1098 -7.52 2.23 3.65
CA GLU B 1098 -7.82 1.54 2.40
C GLU B 1098 -8.53 2.49 1.42
N THR B 1099 -9.51 3.24 1.94
CA THR B 1099 -10.27 4.15 1.08
C THR B 1099 -9.35 5.15 0.39
N VAL B 1100 -8.53 5.86 1.17
CA VAL B 1100 -7.68 6.89 0.57
C VAL B 1100 -6.72 6.25 -0.42
N ASN B 1101 -6.11 5.13 -0.03
CA ASN B 1101 -5.17 4.46 -0.93
C ASN B 1101 -5.83 4.18 -2.27
N LYS B 1102 -7.08 3.74 -2.24
CA LYS B 1102 -7.76 3.45 -3.50
C LYS B 1102 -8.10 4.73 -4.26
N ILE B 1103 -8.68 5.73 -3.58
CA ILE B 1103 -9.47 6.75 -4.27
C ILE B 1103 -8.84 8.13 -4.17
N ALA B 1104 -7.53 8.23 -3.96
CA ALA B 1104 -6.87 9.53 -4.16
C ALA B 1104 -7.23 10.12 -5.52
N GLN B 1105 -6.97 9.36 -6.59
CA GLN B 1105 -7.24 9.86 -7.93
C GLN B 1105 -8.71 10.19 -8.11
N GLU B 1106 -9.58 9.38 -7.51
CA GLU B 1106 -11.01 9.65 -7.63
C GLU B 1106 -11.36 10.99 -7.00
N SER B 1107 -10.77 11.29 -5.84
CA SER B 1107 -11.02 12.59 -5.24
C SER B 1107 -10.54 13.70 -6.15
N LYS B 1108 -9.39 13.50 -6.79
CA LYS B 1108 -8.90 14.49 -7.75
C LYS B 1108 -9.93 14.75 -8.85
N ASN B 1109 -10.41 13.68 -9.47
CA ASN B 1109 -11.34 13.83 -10.59
C ASN B 1109 -12.65 14.46 -10.14
N ILE B 1110 -13.16 14.06 -8.98
CA ILE B 1110 -14.39 14.67 -8.48
C ILE B 1110 -14.18 16.16 -8.25
N TRP B 1111 -13.00 16.55 -7.76
CA TRP B 1111 -12.74 17.98 -7.61
C TRP B 1111 -12.78 18.67 -8.96
N LYS B 1112 -12.17 18.06 -9.97
CA LYS B 1112 -12.21 18.65 -11.31
C LYS B 1112 -13.65 18.87 -11.74
N LEU B 1113 -14.49 17.86 -11.54
CA LEU B 1113 -15.89 17.98 -11.92
C LEU B 1113 -16.57 19.10 -11.13
N GLN B 1114 -16.22 19.24 -9.85
CA GLN B 1114 -16.82 20.30 -9.06
C GLN B 1114 -16.46 21.66 -9.63
N ARG B 1115 -15.21 21.84 -10.05
CA ARG B 1115 -14.84 23.12 -10.65
C ARG B 1115 -15.57 23.34 -11.97
N ALA B 1116 -15.76 22.27 -12.75
CA ALA B 1116 -16.49 22.41 -14.00
C ALA B 1116 -17.91 22.89 -13.75
N ILE B 1117 -18.58 22.30 -12.77
CA ILE B 1117 -19.92 22.76 -12.45
C ILE B 1117 -19.88 24.20 -11.96
N THR B 1118 -18.88 24.54 -11.16
CA THR B 1118 -18.75 25.90 -10.67
C THR B 1118 -18.70 26.89 -11.83
N ILE B 1119 -17.84 26.62 -12.81
CA ILE B 1119 -17.63 27.58 -13.89
C ILE B 1119 -18.87 27.64 -14.78
N LEU B 1120 -19.50 26.50 -15.03
CA LEU B 1120 -20.72 26.53 -15.83
C LEU B 1120 -21.78 27.37 -15.14
N ASP B 1121 -21.96 27.18 -13.83
CA ASP B 1121 -22.94 27.98 -13.10
C ASP B 1121 -22.60 29.46 -13.17
N THR B 1122 -21.32 29.80 -12.99
CA THR B 1122 -20.94 31.20 -13.04
C THR B 1122 -21.30 31.81 -14.39
N GLU B 1123 -20.86 31.17 -15.47
CA GLU B 1123 -21.11 31.72 -16.80
C GLU B 1123 -22.61 31.80 -17.08
N LYS B 1124 -23.40 30.89 -16.50
CA LYS B 1124 -24.84 31.00 -16.61
C LYS B 1124 -25.38 32.18 -15.81
N SER B 1125 -24.70 32.55 -14.72
CA SER B 1125 -25.24 33.57 -13.84
C SER B 1125 -25.32 34.94 -14.52
N PHE B 1126 -24.41 35.23 -15.45
CA PHE B 1126 -24.34 36.53 -16.10
C PHE B 1126 -25.05 36.54 -17.45
N LEU B 1127 -26.12 35.77 -17.58
CA LEU B 1127 -26.88 35.77 -18.83
C LEU B 1127 -27.44 37.15 -19.13
N LYS B 1128 -27.98 37.83 -18.10
CA LYS B 1128 -28.49 39.18 -18.28
C LYS B 1128 -27.44 40.25 -18.04
N CYS B 1129 -26.42 39.95 -17.23
CA CYS B 1129 -25.36 40.93 -17.00
C CYS B 1129 -24.64 41.25 -18.29
N MET B 1130 -24.15 40.23 -18.99
CA MET B 1130 -23.59 40.40 -20.33
C MET B 1130 -23.16 39.04 -20.84
N ARG B 1131 -22.97 38.94 -22.15
CA ARG B 1131 -22.61 37.67 -22.76
C ARG B 1131 -21.45 37.80 -23.74
N LYS B 1132 -21.24 39.00 -24.29
CA LYS B 1132 -20.26 39.16 -25.36
C LYS B 1132 -18.86 38.79 -24.89
N ALA B 1133 -18.45 39.29 -23.74
CA ALA B 1133 -17.11 38.99 -23.23
C ALA B 1133 -17.02 37.59 -22.64
N PHE B 1134 -18.15 36.97 -22.31
CA PHE B 1134 -18.18 35.60 -21.80
C PHE B 1134 -18.32 34.61 -22.95
N ARG B 1135 -17.29 34.57 -23.79
CA ARG B 1135 -17.19 33.60 -24.87
C ARG B 1135 -15.75 33.15 -24.96
N SER B 1136 -15.55 31.87 -25.26
CA SER B 1136 -14.22 31.29 -25.42
C SER B 1136 -13.98 30.96 -26.88
N GLY B 1137 -12.70 30.98 -27.26
CA GLY B 1137 -12.30 30.74 -28.64
C GLY B 1137 -12.33 32.00 -29.48
N LYS B 1138 -11.83 31.86 -30.70
CA LYS B 1138 -11.72 32.97 -31.64
C LYS B 1138 -12.34 32.57 -32.97
N LEU B 1139 -13.10 33.48 -33.57
CA LEU B 1139 -13.68 33.24 -34.88
C LEU B 1139 -12.57 33.19 -35.92
N LEU B 1140 -12.60 32.17 -36.78
CA LEU B 1140 -11.56 31.94 -37.77
C LEU B 1140 -12.18 31.38 -39.04
N GLN B 1141 -11.42 31.53 -40.13
CA GLN B 1141 -11.80 31.02 -41.45
C GLN B 1141 -10.55 30.39 -42.06
N VAL B 1142 -10.49 29.06 -42.05
CA VAL B 1142 -9.31 28.34 -42.51
C VAL B 1142 -9.58 27.72 -43.87
N GLY B 1143 -10.57 26.83 -43.94
CA GLY B 1143 -10.85 26.07 -45.13
C GLY B 1143 -12.11 26.51 -45.83
N PHE B 1144 -12.58 25.67 -46.75
CA PHE B 1144 -13.77 25.94 -47.55
C PHE B 1144 -14.67 24.71 -47.55
N THR B 1145 -15.96 24.95 -47.72
CA THR B 1145 -16.95 23.89 -47.90
C THR B 1145 -17.12 23.60 -49.39
N PRO B 1146 -17.57 22.39 -49.75
CA PRO B 1146 -17.71 22.07 -51.19
C PRO B 1146 -18.56 23.06 -51.96
N ASP B 1147 -19.38 23.83 -51.26
CA ASP B 1147 -20.20 24.87 -51.89
C ASP B 1147 -19.39 26.11 -52.24
N GLY B 1148 -18.07 26.08 -52.10
CA GLY B 1148 -17.26 27.24 -52.43
C GLY B 1148 -17.51 28.44 -51.54
N LYS B 1149 -17.63 28.21 -50.24
CA LYS B 1149 -17.88 29.26 -49.27
C LYS B 1149 -16.91 29.12 -48.10
N ASP B 1150 -16.93 30.11 -47.21
CA ASP B 1150 -16.00 30.19 -46.10
C ASP B 1150 -16.56 29.50 -44.87
N ASP B 1151 -15.65 29.17 -43.94
CA ASP B 1151 -15.98 28.48 -42.70
C ASP B 1151 -15.72 29.43 -41.54
N TYR B 1152 -16.78 30.07 -41.05
CA TYR B 1152 -16.68 30.98 -39.91
C TYR B 1152 -16.91 30.16 -38.65
N ARG B 1153 -15.81 29.65 -38.06
CA ARG B 1153 -15.90 28.74 -36.94
C ARG B 1153 -15.10 29.27 -35.76
N TRP B 1154 -15.63 29.06 -34.56
CA TRP B 1154 -14.98 29.52 -33.33
C TRP B 1154 -13.99 28.46 -32.88
N CYS B 1155 -12.74 28.63 -33.27
CA CYS B 1155 -11.71 27.66 -32.96
C CYS B 1155 -10.96 28.04 -31.69
N PHE B 1156 -9.95 27.24 -31.35
CA PHE B 1156 -9.14 27.48 -30.16
C PHE B 1156 -7.83 26.74 -30.33
N ARG B 1157 -6.73 27.48 -30.45
CA ARG B 1157 -5.44 26.89 -30.76
C ARG B 1157 -4.93 26.03 -29.61
N VAL B 1158 -4.10 25.05 -29.97
CA VAL B 1158 -3.39 24.23 -29.00
C VAL B 1158 -2.03 23.90 -29.59
N ASP B 1159 -0.96 24.40 -28.98
CA ASP B 1159 0.38 24.10 -29.43
C ASP B 1159 0.87 22.80 -28.79
N GLU B 1160 1.56 21.99 -29.59
CA GLU B 1160 2.09 20.72 -29.13
C GLU B 1160 3.50 20.54 -29.68
N VAL B 1161 4.32 19.80 -28.93
CA VAL B 1161 5.74 19.62 -29.25
C VAL B 1161 6.00 18.12 -29.30
N ASN B 1162 6.10 17.56 -30.50
CA ASN B 1162 6.33 16.13 -30.70
C ASN B 1162 7.59 15.95 -31.52
N TRP B 1163 8.55 15.22 -30.96
CA TRP B 1163 9.88 15.08 -31.55
C TRP B 1163 10.02 13.83 -32.41
N THR B 1164 8.94 13.11 -32.67
CA THR B 1164 9.04 11.85 -33.40
C THR B 1164 8.17 11.79 -34.64
N THR B 1165 6.98 12.39 -34.62
CA THR B 1165 6.06 12.28 -35.76
C THR B 1165 6.75 12.67 -37.06
N TRP B 1166 7.21 13.91 -37.15
CA TRP B 1166 8.04 14.37 -38.26
C TRP B 1166 7.40 14.08 -39.62
N ASN B 1167 6.09 14.35 -39.70
CA ASN B 1167 5.38 14.23 -40.97
C ASN B 1167 3.94 14.74 -40.84
N SER C 611 11.29 44.40 -39.52
CA SER C 611 10.09 43.59 -39.86
C SER C 611 10.36 42.11 -39.61
N TYR C 612 9.28 41.34 -39.43
CA TYR C 612 9.43 39.92 -39.11
C TYR C 612 10.11 39.16 -40.25
N TYR C 613 9.73 39.46 -41.49
CA TYR C 613 10.22 38.70 -42.64
C TYR C 613 11.50 39.32 -43.22
N LYS C 614 12.48 39.56 -42.35
CA LYS C 614 13.80 40.02 -42.78
C LYS C 614 14.89 39.19 -42.12
N GLY C 615 14.65 38.73 -40.89
CA GLY C 615 15.61 37.88 -40.22
C GLY C 615 15.72 36.52 -40.88
N GLN C 616 14.61 35.98 -41.36
CA GLN C 616 14.61 34.66 -41.98
C GLN C 616 15.11 34.75 -43.41
N THR C 617 15.39 33.58 -43.98
CA THR C 617 15.89 33.45 -45.34
C THR C 617 15.45 32.11 -45.88
N ALA C 618 15.61 31.94 -47.19
CA ALA C 618 15.23 30.67 -47.81
C ALA C 618 16.05 29.51 -47.25
N LEU C 619 17.25 29.79 -46.73
CA LEU C 619 18.11 28.72 -46.24
C LEU C 619 17.51 28.03 -45.02
N HIS C 620 17.12 28.81 -44.02
CA HIS C 620 16.59 28.19 -42.80
C HIS C 620 15.33 27.41 -43.09
N ILE C 621 14.43 27.95 -43.92
CA ILE C 621 13.22 27.23 -44.27
C ILE C 621 13.56 25.96 -45.02
N ALA C 622 14.46 26.05 -46.01
CA ALA C 622 14.89 24.87 -46.74
C ALA C 622 15.38 23.80 -45.78
N ILE C 623 16.06 24.22 -44.72
CA ILE C 623 16.43 23.27 -43.67
C ILE C 623 15.18 22.73 -42.98
N GLU C 624 14.21 23.62 -42.71
CA GLU C 624 13.04 23.23 -41.93
C GLU C 624 12.30 22.09 -42.60
N ARG C 625 12.15 22.14 -43.93
CA ARG C 625 11.55 21.02 -44.66
C ARG C 625 12.41 19.77 -44.59
N ARG C 626 13.66 19.89 -44.14
CA ARG C 626 14.58 18.76 -44.03
C ARG C 626 15.02 18.27 -45.40
N ASN C 627 15.07 19.17 -46.38
CA ASN C 627 15.43 18.83 -47.74
C ASN C 627 16.93 19.10 -47.89
N MET C 628 17.72 18.03 -47.80
CA MET C 628 19.16 18.17 -48.00
C MET C 628 19.48 18.68 -49.39
N THR C 629 18.79 18.15 -50.41
CA THR C 629 19.02 18.62 -51.77
C THR C 629 18.69 20.10 -51.90
N LEU C 630 17.57 20.52 -51.33
CA LEU C 630 17.17 21.93 -51.45
C LEU C 630 18.19 22.85 -50.78
N VAL C 631 18.64 22.49 -49.57
CA VAL C 631 19.56 23.36 -48.86
C VAL C 631 20.92 23.39 -49.55
N THR C 632 21.41 22.24 -50.00
CA THR C 632 22.71 22.21 -50.67
C THR C 632 22.65 22.96 -51.99
N LEU C 633 21.53 22.87 -52.71
CA LEU C 633 21.39 23.67 -53.93
C LEU C 633 21.35 25.15 -53.62
N LEU C 634 20.54 25.53 -52.63
CA LEU C 634 20.44 26.94 -52.25
C LEU C 634 21.81 27.50 -51.91
N VAL C 635 22.58 26.77 -51.09
CA VAL C 635 23.92 27.22 -50.74
C VAL C 635 24.92 26.96 -51.86
N GLU C 636 24.52 26.29 -52.93
CA GLU C 636 25.45 26.05 -54.04
C GLU C 636 25.88 27.36 -54.69
N ASN C 637 24.93 28.26 -54.92
CA ASN C 637 25.26 29.56 -55.50
C ASN C 637 26.13 30.41 -54.59
N GLY C 638 26.25 30.04 -53.31
CA GLY C 638 27.06 30.79 -52.37
C GLY C 638 26.22 31.53 -51.36
N ALA C 639 25.09 30.93 -50.97
CA ALA C 639 24.20 31.57 -50.01
C ALA C 639 24.91 31.76 -48.68
N ASP C 640 24.63 32.89 -48.02
CA ASP C 640 25.27 33.19 -46.75
C ASP C 640 24.86 32.18 -45.68
N VAL C 641 25.79 31.85 -44.79
CA VAL C 641 25.54 30.91 -43.70
C VAL C 641 25.51 31.60 -42.35
N GLN C 642 25.94 32.86 -42.26
CA GLN C 642 25.96 33.59 -41.00
C GLN C 642 24.63 34.27 -40.70
N ALA C 643 23.61 34.05 -41.53
CA ALA C 643 22.32 34.71 -41.33
C ALA C 643 21.79 34.38 -39.94
N ALA C 644 21.31 35.42 -39.25
CA ALA C 644 20.84 35.30 -37.88
C ALA C 644 19.34 35.53 -37.84
N ALA C 645 18.61 34.58 -37.23
CA ALA C 645 17.16 34.69 -37.08
C ALA C 645 16.84 35.41 -35.77
N ASN C 646 17.07 36.72 -35.79
CA ASN C 646 16.82 37.57 -34.62
C ASN C 646 15.37 38.02 -34.55
N GLY C 647 14.45 37.05 -34.58
CA GLY C 647 13.02 37.31 -34.54
C GLY C 647 12.42 36.86 -33.22
N ASP C 648 11.44 37.61 -32.74
CA ASP C 648 10.80 37.27 -31.48
C ASP C 648 10.17 35.89 -31.52
N PHE C 649 9.74 35.44 -32.70
CA PHE C 649 9.17 34.10 -32.81
C PHE C 649 10.19 33.03 -32.43
N PHE C 650 11.48 33.30 -32.64
CA PHE C 650 12.53 32.35 -32.33
C PHE C 650 13.11 32.55 -30.93
N LYS C 651 12.61 33.51 -30.16
CA LYS C 651 13.18 33.78 -28.85
C LYS C 651 12.86 32.64 -27.88
N LYS C 652 13.64 32.58 -26.80
CA LYS C 652 13.54 31.48 -25.84
C LYS C 652 12.29 31.53 -24.98
N THR C 653 11.51 32.61 -25.03
CA THR C 653 10.34 32.72 -24.16
C THR C 653 9.43 31.52 -24.35
N LYS C 654 9.11 30.84 -23.25
CA LYS C 654 8.22 29.69 -23.28
C LYS C 654 6.75 30.07 -23.21
N GLY C 655 6.44 31.31 -22.86
CA GLY C 655 5.07 31.79 -22.83
C GLY C 655 4.52 32.24 -24.16
N ARG C 656 5.31 32.13 -25.22
CA ARG C 656 4.92 32.55 -26.56
C ARG C 656 5.15 31.41 -27.54
N PRO C 657 4.42 31.39 -28.65
CA PRO C 657 4.60 30.29 -29.61
C PRO C 657 5.99 30.31 -30.22
N GLY C 658 6.45 29.12 -30.59
CA GLY C 658 7.76 28.95 -31.18
C GLY C 658 8.78 28.44 -30.18
N PHE C 659 9.91 27.97 -30.72
CA PHE C 659 10.99 27.41 -29.91
C PHE C 659 12.32 27.96 -30.42
N TYR C 660 13.22 28.24 -29.47
CA TYR C 660 14.52 28.79 -29.82
C TYR C 660 15.48 27.67 -30.21
N PHE C 661 16.09 27.81 -31.38
CA PHE C 661 17.05 26.83 -31.88
C PHE C 661 18.39 27.43 -32.26
N GLY C 662 18.58 28.72 -32.07
CA GLY C 662 19.84 29.38 -32.37
C GLY C 662 19.74 30.18 -33.66
N GLU C 663 20.32 31.38 -33.64
CA GLU C 663 20.21 32.27 -34.80
C GLU C 663 20.90 31.68 -36.01
N LEU C 664 22.10 31.14 -35.84
CA LEU C 664 22.81 30.56 -36.98
C LEU C 664 22.03 29.37 -37.50
N PRO C 665 21.89 29.23 -38.83
CA PRO C 665 21.13 28.08 -39.34
C PRO C 665 21.71 26.76 -38.89
N LEU C 666 23.03 26.66 -38.78
CA LEU C 666 23.64 25.45 -38.24
C LEU C 666 23.09 25.15 -36.86
N SER C 667 22.78 26.18 -36.08
CA SER C 667 22.15 25.95 -34.79
C SER C 667 20.78 25.30 -34.97
N LEU C 668 20.02 25.75 -35.96
CA LEU C 668 18.75 25.10 -36.25
C LEU C 668 18.96 23.63 -36.61
N ALA C 669 19.88 23.37 -37.54
CA ALA C 669 20.08 22.00 -38.02
C ALA C 669 20.54 21.08 -36.90
N ALA C 670 21.48 21.54 -36.08
CA ALA C 670 21.92 20.75 -34.94
C ALA C 670 20.77 20.56 -33.96
N CYS C 671 19.96 21.61 -33.76
CA CYS C 671 18.75 21.45 -32.96
C CYS C 671 17.84 20.40 -33.57
N THR C 672 17.71 20.39 -34.88
CA THR C 672 17.10 19.28 -35.58
C THR C 672 18.06 18.10 -35.62
N ASN C 673 17.57 16.95 -36.06
CA ASN C 673 18.39 15.76 -36.19
C ASN C 673 19.08 15.68 -37.55
N GLN C 674 19.19 16.80 -38.26
CA GLN C 674 19.71 16.81 -39.63
C GLN C 674 21.22 16.62 -39.59
N LEU C 675 21.63 15.36 -39.42
CA LEU C 675 23.04 15.02 -39.47
C LEU C 675 23.66 15.44 -40.80
N ALA C 676 22.95 15.19 -41.90
CA ALA C 676 23.50 15.50 -43.22
C ALA C 676 23.80 16.99 -43.36
N ILE C 677 22.89 17.84 -42.88
CA ILE C 677 23.06 19.28 -43.07
C ILE C 677 24.27 19.77 -42.28
N VAL C 678 24.37 19.39 -41.00
CA VAL C 678 25.52 19.81 -40.21
C VAL C 678 26.80 19.31 -40.87
N LYS C 679 26.80 18.05 -41.30
CA LYS C 679 27.98 17.49 -41.96
C LYS C 679 28.37 18.31 -43.17
N PHE C 680 27.42 18.55 -44.08
CA PHE C 680 27.75 19.23 -45.32
C PHE C 680 28.22 20.66 -45.06
N LEU C 681 27.44 21.43 -44.30
CA LEU C 681 27.80 22.83 -44.08
C LEU C 681 29.15 22.92 -43.39
N LEU C 682 29.43 22.03 -42.44
CA LEU C 682 30.75 22.03 -41.83
C LEU C 682 31.83 21.56 -42.80
N GLN C 683 31.46 20.82 -43.84
CA GLN C 683 32.41 20.29 -44.81
C GLN C 683 32.29 20.93 -46.18
N ASN C 684 31.41 21.93 -46.33
CA ASN C 684 31.23 22.56 -47.63
C ASN C 684 32.51 23.25 -48.08
N SER C 685 32.73 23.26 -49.40
CA SER C 685 33.94 23.87 -49.93
C SER C 685 33.95 25.38 -49.71
N TRP C 686 32.80 26.03 -49.70
CA TRP C 686 32.69 27.46 -49.56
C TRP C 686 31.87 27.83 -48.32
N GLN C 687 32.46 28.67 -47.47
CA GLN C 687 31.77 29.24 -46.32
C GLN C 687 31.24 28.19 -45.35
N PRO C 688 32.10 27.28 -44.85
CA PRO C 688 31.67 26.45 -43.71
C PRO C 688 31.33 27.32 -42.50
N ALA C 689 30.06 27.33 -42.10
CA ALA C 689 29.64 28.19 -41.01
C ALA C 689 30.46 27.90 -39.77
N ASP C 690 31.02 28.96 -39.19
CA ASP C 690 31.86 28.78 -38.01
C ASP C 690 31.07 28.13 -36.89
N ILE C 691 31.66 27.10 -36.28
CA ILE C 691 30.98 26.41 -35.19
C ILE C 691 30.95 27.29 -33.95
N SER C 692 32.06 27.96 -33.64
CA SER C 692 32.15 28.83 -32.48
C SER C 692 31.48 30.15 -32.81
N ALA C 693 30.19 30.27 -32.47
CA ALA C 693 29.43 31.48 -32.70
C ALA C 693 28.55 31.76 -31.51
N ARG C 694 28.68 32.95 -30.94
CA ARG C 694 27.78 33.39 -29.88
C ARG C 694 26.50 33.91 -30.50
N ASP C 695 25.38 33.29 -30.16
CA ASP C 695 24.09 33.74 -30.65
C ASP C 695 23.69 35.03 -29.92
N SER C 696 22.53 35.57 -30.30
CA SER C 696 22.09 36.85 -29.74
C SER C 696 22.12 36.81 -28.22
N VAL C 697 21.71 35.69 -27.62
CA VAL C 697 21.68 35.54 -26.18
C VAL C 697 23.05 35.05 -25.70
N GLY C 698 24.04 35.07 -26.59
CA GLY C 698 25.38 34.62 -26.25
C GLY C 698 25.58 33.13 -26.32
N ASN C 699 24.56 32.37 -26.68
CA ASN C 699 24.61 30.92 -26.64
C ASN C 699 25.31 30.37 -27.87
N THR C 700 26.31 29.51 -27.66
CA THR C 700 26.91 28.75 -28.73
C THR C 700 25.92 27.70 -29.23
N VAL C 701 26.20 27.15 -30.41
CA VAL C 701 25.39 26.03 -30.90
C VAL C 701 25.21 25.00 -29.78
N LEU C 702 26.27 24.72 -29.03
CA LEU C 702 26.18 23.79 -27.91
C LEU C 702 25.15 24.24 -26.88
N HIS C 703 25.20 25.50 -26.50
CA HIS C 703 24.25 25.99 -25.52
C HIS C 703 22.84 25.77 -26.01
N ALA C 704 22.60 26.03 -27.30
CA ALA C 704 21.29 25.77 -27.88
C ALA C 704 20.94 24.30 -27.78
N LEU C 705 21.90 23.40 -28.06
CA LEU C 705 21.59 21.98 -27.97
C LEU C 705 21.13 21.61 -26.57
N VAL C 706 21.94 21.97 -25.56
CA VAL C 706 21.59 21.61 -24.20
C VAL C 706 20.24 22.20 -23.84
N GLU C 707 19.97 23.43 -24.30
CA GLU C 707 18.68 24.04 -24.05
C GLU C 707 17.56 23.19 -24.63
N VAL C 708 17.72 22.75 -25.88
CA VAL C 708 16.66 22.02 -26.56
C VAL C 708 16.38 20.71 -25.84
N ALA C 709 17.41 20.10 -25.27
CA ALA C 709 17.22 18.81 -24.61
C ALA C 709 16.11 18.89 -23.58
N ASP C 710 15.56 17.73 -23.25
CA ASP C 710 14.51 17.61 -22.25
C ASP C 710 14.77 16.38 -21.40
N ASN C 711 13.77 15.94 -20.64
CA ASN C 711 13.84 14.66 -19.97
C ASN C 711 13.33 13.52 -20.83
N THR C 712 12.98 13.79 -22.10
CA THR C 712 12.45 12.75 -22.96
C THR C 712 13.57 11.85 -23.47
N VAL C 713 13.31 10.54 -23.45
CA VAL C 713 14.35 9.56 -23.78
C VAL C 713 14.84 9.77 -25.21
N ASP C 714 13.93 9.86 -26.17
CA ASP C 714 14.36 10.09 -27.55
C ASP C 714 15.09 11.42 -27.67
N ASN C 715 14.60 12.44 -26.95
CA ASN C 715 15.32 13.71 -26.90
C ASN C 715 16.71 13.50 -26.33
N THR C 716 16.82 12.70 -25.26
CA THR C 716 18.13 12.40 -24.72
C THR C 716 19.03 11.78 -25.78
N LYS C 717 18.50 10.81 -26.52
CA LYS C 717 19.30 10.13 -27.53
C LYS C 717 19.79 11.13 -28.57
N PHE C 718 18.88 11.95 -29.10
CA PHE C 718 19.25 12.87 -30.14
C PHE C 718 20.29 13.87 -29.64
N VAL C 719 19.98 14.56 -28.54
CA VAL C 719 20.85 15.64 -28.06
C VAL C 719 22.09 15.13 -27.37
N THR C 720 22.24 13.82 -27.22
CA THR C 720 23.49 13.23 -26.75
C THR C 720 24.35 12.75 -27.91
N SER C 721 23.79 11.93 -28.79
CA SER C 721 24.55 11.46 -29.95
C SER C 721 25.06 12.62 -30.76
N MET C 722 24.18 13.57 -31.11
CA MET C 722 24.64 14.68 -31.92
C MET C 722 25.57 15.59 -31.14
N TYR C 723 25.43 15.63 -29.81
CA TYR C 723 26.33 16.49 -29.05
C TYR C 723 27.75 15.97 -29.19
N ASN C 724 27.92 14.68 -28.91
CA ASN C 724 29.24 14.07 -29.09
C ASN C 724 29.76 14.28 -30.50
N GLU C 725 28.91 13.98 -31.49
CA GLU C 725 29.35 14.13 -32.87
C GLU C 725 29.89 15.52 -33.12
N ILE C 726 29.13 16.54 -32.74
CA ILE C 726 29.56 17.88 -33.10
C ILE C 726 30.81 18.24 -32.34
N LEU C 727 30.98 17.75 -31.10
CA LEU C 727 32.27 17.93 -30.45
C LEU C 727 33.39 17.42 -31.32
N ILE C 728 33.27 16.16 -31.76
CA ILE C 728 34.34 15.58 -32.55
C ILE C 728 34.59 16.43 -33.78
N LEU C 729 33.51 16.89 -34.41
CA LEU C 729 33.65 17.63 -35.66
C LEU C 729 34.34 18.97 -35.43
N GLY C 730 33.87 19.73 -34.44
CA GLY C 730 34.51 21.00 -34.14
C GLY C 730 35.97 20.82 -33.79
N ALA C 731 36.28 19.76 -33.05
CA ALA C 731 37.68 19.43 -32.79
C ALA C 731 38.41 19.20 -34.11
N LYS C 732 37.78 18.48 -35.04
CA LYS C 732 38.44 18.20 -36.31
C LYS C 732 38.76 19.49 -37.04
N LEU C 733 37.77 20.36 -37.21
CA LEU C 733 38.01 21.65 -37.85
C LEU C 733 38.99 22.47 -37.01
N HIS C 734 38.73 22.58 -35.72
CA HIS C 734 39.62 23.28 -34.79
C HIS C 734 39.97 22.32 -33.65
N PRO C 735 41.07 21.58 -33.76
CA PRO C 735 41.50 20.75 -32.62
C PRO C 735 41.80 21.54 -31.37
N THR C 736 42.28 22.79 -31.51
CA THR C 736 42.73 23.59 -30.39
C THR C 736 41.72 24.66 -29.99
N LEU C 737 40.43 24.40 -30.22
CA LEU C 737 39.37 25.34 -29.90
C LEU C 737 38.55 24.81 -28.73
N LYS C 738 38.39 25.62 -27.70
CA LYS C 738 37.68 25.22 -26.49
C LYS C 738 36.19 25.48 -26.64
N LEU C 739 35.62 24.86 -27.68
CA LEU C 739 34.25 25.17 -28.07
C LEU C 739 33.27 25.03 -26.92
N GLU C 740 33.50 24.07 -26.02
CA GLU C 740 32.65 23.98 -24.84
C GLU C 740 32.79 25.21 -23.96
N GLU C 741 34.01 25.74 -23.86
CA GLU C 741 34.31 26.71 -22.82
C GLU C 741 33.69 28.07 -23.05
N ILE C 742 33.27 28.36 -24.28
CA ILE C 742 32.64 29.66 -24.57
C ILE C 742 31.40 29.80 -23.70
N THR C 743 31.26 30.96 -23.06
CA THR C 743 30.15 31.23 -22.17
C THR C 743 29.20 32.24 -22.79
N ASN C 744 27.93 32.13 -22.44
CA ASN C 744 26.90 33.02 -22.97
C ASN C 744 26.91 34.33 -22.19
N ARG C 745 25.97 35.22 -22.50
CA ARG C 745 25.83 36.46 -21.74
C ARG C 745 25.60 36.15 -20.27
N LYS C 746 24.72 35.20 -19.96
CA LYS C 746 24.59 34.72 -18.60
C LYS C 746 25.91 34.14 -18.10
N GLY C 747 26.79 33.74 -19.01
CA GLY C 747 28.12 33.33 -18.63
C GLY C 747 28.22 31.90 -18.17
N LEU C 748 27.60 30.97 -18.89
CA LEU C 748 27.49 29.58 -18.45
C LEU C 748 27.96 28.68 -19.58
N THR C 749 28.81 27.71 -19.27
CA THR C 749 29.25 26.75 -20.27
C THR C 749 28.24 25.62 -20.39
N PRO C 750 28.27 24.88 -21.51
CA PRO C 750 27.24 23.87 -21.73
C PRO C 750 27.05 22.91 -20.56
N LEU C 751 28.15 22.47 -19.98
CA LEU C 751 28.02 21.66 -18.77
C LEU C 751 27.16 22.52 -17.85
N ALA C 752 27.66 23.70 -17.55
CA ALA C 752 26.98 24.62 -16.63
C ALA C 752 25.54 24.84 -17.02
N LEU C 753 25.22 24.72 -18.30
CA LEU C 753 23.86 25.04 -18.78
C LEU C 753 22.96 23.87 -18.41
N ALA C 754 23.40 22.65 -18.66
CA ALA C 754 22.59 21.48 -18.30
C ALA C 754 22.47 21.53 -16.80
N ALA C 755 23.49 22.08 -16.15
CA ALA C 755 23.54 22.14 -14.68
C ALA C 755 22.48 23.09 -14.18
N SER C 756 22.44 24.29 -14.72
CA SER C 756 21.50 25.34 -14.25
C SER C 756 20.09 25.11 -14.79
N SER C 757 19.96 24.36 -15.88
CA SER C 757 18.65 24.06 -16.50
C SER C 757 18.13 22.78 -15.87
N GLY C 758 18.96 21.74 -15.91
CA GLY C 758 18.59 20.45 -15.33
C GLY C 758 18.50 19.40 -16.39
N LYS C 759 19.26 19.52 -17.46
CA LYS C 759 19.33 18.44 -18.48
C LYS C 759 20.10 17.30 -17.82
N ILE C 760 19.41 16.26 -17.38
CA ILE C 760 20.10 15.19 -16.62
C ILE C 760 20.67 14.25 -17.69
N GLY C 761 20.07 14.21 -18.89
CA GLY C 761 20.64 13.37 -19.94
C GLY C 761 21.94 13.94 -20.48
N VAL C 762 21.92 15.24 -20.83
CA VAL C 762 23.12 15.87 -21.36
C VAL C 762 24.21 15.91 -20.29
N LEU C 763 23.83 16.24 -19.06
CA LEU C 763 24.79 16.25 -17.97
C LEU C 763 25.50 14.92 -17.86
N ALA C 764 24.73 13.84 -17.80
CA ALA C 764 25.33 12.52 -17.69
C ALA C 764 26.21 12.23 -18.89
N TYR C 765 25.70 12.51 -20.10
CA TYR C 765 26.49 12.24 -21.28
C TYR C 765 27.85 12.87 -21.18
N ILE C 766 27.91 14.10 -20.68
CA ILE C 766 29.20 14.78 -20.55
C ILE C 766 30.02 14.12 -19.45
N LEU C 767 29.45 14.01 -18.25
CA LEU C 767 30.22 13.59 -17.08
C LEU C 767 30.79 12.19 -17.24
N GLN C 768 30.16 11.33 -18.02
CA GLN C 768 30.68 10.00 -18.29
C GLN C 768 31.30 9.90 -19.68
N ARG C 769 31.59 11.04 -20.31
CA ARG C 769 31.95 11.04 -21.72
C ARG C 769 33.26 10.28 -21.94
N GLU C 770 33.21 9.28 -22.81
CA GLU C 770 34.33 8.42 -23.16
C GLU C 770 34.47 8.37 -24.67
N ILE C 771 35.70 8.29 -25.16
CA ILE C 771 35.98 8.15 -26.58
C ILE C 771 37.05 7.09 -26.78
N HIS C 772 36.86 6.25 -27.80
CA HIS C 772 37.80 5.18 -28.09
C HIS C 772 38.83 5.56 -29.15
N GLU C 773 38.58 6.60 -29.93
CA GLU C 773 39.54 7.00 -30.97
C GLU C 773 40.79 7.58 -30.31
N PRO C 774 41.97 7.00 -30.53
CA PRO C 774 43.17 7.54 -29.86
C PRO C 774 43.44 8.99 -30.18
N GLU C 775 43.17 9.41 -31.42
CA GLU C 775 43.53 10.77 -31.84
C GLU C 775 42.66 11.80 -31.13
N CYS C 776 41.35 11.57 -31.07
CA CYS C 776 40.41 12.54 -30.56
C CYS C 776 39.90 12.20 -29.16
N ARG C 777 40.55 11.29 -28.45
CA ARG C 777 40.14 10.96 -27.09
C ARG C 777 40.40 12.09 -26.10
N HIS C 778 41.06 13.16 -26.54
CA HIS C 778 41.28 14.32 -25.69
C HIS C 778 39.99 14.82 -25.05
N LEU C 779 38.99 15.09 -25.88
CA LEU C 779 37.79 15.75 -25.38
C LEU C 779 36.90 14.71 -24.76
N SER C 780 37.44 13.90 -23.86
CA SER C 780 36.73 12.77 -23.30
C SER C 780 36.74 12.92 -21.78
N ARG C 781 35.56 12.81 -21.18
CA ARG C 781 35.44 13.13 -19.77
C ARG C 781 35.71 11.95 -18.86
N LYS C 782 35.70 10.73 -19.38
CA LYS C 782 36.05 9.55 -18.61
C LYS C 782 37.25 8.86 -19.27
N PHE C 783 38.29 8.61 -18.49
CA PHE C 783 39.50 7.90 -18.93
C PHE C 783 39.58 6.57 -18.19
N THR C 784 39.15 5.50 -18.85
CA THR C 784 39.38 4.17 -18.30
C THR C 784 40.87 3.87 -18.30
N GLU C 785 41.35 3.28 -17.20
CA GLU C 785 42.79 3.06 -17.03
C GLU C 785 43.20 1.68 -17.49
N TRP C 786 42.64 0.63 -16.89
CA TRP C 786 42.98 -0.74 -17.24
C TRP C 786 41.85 -1.65 -16.80
N ALA C 787 41.92 -2.90 -17.25
CA ALA C 787 40.91 -3.91 -16.91
C ALA C 787 41.61 -5.25 -16.73
N TYR C 788 41.86 -5.62 -15.48
CA TYR C 788 42.39 -6.94 -15.14
C TYR C 788 41.21 -7.85 -14.83
N GLY C 789 40.56 -8.34 -15.88
CA GLY C 789 39.36 -9.11 -15.74
C GLY C 789 38.19 -8.21 -15.38
N PRO C 790 37.09 -8.80 -14.89
CA PRO C 790 35.92 -7.99 -14.54
C PRO C 790 36.28 -6.75 -13.74
N VAL C 791 37.35 -6.82 -12.95
CA VAL C 791 37.82 -5.67 -12.19
C VAL C 791 38.50 -4.70 -13.15
N HIS C 792 38.11 -3.43 -13.10
CA HIS C 792 38.74 -2.42 -13.93
C HIS C 792 38.54 -1.04 -13.32
N SER C 793 39.57 -0.21 -13.45
CA SER C 793 39.57 1.14 -12.94
C SER C 793 38.65 2.03 -13.79
N SER C 794 38.46 3.27 -13.30
CA SER C 794 37.77 4.30 -14.06
C SER C 794 38.11 5.65 -13.45
N LEU C 795 38.67 6.54 -14.27
CA LEU C 795 38.98 7.90 -13.86
C LEU C 795 37.94 8.87 -14.41
N TYR C 796 38.06 10.14 -14.03
CA TYR C 796 37.17 11.18 -14.53
C TYR C 796 37.95 12.46 -14.68
N ASP C 797 37.24 13.57 -14.94
CA ASP C 797 37.86 14.84 -15.31
C ASP C 797 37.86 15.87 -14.19
N LEU C 798 36.69 16.17 -13.63
CA LEU C 798 36.58 17.11 -12.52
C LEU C 798 37.18 18.48 -12.86
N SER C 799 37.05 18.92 -14.11
CA SER C 799 37.65 20.19 -14.50
C SER C 799 37.02 21.35 -13.75
N CYS C 800 35.69 21.44 -13.78
CA CYS C 800 34.96 22.44 -13.01
C CYS C 800 33.96 21.80 -12.07
N ILE C 801 33.90 20.47 -12.02
CA ILE C 801 33.08 19.79 -11.03
C ILE C 801 33.32 20.42 -9.68
N ASP C 802 34.58 20.39 -9.26
CA ASP C 802 35.00 20.95 -7.99
C ASP C 802 34.87 22.47 -7.98
N THR C 803 34.86 23.03 -6.77
CA THR C 803 34.68 24.45 -6.57
C THR C 803 35.96 25.21 -6.94
N CYS C 804 36.33 25.19 -8.21
CA CYS C 804 37.50 25.91 -8.69
C CYS C 804 37.17 26.88 -9.82
N GLU C 805 35.88 27.07 -10.11
CA GLU C 805 35.45 27.87 -11.24
C GLU C 805 34.48 28.95 -10.76
N LYS C 806 34.06 29.81 -11.69
CA LYS C 806 33.09 30.85 -11.35
C LYS C 806 31.77 30.25 -10.88
N ASN C 807 31.29 29.21 -11.55
CA ASN C 807 30.15 28.45 -11.03
C ASN C 807 30.43 26.97 -11.25
N SER C 808 30.47 26.21 -10.17
CA SER C 808 30.80 24.79 -10.21
C SER C 808 29.51 23.98 -10.20
N VAL C 809 29.44 22.99 -11.10
CA VAL C 809 28.18 22.29 -11.33
C VAL C 809 27.58 21.80 -10.03
N LEU C 810 28.41 21.40 -9.07
CA LEU C 810 27.87 21.16 -7.74
C LEU C 810 27.26 22.42 -7.17
N GLU C 811 27.93 23.56 -7.34
CA GLU C 811 27.35 24.81 -6.86
C GLU C 811 26.05 25.12 -7.58
N VAL C 812 26.03 24.88 -8.90
CA VAL C 812 24.83 25.20 -9.68
C VAL C 812 23.66 24.35 -9.23
N ILE C 813 23.89 23.05 -9.07
CA ILE C 813 22.83 22.18 -8.60
C ILE C 813 22.42 22.56 -7.19
N ALA C 814 23.39 22.89 -6.34
CA ALA C 814 23.10 23.16 -4.95
C ALA C 814 22.21 24.38 -4.79
N TYR C 815 22.59 25.50 -5.40
CA TYR C 815 21.91 26.75 -5.16
C TYR C 815 20.74 26.98 -6.10
N SER C 816 20.56 26.14 -7.10
CA SER C 816 19.43 26.30 -8.02
C SER C 816 18.12 26.11 -7.29
N SER C 817 17.16 26.96 -7.60
CA SER C 817 15.87 26.90 -6.94
C SER C 817 15.14 25.61 -7.30
N SER C 818 14.03 25.36 -6.61
CA SER C 818 13.23 24.17 -6.86
C SER C 818 12.50 24.22 -8.18
N GLU C 819 12.50 25.36 -8.87
CA GLU C 819 11.86 25.43 -10.18
C GLU C 819 12.54 24.48 -11.16
N THR C 820 13.86 24.41 -11.12
CA THR C 820 14.59 23.49 -11.99
C THR C 820 14.16 22.06 -11.67
N PRO C 821 13.73 21.28 -12.66
CA PRO C 821 13.29 19.92 -12.35
C PRO C 821 14.45 18.94 -12.26
N ASN C 822 14.21 17.87 -11.52
CA ASN C 822 15.19 16.80 -11.32
C ASN C 822 16.41 17.26 -10.54
N ARG C 823 16.30 18.38 -9.80
CA ARG C 823 17.47 18.96 -9.16
C ARG C 823 18.13 17.97 -8.22
N HIS C 824 17.36 17.39 -7.30
CA HIS C 824 17.94 16.42 -6.37
C HIS C 824 18.23 15.09 -7.03
N ASP C 825 17.69 14.84 -8.22
CA ASP C 825 17.89 13.58 -8.90
C ASP C 825 19.18 13.54 -9.71
N MET C 826 19.69 14.68 -10.13
CA MET C 826 20.89 14.71 -10.97
C MET C 826 22.11 14.23 -10.20
N LEU C 827 22.21 14.55 -8.92
CA LEU C 827 23.39 14.19 -8.14
C LEU C 827 23.71 12.70 -8.22
N LEU C 828 22.76 11.88 -8.67
CA LEU C 828 22.99 10.44 -8.71
C LEU C 828 24.01 10.02 -9.74
N VAL C 829 24.44 10.93 -10.64
CA VAL C 829 25.46 10.57 -11.60
C VAL C 829 26.73 10.16 -10.85
N GLU C 830 27.23 8.97 -11.16
CA GLU C 830 28.23 8.31 -10.31
C GLU C 830 29.41 9.20 -9.97
N PRO C 831 30.08 9.86 -10.91
CA PRO C 831 31.23 10.68 -10.52
C PRO C 831 30.87 11.76 -9.51
N LEU C 832 29.74 12.44 -9.69
CA LEU C 832 29.36 13.49 -8.74
C LEU C 832 29.01 12.90 -7.38
N ASN C 833 28.18 11.85 -7.35
CA ASN C 833 27.77 11.29 -6.08
C ASN C 833 28.97 10.77 -5.30
N ARG C 834 29.85 10.03 -5.97
CA ARG C 834 31.03 9.51 -5.31
C ARG C 834 31.95 10.65 -4.89
N LEU C 835 32.02 11.73 -5.67
CA LEU C 835 32.83 12.87 -5.29
C LEU C 835 32.32 13.48 -3.99
N LEU C 836 31.01 13.65 -3.89
CA LEU C 836 30.44 14.21 -2.68
C LEU C 836 30.66 13.29 -1.49
N GLN C 837 30.43 11.99 -1.67
CA GLN C 837 30.63 11.05 -0.57
C GLN C 837 32.09 11.03 -0.13
N ASP C 838 33.02 11.03 -1.08
CA ASP C 838 34.43 11.04 -0.76
C ASP C 838 34.79 12.27 0.06
N LYS C 839 34.36 13.44 -0.39
CA LYS C 839 34.68 14.64 0.37
C LYS C 839 34.06 14.58 1.76
N TRP C 840 32.81 14.14 1.85
CA TRP C 840 32.12 14.12 3.13
C TRP C 840 32.84 13.22 4.12
N ASP C 841 33.23 12.03 3.68
CA ASP C 841 33.94 11.10 4.55
C ASP C 841 35.37 11.52 4.81
N ARG C 842 35.96 12.33 3.92
CA ARG C 842 37.36 12.71 4.08
C ARG C 842 37.51 13.86 5.07
N PHE C 843 36.86 14.99 4.82
CA PHE C 843 37.13 16.19 5.61
C PHE C 843 35.90 16.94 6.12
N VAL C 844 34.73 16.75 5.53
CA VAL C 844 33.56 17.48 6.01
C VAL C 844 32.98 16.87 7.27
N LYS C 845 32.85 15.54 7.29
CA LYS C 845 32.14 14.90 8.39
C LYS C 845 32.65 15.37 9.74
N ARG C 846 33.98 15.44 9.90
CA ARG C 846 34.55 15.83 11.18
C ARG C 846 34.14 17.25 11.55
N ILE C 847 34.27 18.18 10.61
CA ILE C 847 33.90 19.57 10.91
C ILE C 847 32.40 19.67 11.12
N PHE C 848 31.61 18.87 10.39
CA PHE C 848 30.18 18.89 10.60
C PHE C 848 29.84 18.48 12.02
N TYR C 849 30.43 17.38 12.50
CA TYR C 849 30.20 16.97 13.87
C TYR C 849 30.72 18.00 14.85
N PHE C 850 31.77 18.73 14.48
CA PHE C 850 32.26 19.80 15.34
C PHE C 850 31.22 20.89 15.49
N ASN C 851 30.58 21.29 14.37
CA ASN C 851 29.51 22.26 14.48
C ASN C 851 28.36 21.71 15.30
N PHE C 852 28.04 20.43 15.12
CA PHE C 852 26.98 19.83 15.92
C PHE C 852 27.31 19.98 17.41
N PHE C 853 28.52 19.61 17.79
CA PHE C 853 28.90 19.63 19.20
C PHE C 853 28.91 21.06 19.76
N VAL C 854 29.45 22.01 18.99
CA VAL C 854 29.50 23.38 19.47
C VAL C 854 28.09 23.93 19.59
N TYR C 855 27.20 23.56 18.66
CA TYR C 855 25.82 24.00 18.77
C TYR C 855 25.16 23.41 20.00
N CYS C 856 25.46 22.14 20.32
CA CYS C 856 24.93 21.57 21.55
C CYS C 856 25.42 22.34 22.76
N LEU C 857 26.70 22.69 22.77
CA LEU C 857 27.24 23.47 23.88
C LEU C 857 26.56 24.83 23.96
N TYR C 858 26.35 25.48 22.81
CA TYR C 858 25.65 26.75 22.77
C TYR C 858 24.25 26.62 23.35
N MET C 859 23.49 25.64 22.88
CA MET C 859 22.12 25.51 23.34
C MET C 859 22.08 25.17 24.82
N ILE C 860 23.03 24.37 25.29
CA ILE C 860 23.07 24.03 26.71
C ILE C 860 23.38 25.28 27.53
N ILE C 861 24.33 26.08 27.08
CA ILE C 861 24.65 27.32 27.80
C ILE C 861 23.45 28.25 27.82
N PHE C 862 22.77 28.38 26.67
CA PHE C 862 21.60 29.24 26.61
C PHE C 862 20.50 28.75 27.54
N THR C 863 20.26 27.43 27.55
CA THR C 863 19.23 26.88 28.41
C THR C 863 19.57 27.11 29.87
N ALA C 864 20.83 26.90 30.25
CA ALA C 864 21.24 27.12 31.62
C ALA C 864 21.09 28.59 32.02
N ALA C 865 21.48 29.49 31.12
CA ALA C 865 21.37 30.92 31.42
C ALA C 865 19.91 31.32 31.59
N ALA C 866 19.06 30.93 30.63
CA ALA C 866 17.65 31.28 30.72
C ALA C 866 17.04 30.72 32.00
N TYR C 867 17.29 29.44 32.28
CA TYR C 867 16.68 28.83 33.46
C TYR C 867 17.02 29.61 34.72
N TYR C 868 18.18 30.26 34.75
CA TYR C 868 18.61 31.03 35.90
C TYR C 868 18.47 32.53 35.69
N ARG C 869 17.65 32.94 34.73
CA ARG C 869 17.42 34.36 34.54
C ARG C 869 16.87 34.96 35.83
N PRO C 870 17.31 36.15 36.22
CA PRO C 870 16.77 36.75 37.44
C PRO C 870 15.29 37.02 37.31
N VAL C 871 14.59 36.91 38.43
CA VAL C 871 13.14 37.12 38.46
C VAL C 871 12.75 38.39 39.20
N GLU C 872 13.66 38.95 39.99
CA GLU C 872 13.37 40.19 40.77
C GLU C 872 13.74 41.45 39.96
N GLY C 873 12.76 42.32 39.68
CA GLY C 873 13.04 43.63 39.04
C GLY C 873 13.08 43.61 37.52
N LEU C 874 12.65 44.69 36.87
CA LEU C 874 12.70 44.82 35.40
C LEU C 874 14.14 44.66 34.95
N PRO C 875 14.42 44.34 33.68
CA PRO C 875 15.81 44.29 33.24
C PRO C 875 16.30 45.71 32.99
N PRO C 876 17.55 45.94 32.56
CA PRO C 876 18.64 45.04 32.91
C PRO C 876 18.80 44.84 34.40
N TYR C 877 19.75 44.01 34.79
CA TYR C 877 19.99 43.70 36.22
C TYR C 877 21.33 44.28 36.64
N LYS C 878 22.06 43.63 37.55
CA LYS C 878 23.32 44.18 38.12
C LYS C 878 24.38 43.09 38.08
N LEU C 879 25.53 43.26 38.75
CA LEU C 879 26.63 42.31 38.56
C LEU C 879 27.15 41.98 39.95
N LYS C 880 26.57 40.97 40.59
CA LYS C 880 26.96 40.63 41.95
C LYS C 880 28.41 40.14 41.99
N ASN C 881 28.97 40.14 43.19
CA ASN C 881 30.34 39.67 43.40
C ASN C 881 30.43 38.15 43.47
N THR C 882 29.30 37.44 43.50
CA THR C 882 29.31 36.00 43.59
C THR C 882 29.69 35.37 42.25
N VAL C 883 30.16 34.12 42.32
CA VAL C 883 30.53 33.39 41.11
C VAL C 883 29.31 33.08 40.26
N GLY C 884 28.16 32.81 40.91
CA GLY C 884 26.97 32.48 40.15
C GLY C 884 26.56 33.60 39.20
N ASP C 885 26.62 34.85 39.66
CA ASP C 885 26.29 35.97 38.79
C ASP C 885 27.23 36.02 37.59
N TYR C 886 28.52 35.81 37.83
CA TYR C 886 29.48 35.86 36.73
C TYR C 886 29.19 34.75 35.72
N PHE C 887 28.88 33.55 36.20
CA PHE C 887 28.56 32.46 35.28
C PHE C 887 27.31 32.79 34.49
N ARG C 888 26.29 33.36 35.14
CA ARG C 888 25.06 33.70 34.45
C ARG C 888 25.31 34.74 33.36
N VAL C 889 26.09 35.77 33.66
CA VAL C 889 26.34 36.81 32.67
C VAL C 889 27.18 36.24 31.53
N THR C 890 28.11 35.34 31.84
CA THR C 890 28.88 34.70 30.78
C THR C 890 27.96 33.92 29.85
N GLY C 891 27.03 33.16 30.42
CA GLY C 891 26.09 32.42 29.58
C GLY C 891 25.25 33.34 28.72
N GLU C 892 24.74 34.43 29.33
CA GLU C 892 23.90 35.35 28.59
C GLU C 892 24.66 35.98 27.43
N ILE C 893 25.89 36.43 27.68
CA ILE C 893 26.65 37.10 26.63
C ILE C 893 27.03 36.11 25.54
N LEU C 894 27.36 34.88 25.91
CA LEU C 894 27.62 33.86 24.90
C LEU C 894 26.40 33.64 24.02
N SER C 895 25.22 33.59 24.65
CA SER C 895 24.00 33.41 23.88
C SER C 895 23.77 34.57 22.93
N VAL C 896 24.00 35.80 23.39
CA VAL C 896 23.83 36.96 22.53
C VAL C 896 24.78 36.86 21.33
N SER C 897 26.03 36.49 21.58
CA SER C 897 26.98 36.37 20.50
C SER C 897 26.52 35.34 19.48
N GLY C 898 26.05 34.19 19.96
CA GLY C 898 25.55 33.18 19.05
C GLY C 898 24.38 33.67 18.23
N GLY C 899 23.45 34.39 18.87
CA GLY C 899 22.31 34.90 18.15
C GLY C 899 22.69 35.89 17.07
N VAL C 900 23.60 36.80 17.39
CA VAL C 900 24.01 37.79 16.39
C VAL C 900 24.75 37.11 15.25
N TYR C 901 25.56 36.10 15.55
CA TYR C 901 26.19 35.35 14.47
C TYR C 901 25.15 34.72 13.56
N PHE C 902 24.13 34.11 14.15
CA PHE C 902 23.11 33.46 13.34
C PHE C 902 22.38 34.49 12.48
N PHE C 903 22.09 35.66 13.05
CA PHE C 903 21.43 36.72 12.28
C PHE C 903 22.29 37.14 11.09
N PHE C 904 23.57 37.40 11.33
CA PHE C 904 24.45 37.79 10.24
C PHE C 904 24.53 36.71 9.18
N ARG C 905 24.60 35.46 9.61
CA ARG C 905 24.67 34.35 8.65
C ARG C 905 23.40 34.28 7.81
N GLY C 906 22.25 34.49 8.44
CA GLY C 906 21.01 34.49 7.68
C GLY C 906 20.97 35.59 6.65
N ILE C 907 21.41 36.79 7.04
CA ILE C 907 21.46 37.89 6.08
C ILE C 907 22.41 37.55 4.94
N GLN C 908 23.56 36.96 5.28
CA GLN C 908 24.53 36.61 4.24
C GLN C 908 23.94 35.60 3.27
N TYR C 909 23.23 34.60 3.79
CA TYR C 909 22.61 33.62 2.91
C TYR C 909 21.57 34.29 2.03
N PHE C 910 20.78 35.20 2.60
CA PHE C 910 19.79 35.91 1.82
C PHE C 910 20.46 36.64 0.67
N LEU C 911 21.49 37.43 0.96
CA LEU C 911 22.12 38.23 -0.08
C LEU C 911 22.78 37.34 -1.13
N GLN C 912 23.62 36.41 -0.69
CA GLN C 912 24.36 35.58 -1.65
C GLN C 912 23.41 34.77 -2.52
N ARG C 913 22.47 34.07 -1.90
CA ARG C 913 21.52 33.27 -2.67
C ARG C 913 20.41 34.13 -3.25
N ARG C 914 19.97 35.15 -2.51
CA ARG C 914 18.80 35.94 -2.89
C ARG C 914 17.66 34.97 -3.22
N PRO C 915 17.24 34.15 -2.25
CA PRO C 915 16.44 32.97 -2.58
C PRO C 915 15.13 33.35 -3.26
N SER C 916 14.67 32.47 -4.14
CA SER C 916 13.40 32.67 -4.82
C SER C 916 12.32 33.03 -3.81
N LEU C 917 11.81 34.25 -3.91
CA LEU C 917 10.80 34.70 -2.96
C LEU C 917 9.45 34.05 -3.20
N LYS C 918 9.23 33.49 -4.40
CA LYS C 918 7.98 32.80 -4.65
C LYS C 918 7.82 31.61 -3.72
N SER C 919 8.84 30.76 -3.63
CA SER C 919 8.86 29.62 -2.73
C SER C 919 10.21 29.62 -2.03
N LEU C 920 10.29 30.34 -0.92
CA LEU C 920 11.49 30.36 -0.10
C LEU C 920 11.39 29.38 1.07
N PHE C 921 10.18 28.94 1.40
CA PHE C 921 9.96 28.01 2.50
C PHE C 921 10.21 26.57 2.09
N VAL C 922 10.26 26.27 0.79
CA VAL C 922 10.44 24.90 0.32
C VAL C 922 11.90 24.57 0.09
N ASP C 923 12.80 25.55 0.09
CA ASP C 923 14.21 25.32 -0.16
C ASP C 923 15.13 25.88 0.91
N SER C 924 14.62 26.64 1.88
CA SER C 924 15.48 27.22 2.89
C SER C 924 14.82 27.16 4.26
N TYR C 925 14.10 26.09 4.56
CA TYR C 925 13.31 26.06 5.79
C TYR C 925 14.22 26.32 6.99
N SER C 926 15.35 25.61 7.04
CA SER C 926 16.25 25.73 8.17
C SER C 926 16.81 27.13 8.30
N GLU C 927 17.11 27.77 7.18
CA GLU C 927 17.67 29.12 7.23
C GLU C 927 16.65 30.09 7.80
N ILE C 928 15.39 29.97 7.40
CA ILE C 928 14.34 30.81 7.98
C ILE C 928 14.22 30.55 9.47
N LEU C 929 14.29 29.27 9.87
CA LEU C 929 14.17 28.96 11.30
C LEU C 929 15.28 29.62 12.09
N PHE C 930 16.52 29.49 11.62
CA PHE C 930 17.64 30.09 12.34
C PHE C 930 17.50 31.61 12.36
N PHE C 931 17.07 32.19 11.24
CA PHE C 931 16.89 33.63 11.19
C PHE C 931 15.85 34.07 12.21
N VAL C 932 14.75 33.33 12.32
CA VAL C 932 13.68 33.70 13.23
C VAL C 932 14.15 33.59 14.68
N GLN C 933 14.87 32.51 15.01
CA GLN C 933 15.39 32.38 16.36
C GLN C 933 16.34 33.51 16.69
N SER C 934 17.22 33.85 15.75
CA SER C 934 18.13 34.97 15.95
C SER C 934 17.36 36.26 16.16
N LEU C 935 16.29 36.46 15.39
CA LEU C 935 15.49 37.66 15.55
C LEU C 935 14.86 37.73 16.92
N PHE C 936 14.33 36.61 17.40
CA PHE C 936 13.75 36.58 18.73
C PHE C 936 14.80 36.90 19.79
N MET C 937 15.99 36.33 19.66
CA MET C 937 17.03 36.61 20.65
C MET C 937 17.42 38.09 20.62
N LEU C 938 17.56 38.65 19.42
CA LEU C 938 17.94 40.04 19.28
C LEU C 938 16.89 40.96 19.89
N VAL C 939 15.61 40.68 19.63
CA VAL C 939 14.57 41.52 20.21
C VAL C 939 14.52 41.33 21.72
N SER C 940 14.86 40.14 22.22
CA SER C 940 15.01 39.97 23.65
C SER C 940 16.10 40.90 24.17
N VAL C 941 17.18 41.05 23.40
CA VAL C 941 18.26 41.93 23.83
C VAL C 941 17.83 43.39 23.80
N VAL C 942 17.07 43.79 22.78
CA VAL C 942 16.67 45.20 22.70
C VAL C 942 15.72 45.53 23.84
N LEU C 943 14.79 44.62 24.17
CA LEU C 943 13.88 44.91 25.26
C LEU C 943 14.54 44.76 26.63
N TYR C 944 15.55 43.89 26.75
CA TYR C 944 16.17 43.66 28.06
C TYR C 944 16.80 44.93 28.60
N PHE C 945 17.43 45.72 27.73
CA PHE C 945 17.98 47.01 28.11
C PHE C 945 16.95 48.13 28.00
N SER C 946 15.69 47.79 27.68
CA SER C 946 14.58 48.76 27.55
C SER C 946 13.74 48.72 28.83
N GLN C 947 14.32 48.30 29.94
CA GLN C 947 13.62 48.29 31.22
C GLN C 947 12.21 47.74 31.06
N ARG C 948 12.12 46.60 30.38
CA ARG C 948 10.85 45.93 30.12
C ARG C 948 11.02 44.43 30.33
N LYS C 949 10.02 43.81 30.95
CA LYS C 949 10.07 42.39 31.27
C LYS C 949 9.53 41.54 30.12
N GLU C 950 9.09 42.17 29.04
CA GLU C 950 8.57 41.42 27.90
C GLU C 950 9.66 40.67 27.14
N TYR C 951 10.94 40.90 27.45
CA TYR C 951 12.00 40.19 26.77
C TYR C 951 11.90 38.69 26.99
N VAL C 952 11.28 38.26 28.09
CA VAL C 952 11.19 36.84 28.40
C VAL C 952 10.46 36.10 27.28
N ALA C 953 9.42 36.73 26.72
CA ALA C 953 8.68 36.07 25.65
C ALA C 953 9.59 35.78 24.46
N SER C 954 10.35 36.78 24.04
CA SER C 954 11.25 36.58 22.91
C SER C 954 12.32 35.55 23.24
N MET C 955 12.87 35.60 24.44
CA MET C 955 13.90 34.63 24.82
C MET C 955 13.34 33.22 24.79
N VAL C 956 12.12 33.04 25.31
CA VAL C 956 11.52 31.71 25.38
C VAL C 956 11.23 31.19 23.99
N PHE C 957 10.68 32.04 23.12
CA PHE C 957 10.44 31.61 21.74
C PHE C 957 11.75 31.21 21.08
N SER C 958 12.81 31.99 21.30
CA SER C 958 14.11 31.67 20.72
C SER C 958 14.63 30.34 21.24
N LEU C 959 14.49 30.10 22.54
CA LEU C 959 14.97 28.86 23.12
C LEU C 959 14.25 27.65 22.53
N ALA C 960 12.93 27.72 22.47
CA ALA C 960 12.17 26.63 21.87
C ALA C 960 12.58 26.43 20.43
N MET C 961 12.71 27.52 19.68
CA MET C 961 13.05 27.42 18.27
C MET C 961 14.40 26.75 18.08
N GLY C 962 15.39 27.13 18.88
CA GLY C 962 16.72 26.56 18.72
C GLY C 962 16.79 25.10 19.11
N TRP C 963 16.22 24.77 20.28
CA TRP C 963 16.22 23.37 20.69
C TRP C 963 15.54 22.51 19.64
N THR C 964 14.44 23.00 19.06
CA THR C 964 13.78 22.26 18.00
C THR C 964 14.61 22.25 16.72
N ASN C 965 15.37 23.31 16.46
CA ASN C 965 16.19 23.40 15.26
C ASN C 965 17.36 22.44 15.30
N MET C 966 17.73 21.96 16.48
CA MET C 966 18.76 20.92 16.53
C MET C 966 18.51 19.84 15.50
N LEU C 967 17.27 19.64 15.07
CA LEU C 967 16.98 18.68 14.02
C LEU C 967 17.73 19.00 12.74
N TYR C 968 18.13 20.25 12.53
CA TYR C 968 18.80 20.60 11.28
C TYR C 968 20.06 19.78 11.07
N TYR C 969 20.73 19.40 12.16
CA TYR C 969 21.96 18.65 12.07
C TYR C 969 21.73 17.18 11.78
N THR C 970 20.50 16.69 11.93
CA THR C 970 20.25 15.29 11.66
C THR C 970 20.48 14.91 10.20
N ARG C 971 20.75 15.88 9.33
CA ARG C 971 21.08 15.55 7.95
C ARG C 971 22.42 14.85 7.84
N GLY C 972 23.23 14.84 8.91
CA GLY C 972 24.49 14.14 8.90
C GLY C 972 24.38 12.66 9.14
N PHE C 973 23.16 12.15 9.33
CA PHE C 973 22.93 10.75 9.60
C PHE C 973 21.83 10.25 8.67
N GLN C 974 22.09 9.15 7.97
CA GLN C 974 21.28 8.76 6.83
C GLN C 974 19.89 8.29 7.24
N GLN C 975 19.61 8.08 8.51
CA GLN C 975 18.30 7.63 8.95
C GLN C 975 17.51 8.70 9.68
N MET C 976 18.10 9.37 10.68
CA MET C 976 17.40 10.48 11.30
C MET C 976 17.18 11.62 10.32
N GLY C 977 18.07 11.75 9.34
CA GLY C 977 17.88 12.79 8.33
C GLY C 977 16.61 12.60 7.54
N ILE C 978 16.31 11.36 7.15
CA ILE C 978 15.06 11.11 6.45
C ILE C 978 13.89 11.49 7.33
N TYR C 979 14.01 11.24 8.63
CA TYR C 979 12.95 11.61 9.55
C TYR C 979 12.73 13.12 9.58
N ALA C 980 13.83 13.88 9.65
CA ALA C 980 13.69 15.33 9.66
C ALA C 980 13.11 15.84 8.35
N VAL C 981 13.51 15.24 7.24
CA VAL C 981 12.97 15.63 5.94
C VAL C 981 11.48 15.37 5.90
N MET C 982 11.05 14.21 6.40
CA MET C 982 9.63 13.91 6.50
C MET C 982 8.91 14.96 7.34
N ILE C 983 9.47 15.30 8.50
CA ILE C 983 8.81 16.27 9.37
C ILE C 983 8.64 17.60 8.64
N GLU C 984 9.68 18.05 7.95
CA GLU C 984 9.59 19.29 7.19
C GLU C 984 8.54 19.19 6.08
N LYS C 985 8.64 18.15 5.26
CA LYS C 985 7.76 18.06 4.10
C LYS C 985 6.31 18.03 4.54
N MET C 986 6.01 17.33 5.62
CA MET C 986 4.62 17.22 6.06
C MET C 986 4.22 18.32 7.03
N ILE C 987 5.14 19.18 7.44
CA ILE C 987 4.72 20.41 8.08
C ILE C 987 4.38 21.47 7.03
N LEU C 988 4.96 21.34 5.84
CA LEU C 988 4.66 22.27 4.75
C LEU C 988 3.69 21.72 3.72
N ARG C 989 3.26 20.47 3.84
CA ARG C 989 2.32 19.87 2.89
C ARG C 989 0.96 19.60 3.50
N ASP C 990 0.90 18.83 4.59
CA ASP C 990 -0.38 18.32 5.07
C ASP C 990 -0.84 19.11 6.29
N LEU C 991 0.04 19.36 7.25
CA LEU C 991 -0.40 20.01 8.47
C LEU C 991 -1.03 21.37 8.18
N CYS C 992 -0.56 22.07 7.15
CA CYS C 992 -1.14 23.36 6.82
C CYS C 992 -2.59 23.22 6.37
N ARG C 993 -2.84 22.30 5.43
CA ARG C 993 -4.21 22.10 4.93
C ARG C 993 -5.13 21.64 6.05
N PHE C 994 -4.74 20.58 6.76
CA PHE C 994 -5.58 20.07 7.82
C PHE C 994 -5.83 21.14 8.86
N MET C 995 -4.83 21.97 9.14
CA MET C 995 -5.01 23.02 10.13
C MET C 995 -6.01 24.05 9.63
N PHE C 996 -5.97 24.39 8.35
CA PHE C 996 -6.97 25.30 7.79
C PHE C 996 -8.37 24.75 8.01
N VAL C 997 -8.60 23.50 7.60
CA VAL C 997 -9.95 22.95 7.67
C VAL C 997 -10.40 22.79 9.11
N TYR C 998 -9.51 22.31 9.97
CA TYR C 998 -9.85 22.15 11.37
C TYR C 998 -10.15 23.50 12.01
N LEU C 999 -9.43 24.54 11.59
CA LEU C 999 -9.72 25.87 12.10
C LEU C 999 -11.10 26.32 11.67
N VAL C 1000 -11.48 26.03 10.43
CA VAL C 1000 -12.83 26.36 9.99
C VAL C 1000 -13.86 25.65 10.86
N PHE C 1001 -13.71 24.34 11.05
CA PHE C 1001 -14.67 23.60 11.87
C PHE C 1001 -14.72 24.15 13.28
N LEU C 1002 -13.56 24.28 13.92
CA LEU C 1002 -13.53 24.71 15.30
C LEU C 1002 -14.12 26.10 15.45
N PHE C 1003 -13.81 27.00 14.51
CA PHE C 1003 -14.34 28.36 14.60
C PHE C 1003 -15.85 28.34 14.45
N GLY C 1004 -16.37 27.59 13.48
CA GLY C 1004 -17.81 27.55 13.30
C GLY C 1004 -18.53 27.00 14.52
N PHE C 1005 -18.06 25.85 15.02
CA PHE C 1005 -18.74 25.24 16.15
C PHE C 1005 -18.56 26.03 17.43
N SER C 1006 -17.41 26.67 17.60
CA SER C 1006 -17.22 27.54 18.76
C SER C 1006 -18.16 28.73 18.69
N THR C 1007 -18.32 29.31 17.50
CA THR C 1007 -19.26 30.41 17.34
C THR C 1007 -20.69 29.96 17.66
N ALA C 1008 -21.07 28.80 17.14
CA ALA C 1008 -22.39 28.26 17.45
C ALA C 1008 -22.58 28.09 18.95
N VAL C 1009 -21.64 27.41 19.61
CA VAL C 1009 -21.79 27.12 21.02
C VAL C 1009 -21.85 28.41 21.82
N VAL C 1010 -20.94 29.35 21.54
CA VAL C 1010 -20.90 30.58 22.31
C VAL C 1010 -22.18 31.37 22.09
N THR C 1011 -22.76 31.30 20.88
CA THR C 1011 -24.07 31.89 20.69
C THR C 1011 -25.10 31.23 21.58
N LEU C 1012 -25.02 29.90 21.72
CA LEU C 1012 -26.01 29.19 22.52
C LEU C 1012 -25.90 29.53 24.00
N ILE C 1013 -24.66 29.64 24.52
CA ILE C 1013 -24.50 29.94 25.94
C ILE C 1013 -25.10 31.30 26.23
N GLU C 1014 -25.51 31.49 27.48
CA GLU C 1014 -26.17 32.75 27.89
C GLU C 1014 -25.46 33.37 29.10
N ASP C 1015 -25.17 32.58 30.14
CA ASP C 1015 -24.52 33.09 31.34
C ASP C 1015 -25.32 34.24 31.94
N GLY C 1016 -26.55 33.91 32.38
CA GLY C 1016 -27.47 34.90 32.89
C GLY C 1016 -27.84 34.70 34.34
N LYS C 1017 -26.98 34.02 35.09
CA LYS C 1017 -27.23 33.78 36.51
C LYS C 1017 -26.82 34.99 37.34
N GLY C 1038 -16.42 28.19 36.56
CA GLY C 1038 -17.33 27.58 35.56
C GLY C 1038 -18.60 28.41 35.39
N ASN C 1039 -18.53 29.45 34.57
CA ASN C 1039 -19.70 30.36 34.32
C ASN C 1039 -19.38 31.32 33.18
N SER C 1040 -18.15 31.83 33.11
CA SER C 1040 -17.72 32.79 32.06
C SER C 1040 -17.26 32.03 30.81
N TYR C 1041 -17.96 30.98 30.43
CA TYR C 1041 -17.63 30.21 29.22
C TYR C 1041 -17.81 31.15 28.08
N ASN C 1042 -18.75 32.07 28.25
CA ASN C 1042 -19.08 33.03 27.18
C ASN C 1042 -17.86 33.27 26.31
N SER C 1043 -16.76 33.76 26.86
CA SER C 1043 -15.64 34.11 26.01
C SER C 1043 -15.49 33.09 24.90
N LEU C 1044 -15.30 33.58 23.67
CA LEU C 1044 -15.07 32.68 22.56
C LEU C 1044 -13.77 31.92 22.73
N TYR C 1045 -12.77 32.54 23.34
CA TYR C 1045 -11.48 31.88 23.55
C TYR C 1045 -11.66 30.63 24.41
N SER C 1046 -12.47 30.74 25.47
CA SER C 1046 -12.69 29.58 26.33
C SER C 1046 -13.33 28.44 25.56
N THR C 1047 -14.32 28.73 24.73
CA THR C 1047 -14.98 27.68 23.98
C THR C 1047 -14.04 27.05 22.98
N CYS C 1048 -13.23 27.87 22.30
CA CYS C 1048 -12.22 27.31 21.41
C CYS C 1048 -11.29 26.39 22.16
N LEU C 1049 -10.91 26.78 23.38
CA LEU C 1049 -10.02 25.95 24.18
C LEU C 1049 -10.67 24.63 24.55
N GLU C 1050 -11.96 24.66 24.92
CA GLU C 1050 -12.64 23.41 25.27
C GLU C 1050 -12.73 22.47 24.08
N LEU C 1051 -13.08 23.00 22.91
CA LEU C 1051 -13.13 22.12 21.75
C LEU C 1051 -11.74 21.60 21.39
N PHE C 1052 -10.71 22.42 21.56
CA PHE C 1052 -9.36 21.93 21.32
C PHE C 1052 -9.01 20.82 22.30
N LYS C 1053 -9.36 20.98 23.57
CA LYS C 1053 -9.20 19.87 24.50
C LYS C 1053 -9.91 18.64 23.98
N PHE C 1054 -11.09 18.83 23.38
CA PHE C 1054 -11.81 17.71 22.79
C PHE C 1054 -10.94 16.99 21.78
N THR C 1055 -10.19 17.72 20.97
CA THR C 1055 -9.41 17.03 19.94
C THR C 1055 -8.16 16.36 20.50
N ILE C 1056 -7.70 16.77 21.69
CA ILE C 1056 -6.48 16.20 22.25
C ILE C 1056 -6.81 15.19 23.34
N GLY C 1057 -8.07 14.74 23.37
CA GLY C 1057 -8.44 13.68 24.29
C GLY C 1057 -8.69 14.12 25.71
N MET C 1058 -9.11 15.36 25.93
CA MET C 1058 -9.48 15.83 27.26
C MET C 1058 -10.75 16.66 27.19
N GLY C 1059 -11.71 16.22 26.37
CA GLY C 1059 -12.94 16.97 26.16
C GLY C 1059 -13.99 16.59 27.19
N ASP C 1060 -14.60 17.61 27.77
CA ASP C 1060 -15.62 17.43 28.80
C ASP C 1060 -16.97 17.75 28.18
N LEU C 1061 -17.76 16.71 27.89
CA LEU C 1061 -19.02 16.90 27.18
C LEU C 1061 -20.01 17.73 27.97
N GLU C 1062 -19.80 17.92 29.26
CA GLU C 1062 -20.66 18.75 30.09
C GLU C 1062 -19.87 19.85 30.77
N PHE C 1063 -18.98 20.50 30.01
CA PHE C 1063 -18.16 21.54 30.61
C PHE C 1063 -18.96 22.77 31.01
N THR C 1064 -20.21 22.88 30.58
CA THR C 1064 -21.04 24.01 30.95
C THR C 1064 -22.49 23.58 31.03
N GLU C 1065 -23.20 24.11 32.02
CA GLU C 1065 -24.61 23.83 32.21
C GLU C 1065 -25.46 25.10 32.20
N ASN C 1066 -24.91 26.20 31.70
CA ASN C 1066 -25.64 27.45 31.63
C ASN C 1066 -26.50 27.59 30.39
N TYR C 1067 -26.42 26.64 29.46
CA TYR C 1067 -27.18 26.74 28.21
C TYR C 1067 -28.67 26.68 28.50
N ASP C 1068 -29.49 26.86 27.46
CA ASP C 1068 -30.93 26.82 27.60
C ASP C 1068 -31.60 25.68 26.85
N PHE C 1069 -30.92 25.05 25.87
CA PHE C 1069 -31.40 23.83 25.22
C PHE C 1069 -30.29 22.78 25.35
N LYS C 1070 -30.39 21.93 26.37
CA LYS C 1070 -29.39 20.89 26.56
C LYS C 1070 -29.27 20.03 25.31
N ALA C 1071 -30.39 19.76 24.65
CA ALA C 1071 -30.35 18.94 23.46
C ALA C 1071 -29.53 19.59 22.38
N VAL C 1072 -29.69 20.90 22.17
CA VAL C 1072 -28.93 21.59 21.13
C VAL C 1072 -27.44 21.56 21.45
N PHE C 1073 -27.10 21.83 22.71
CA PHE C 1073 -25.70 21.83 23.11
C PHE C 1073 -25.08 20.47 22.89
N ILE C 1074 -25.77 19.41 23.32
CA ILE C 1074 -25.24 18.06 23.17
C ILE C 1074 -25.11 17.70 21.71
N ILE C 1075 -26.09 18.07 20.89
CA ILE C 1075 -26.03 17.76 19.47
C ILE C 1075 -24.85 18.46 18.83
N LEU C 1076 -24.61 19.72 19.19
CA LEU C 1076 -23.48 20.46 18.63
C LEU C 1076 -22.16 19.81 19.04
N LEU C 1077 -22.02 19.47 20.32
CA LEU C 1077 -20.77 18.86 20.77
C LEU C 1077 -20.55 17.52 20.09
N LEU C 1078 -21.60 16.72 19.97
CA LEU C 1078 -21.46 15.41 19.33
C LEU C 1078 -21.13 15.56 17.86
N ALA C 1079 -21.76 16.53 17.18
CA ALA C 1079 -21.42 16.78 15.79
C ALA C 1079 -19.96 17.18 15.66
N TYR C 1080 -19.48 18.05 16.56
CA TYR C 1080 -18.09 18.45 16.52
C TYR C 1080 -17.17 17.25 16.72
N VAL C 1081 -17.50 16.40 17.68
CA VAL C 1081 -16.65 15.24 17.96
C VAL C 1081 -16.61 14.32 16.75
N ILE C 1082 -17.77 14.04 16.17
CA ILE C 1082 -17.82 13.12 15.04
C ILE C 1082 -17.06 13.72 13.85
N LEU C 1083 -17.22 15.02 13.62
CA LEU C 1083 -16.62 15.63 12.44
C LEU C 1083 -15.11 15.80 12.59
N THR C 1084 -14.65 16.18 13.79
CA THR C 1084 -13.23 16.41 14.02
C THR C 1084 -12.52 15.19 14.60
N TYR C 1085 -12.94 14.75 15.79
CA TYR C 1085 -12.14 13.79 16.54
C TYR C 1085 -12.11 12.43 15.84
N ILE C 1086 -13.27 11.91 15.47
CA ILE C 1086 -13.31 10.58 14.86
C ILE C 1086 -13.12 10.65 13.35
N LEU C 1087 -13.46 11.78 12.72
CA LEU C 1087 -13.41 11.89 11.28
C LEU C 1087 -12.16 12.62 10.79
N LEU C 1088 -11.95 13.85 11.24
CA LEU C 1088 -10.90 14.67 10.62
C LEU C 1088 -9.52 14.23 11.08
N LEU C 1089 -9.36 13.85 12.34
CA LEU C 1089 -8.06 13.36 12.78
C LEU C 1089 -7.70 12.07 12.07
N ASN C 1090 -8.67 11.16 11.94
CA ASN C 1090 -8.43 9.94 11.20
C ASN C 1090 -8.30 10.24 9.71
N MET C 1091 -9.02 11.25 9.22
CA MET C 1091 -8.73 11.77 7.89
C MET C 1091 -7.24 12.08 7.73
N LEU C 1092 -6.69 12.84 8.69
CA LEU C 1092 -5.28 13.22 8.61
C LEU C 1092 -4.38 12.00 8.66
N ILE C 1093 -4.70 11.03 9.51
CA ILE C 1093 -3.88 9.84 9.59
C ILE C 1093 -3.86 9.12 8.24
N ALA C 1094 -5.03 9.00 7.62
CA ALA C 1094 -5.09 8.37 6.31
C ALA C 1094 -4.28 9.15 5.28
N LEU C 1095 -4.43 10.47 5.28
CA LEU C 1095 -3.71 11.29 4.31
C LEU C 1095 -2.20 11.13 4.48
N MET C 1096 -1.73 11.14 5.73
CA MET C 1096 -0.29 11.05 5.95
C MET C 1096 0.23 9.67 5.60
N GLY C 1097 -0.57 8.63 5.83
CA GLY C 1097 -0.19 7.31 5.33
C GLY C 1097 0.02 7.35 3.84
N GLU C 1098 -0.91 7.96 3.12
CA GLU C 1098 -0.74 8.08 1.68
C GLU C 1098 0.53 8.85 1.34
N THR C 1099 0.78 9.95 2.04
CA THR C 1099 1.99 10.73 1.78
C THR C 1099 3.22 9.86 1.92
N VAL C 1100 3.47 9.32 3.11
CA VAL C 1100 4.70 8.56 3.33
C VAL C 1100 4.83 7.45 2.31
N ASN C 1101 3.73 6.72 2.06
CA ASN C 1101 3.79 5.63 1.09
C ASN C 1101 4.30 6.14 -0.24
N LYS C 1102 3.84 7.31 -0.67
CA LYS C 1102 4.32 7.84 -1.94
C LYS C 1102 5.78 8.28 -1.85
N ILE C 1103 6.15 9.03 -0.81
CA ILE C 1103 7.30 9.91 -0.86
C ILE C 1103 8.41 9.51 0.10
N ALA C 1104 8.47 8.24 0.50
CA ALA C 1104 9.67 7.76 1.17
C ALA C 1104 10.93 8.09 0.37
N GLN C 1105 10.94 7.69 -0.91
CA GLN C 1105 12.11 7.94 -1.75
C GLN C 1105 12.38 9.43 -1.87
N GLU C 1106 11.32 10.23 -1.94
CA GLU C 1106 11.52 11.67 -2.04
C GLU C 1106 12.22 12.20 -0.80
N SER C 1107 11.83 11.72 0.38
CA SER C 1107 12.52 12.14 1.59
C SER C 1107 13.98 11.75 1.54
N LYS C 1108 14.27 10.55 1.04
CA LYS C 1108 15.65 10.12 0.90
C LYS C 1108 16.44 11.10 0.03
N ASN C 1109 15.91 11.41 -1.15
CA ASN C 1109 16.64 12.26 -2.07
C ASN C 1109 16.80 13.67 -1.52
N ILE C 1110 15.78 14.19 -0.85
CA ILE C 1110 15.92 15.52 -0.27
C ILE C 1110 16.99 15.52 0.82
N TRP C 1111 17.10 14.43 1.58
CA TRP C 1111 18.19 14.36 2.55
C TRP C 1111 19.53 14.39 1.85
N LYS C 1112 19.65 13.65 0.75
CA LYS C 1112 20.91 13.68 0.00
C LYS C 1112 21.24 15.09 -0.42
N LEU C 1113 20.24 15.81 -0.94
CA LEU C 1113 20.46 17.19 -1.34
C LEU C 1113 20.88 18.05 -0.15
N GLN C 1114 20.28 17.80 1.01
CA GLN C 1114 20.64 18.57 2.19
C GLN C 1114 22.11 18.36 2.53
N ARG C 1115 22.58 17.12 2.47
CA ARG C 1115 23.99 16.86 2.74
C ARG C 1115 24.88 17.50 1.70
N ALA C 1116 24.45 17.51 0.43
CA ALA C 1116 25.23 18.17 -0.60
C ALA C 1116 25.42 19.64 -0.29
N ILE C 1117 24.33 20.31 0.08
CA ILE C 1117 24.43 21.71 0.47
C ILE C 1117 25.37 21.86 1.65
N THR C 1118 25.28 20.92 2.60
CA THR C 1118 26.14 20.98 3.77
C THR C 1118 27.61 20.97 3.38
N ILE C 1119 28.01 20.02 2.55
CA ILE C 1119 29.41 19.92 2.15
C ILE C 1119 29.84 21.16 1.41
N LEU C 1120 29.01 21.62 0.46
CA LEU C 1120 29.39 22.80 -0.30
C LEU C 1120 29.61 23.99 0.63
N ASP C 1121 28.68 24.20 1.56
CA ASP C 1121 28.79 25.33 2.47
C ASP C 1121 30.07 25.23 3.30
N THR C 1122 30.32 24.06 3.89
CA THR C 1122 31.49 23.95 4.76
C THR C 1122 32.77 24.17 3.96
N GLU C 1123 32.88 23.54 2.80
CA GLU C 1123 34.09 23.72 2.01
C GLU C 1123 34.25 25.17 1.59
N LYS C 1124 33.13 25.89 1.43
CA LYS C 1124 33.20 27.31 1.14
C LYS C 1124 33.61 28.12 2.36
N SER C 1125 33.33 27.64 3.56
CA SER C 1125 33.60 28.42 4.76
C SER C 1125 35.09 28.60 5.00
N PHE C 1126 35.93 27.66 4.56
CA PHE C 1126 37.36 27.71 4.82
C PHE C 1126 38.13 28.30 3.64
N LEU C 1127 37.53 29.25 2.93
CA LEU C 1127 38.21 29.88 1.80
C LEU C 1127 39.47 30.61 2.25
N LYS C 1128 39.37 31.36 3.35
CA LYS C 1128 40.54 32.05 3.90
C LYS C 1128 41.33 31.17 4.87
N CYS C 1129 40.69 30.17 5.46
CA CYS C 1129 41.41 29.30 6.38
C CYS C 1129 42.45 28.45 5.66
N MET C 1130 42.01 27.59 4.74
CA MET C 1130 42.94 26.91 3.85
C MET C 1130 42.15 26.32 2.69
N ARG C 1131 42.85 26.10 1.57
CA ARG C 1131 42.23 25.54 0.37
C ARG C 1131 43.03 24.37 -0.19
N LYS C 1132 44.35 24.37 0.03
CA LYS C 1132 45.20 23.36 -0.59
C LYS C 1132 44.76 21.95 -0.22
N ALA C 1133 44.61 21.68 1.09
CA ALA C 1133 44.13 20.39 1.52
C ALA C 1133 42.66 20.17 1.16
N PHE C 1134 41.94 21.24 0.83
CA PHE C 1134 40.52 21.14 0.49
C PHE C 1134 40.36 21.04 -1.04
N ARG C 1135 40.69 19.87 -1.55
CA ARG C 1135 40.54 19.58 -2.97
C ARG C 1135 40.34 18.09 -3.12
N SER C 1136 39.54 17.70 -4.12
CA SER C 1136 39.25 16.31 -4.38
C SER C 1136 39.88 15.89 -5.69
N GLY C 1137 40.20 14.59 -5.79
CA GLY C 1137 40.84 14.05 -6.97
C GLY C 1137 42.35 14.18 -6.92
N LYS C 1138 43.00 13.60 -7.93
CA LYS C 1138 44.45 13.60 -8.02
C LYS C 1138 44.86 14.06 -9.42
N LEU C 1139 45.91 14.88 -9.48
CA LEU C 1139 46.44 15.33 -10.76
C LEU C 1139 47.07 14.14 -11.48
N LEU C 1140 46.75 13.98 -12.76
CA LEU C 1140 47.22 12.86 -13.54
C LEU C 1140 47.48 13.31 -14.98
N GLN C 1141 48.27 12.48 -15.68
CA GLN C 1141 48.63 12.70 -17.08
C GLN C 1141 48.56 11.33 -17.77
N VAL C 1142 47.49 11.10 -18.51
CA VAL C 1142 47.26 9.81 -19.13
C VAL C 1142 47.53 9.90 -20.63
N GLY C 1143 46.79 10.76 -21.32
CA GLY C 1143 46.86 10.88 -22.77
C GLY C 1143 47.59 12.12 -23.23
N PHE C 1144 47.43 12.39 -24.53
CA PHE C 1144 48.06 13.53 -25.19
C PHE C 1144 47.02 14.27 -26.01
N THR C 1145 47.27 15.57 -26.21
CA THR C 1145 46.48 16.39 -27.10
C THR C 1145 47.05 16.36 -28.51
N PRO C 1146 46.24 16.66 -29.54
CA PRO C 1146 46.78 16.65 -30.91
C PRO C 1146 47.98 17.55 -31.09
N ASP C 1147 48.14 18.53 -30.20
CA ASP C 1147 49.30 19.42 -30.22
C ASP C 1147 50.56 18.76 -29.67
N GLY C 1148 50.53 17.46 -29.39
CA GLY C 1148 51.71 16.79 -28.86
C GLY C 1148 52.12 17.27 -27.49
N LYS C 1149 51.15 17.46 -26.59
CA LYS C 1149 51.42 17.92 -25.24
C LYS C 1149 50.68 17.02 -24.25
N ASP C 1150 50.97 17.22 -22.98
CA ASP C 1150 50.45 16.38 -21.91
C ASP C 1150 49.15 16.95 -21.35
N ASP C 1151 48.40 16.09 -20.67
CA ASP C 1151 47.12 16.45 -20.06
C ASP C 1151 47.27 16.43 -18.54
N TYR C 1152 47.28 17.61 -17.94
CA TYR C 1152 47.36 17.74 -16.48
C TYR C 1152 45.93 17.89 -15.96
N ARG C 1153 45.29 16.76 -15.69
CA ARG C 1153 43.87 16.75 -15.35
C ARG C 1153 43.66 16.12 -13.98
N TRP C 1154 42.76 16.72 -13.19
CA TRP C 1154 42.45 16.24 -11.86
C TRP C 1154 41.40 15.15 -11.97
N CYS C 1155 41.84 13.91 -11.99
CA CYS C 1155 40.94 12.79 -12.17
C CYS C 1155 40.51 12.22 -10.81
N PHE C 1156 39.71 11.18 -10.86
CA PHE C 1156 39.18 10.55 -9.65
C PHE C 1156 38.86 9.10 -9.98
N ARG C 1157 39.64 8.19 -9.41
CA ARG C 1157 39.53 6.78 -9.76
C ARG C 1157 38.20 6.19 -9.31
N VAL C 1158 37.69 5.26 -10.11
CA VAL C 1158 36.51 4.46 -9.75
C VAL C 1158 36.74 3.07 -10.29
N ASP C 1159 36.94 2.10 -9.40
CA ASP C 1159 37.05 0.71 -9.81
C ASP C 1159 35.65 0.10 -9.90
N GLU C 1160 35.46 -0.76 -10.90
CA GLU C 1160 34.17 -1.42 -11.11
C GLU C 1160 34.41 -2.86 -11.51
N VAL C 1161 33.42 -3.71 -11.22
CA VAL C 1161 33.48 -5.14 -11.52
C VAL C 1161 32.29 -5.49 -12.39
N ASN C 1162 32.55 -6.15 -13.52
CA ASN C 1162 31.51 -6.52 -14.46
C ASN C 1162 31.89 -7.85 -15.09
N TRP C 1163 31.01 -8.84 -14.97
CA TRP C 1163 31.28 -10.20 -15.36
C TRP C 1163 30.79 -10.56 -16.76
N THR C 1164 30.35 -9.57 -17.54
CA THR C 1164 29.76 -9.86 -18.83
C THR C 1164 30.40 -9.09 -19.98
N THR C 1165 30.81 -7.84 -19.75
CA THR C 1165 31.32 -7.01 -20.84
C THR C 1165 32.43 -7.73 -21.60
N TRP C 1166 33.54 -8.05 -20.90
CA TRP C 1166 34.59 -8.90 -21.43
C TRP C 1166 35.12 -8.37 -22.77
N ASN C 1167 35.30 -7.05 -22.85
CA ASN C 1167 35.92 -6.44 -24.01
C ASN C 1167 36.14 -4.94 -23.77
N SER D 611 59.75 -8.23 -4.63
CA SER D 611 59.22 -7.17 -5.54
C SER D 611 57.90 -7.61 -6.16
N TYR D 612 57.11 -6.63 -6.60
CA TYR D 612 55.78 -6.94 -7.14
C TYR D 612 55.88 -7.79 -8.40
N TYR D 613 56.82 -7.47 -9.28
CA TYR D 613 56.93 -8.14 -10.58
C TYR D 613 57.84 -9.37 -10.51
N LYS D 614 57.58 -10.24 -9.53
CA LYS D 614 58.27 -11.51 -9.44
C LYS D 614 57.27 -12.65 -9.25
N GLY D 615 56.17 -12.37 -8.55
CA GLY D 615 55.15 -13.38 -8.36
C GLY D 615 54.43 -13.73 -9.65
N GLN D 616 54.16 -12.72 -10.48
CA GLN D 616 53.45 -12.94 -11.72
C GLN D 616 54.38 -13.58 -12.75
N THR D 617 53.77 -14.15 -13.79
CA THR D 617 54.49 -14.77 -14.88
C THR D 617 53.73 -14.53 -16.17
N ALA D 618 54.43 -14.71 -17.30
CA ALA D 618 53.78 -14.53 -18.60
C ALA D 618 52.59 -15.46 -18.77
N LEU D 619 52.60 -16.62 -18.08
CA LEU D 619 51.49 -17.56 -18.22
C LEU D 619 50.20 -16.98 -17.68
N HIS D 620 50.25 -16.38 -16.48
CA HIS D 620 49.04 -15.82 -15.88
C HIS D 620 48.47 -14.72 -16.76
N ILE D 621 49.32 -13.81 -17.25
CA ILE D 621 48.85 -12.73 -18.10
C ILE D 621 48.27 -13.30 -19.39
N ALA D 622 48.98 -14.23 -20.02
CA ALA D 622 48.48 -14.86 -21.23
C ALA D 622 47.08 -15.42 -21.00
N ILE D 623 46.85 -15.98 -19.81
CA ILE D 623 45.50 -16.39 -19.44
C ILE D 623 44.58 -15.17 -19.37
N GLU D 624 45.07 -14.09 -18.76
CA GLU D 624 44.22 -12.92 -18.52
C GLU D 624 43.63 -12.40 -19.83
N ARG D 625 44.44 -12.33 -20.88
CA ARG D 625 43.95 -11.94 -22.19
C ARG D 625 42.96 -12.94 -22.76
N ARG D 626 42.86 -14.14 -22.17
CA ARG D 626 41.94 -15.18 -22.61
C ARG D 626 42.40 -15.78 -23.94
N ASN D 627 43.70 -15.75 -24.20
CA ASN D 627 44.25 -16.24 -25.45
C ASN D 627 44.66 -17.69 -25.25
N MET D 628 43.82 -18.62 -25.72
CA MET D 628 44.16 -20.03 -25.68
C MET D 628 45.44 -20.32 -26.45
N THR D 629 45.55 -19.78 -27.67
CA THR D 629 46.75 -20.03 -28.45
C THR D 629 47.98 -19.54 -27.71
N LEU D 630 47.91 -18.35 -27.13
CA LEU D 630 49.06 -17.80 -26.42
C LEU D 630 49.44 -18.66 -25.22
N VAL D 631 48.46 -19.04 -24.41
CA VAL D 631 48.78 -19.81 -23.19
C VAL D 631 49.31 -21.18 -23.56
N THR D 632 48.68 -21.86 -24.53
CA THR D 632 49.14 -23.19 -24.90
C THR D 632 50.53 -23.13 -25.53
N LEU D 633 50.82 -22.10 -26.34
CA LEU D 633 52.17 -21.94 -26.88
C LEU D 633 53.17 -21.69 -25.77
N LEU D 634 52.83 -20.80 -24.84
CA LEU D 634 53.74 -20.49 -23.74
C LEU D 634 54.05 -21.74 -22.94
N VAL D 635 53.02 -22.52 -22.60
CA VAL D 635 53.25 -23.76 -21.85
C VAL D 635 53.76 -24.88 -22.73
N GLU D 636 53.85 -24.67 -24.05
CA GLU D 636 54.36 -25.71 -24.92
C GLU D 636 55.83 -26.03 -24.62
N ASN D 637 56.64 -25.00 -24.40
CA ASN D 637 58.05 -25.21 -24.11
C ASN D 637 58.28 -25.88 -22.75
N GLY D 638 57.24 -25.97 -21.91
CA GLY D 638 57.38 -26.58 -20.61
C GLY D 638 57.32 -25.55 -19.50
N ALA D 639 56.52 -24.51 -19.69
CA ALA D 639 56.41 -23.47 -18.67
C ALA D 639 55.83 -24.03 -17.39
N ASP D 640 56.33 -23.54 -16.25
CA ASP D 640 55.89 -24.02 -14.96
C ASP D 640 54.42 -23.68 -14.74
N VAL D 641 53.69 -24.61 -14.12
CA VAL D 641 52.28 -24.41 -13.78
C VAL D 641 52.05 -24.23 -12.29
N GLN D 642 53.08 -24.40 -11.48
CA GLN D 642 53.00 -24.24 -10.03
C GLN D 642 53.25 -22.81 -9.58
N ALA D 643 53.48 -21.89 -10.51
CA ALA D 643 53.76 -20.51 -10.15
C ALA D 643 52.63 -19.94 -9.29
N ALA D 644 53.01 -19.29 -8.21
CA ALA D 644 52.06 -18.74 -7.24
C ALA D 644 52.12 -17.22 -7.27
N ALA D 645 50.96 -16.59 -7.44
CA ALA D 645 50.87 -15.12 -7.46
C ALA D 645 50.66 -14.61 -6.03
N ASN D 646 51.74 -14.67 -5.26
CA ASN D 646 51.72 -14.23 -3.86
C ASN D 646 51.95 -12.72 -3.75
N GLY D 647 51.12 -11.96 -4.45
CA GLY D 647 51.22 -10.51 -4.46
C GLY D 647 50.03 -9.88 -3.74
N ASP D 648 50.29 -8.76 -3.06
CA ASP D 648 49.23 -8.08 -2.33
C ASP D 648 48.09 -7.65 -3.25
N PHE D 649 48.40 -7.37 -4.51
CA PHE D 649 47.36 -6.99 -5.46
C PHE D 649 46.33 -8.10 -5.62
N PHE D 650 46.74 -9.35 -5.46
CA PHE D 650 45.85 -10.50 -5.61
C PHE D 650 45.22 -10.95 -4.30
N LYS D 651 45.51 -10.27 -3.19
CA LYS D 651 44.98 -10.69 -1.91
C LYS D 651 43.47 -10.43 -1.84
N LYS D 652 42.83 -11.13 -0.90
CA LYS D 652 41.38 -11.08 -0.75
C LYS D 652 40.86 -9.75 -0.23
N THR D 653 41.72 -8.89 0.29
CA THR D 653 41.28 -7.63 0.87
C THR D 653 40.37 -6.88 -0.09
N LYS D 654 39.10 -6.70 0.32
CA LYS D 654 38.14 -5.98 -0.50
C LYS D 654 38.31 -4.47 -0.42
N GLY D 655 39.07 -3.97 0.54
CA GLY D 655 39.34 -2.55 0.66
C GLY D 655 40.45 -2.04 -0.21
N ARG D 656 41.06 -2.89 -1.03
CA ARG D 656 42.16 -2.55 -1.91
C ARG D 656 41.82 -2.99 -3.33
N PRO D 657 42.41 -2.34 -4.33
CA PRO D 657 42.11 -2.72 -5.72
C PRO D 657 42.58 -4.13 -6.02
N GLY D 658 41.88 -4.77 -6.95
CA GLY D 658 42.16 -6.13 -7.36
C GLY D 658 41.24 -7.13 -6.69
N PHE D 659 41.24 -8.34 -7.24
CA PHE D 659 40.40 -9.43 -6.75
C PHE D 659 41.23 -10.71 -6.64
N TYR D 660 40.94 -11.50 -5.62
CA TYR D 660 41.67 -12.74 -5.39
C TYR D 660 41.06 -13.87 -6.20
N PHE D 661 41.90 -14.54 -6.99
CA PHE D 661 41.47 -15.66 -7.82
C PHE D 661 42.28 -16.93 -7.58
N GLY D 662 43.22 -16.92 -6.66
CA GLY D 662 44.01 -18.10 -6.34
C GLY D 662 45.41 -17.99 -6.93
N GLU D 663 46.41 -18.38 -6.14
CA GLU D 663 47.79 -18.26 -6.57
C GLU D 663 48.07 -19.13 -7.80
N LEU D 664 47.58 -20.37 -7.80
CA LEU D 664 47.84 -21.26 -8.91
C LEU D 664 47.15 -20.73 -10.17
N PRO D 665 47.81 -20.77 -11.33
CA PRO D 665 47.16 -20.22 -12.52
C PRO D 665 45.85 -20.89 -12.85
N LEU D 666 45.76 -22.21 -12.62
CA LEU D 666 44.48 -22.88 -12.81
C LEU D 666 43.41 -22.26 -11.92
N SER D 667 43.80 -21.76 -10.76
CA SER D 667 42.83 -21.04 -9.93
C SER D 667 42.32 -19.81 -10.65
N LEU D 668 43.22 -19.07 -11.29
CA LEU D 668 42.78 -17.92 -12.08
C LEU D 668 41.83 -18.37 -13.17
N ALA D 669 42.22 -19.37 -13.96
CA ALA D 669 41.42 -19.78 -15.10
C ALA D 669 40.04 -20.26 -14.67
N ALA D 670 39.98 -21.06 -13.60
CA ALA D 670 38.69 -21.47 -13.07
C ALA D 670 37.90 -20.28 -12.58
N CYS D 671 38.58 -19.34 -11.92
CA CYS D 671 37.92 -18.11 -11.52
C CYS D 671 37.39 -17.37 -12.74
N THR D 672 38.13 -17.39 -13.83
CA THR D 672 37.61 -16.97 -15.11
C THR D 672 36.71 -18.06 -15.69
N ASN D 673 35.98 -17.71 -16.75
CA ASN D 673 35.13 -18.67 -17.44
C ASN D 673 35.88 -19.47 -18.48
N GLN D 674 37.21 -19.50 -18.41
CA GLN D 674 38.04 -20.14 -19.44
C GLN D 674 37.94 -21.65 -19.27
N LEU D 675 36.81 -22.20 -19.74
CA LEU D 675 36.65 -23.64 -19.81
C LEU D 675 37.84 -24.29 -20.51
N ALA D 676 38.24 -23.74 -21.66
CA ALA D 676 39.29 -24.36 -22.44
C ALA D 676 40.59 -24.45 -21.66
N ILE D 677 40.92 -23.40 -20.89
CA ILE D 677 42.19 -23.39 -20.19
C ILE D 677 42.23 -24.45 -19.10
N VAL D 678 41.17 -24.53 -18.29
CA VAL D 678 41.13 -25.56 -17.26
C VAL D 678 41.21 -26.93 -17.91
N LYS D 679 40.46 -27.13 -18.98
CA LYS D 679 40.50 -28.39 -19.71
C LYS D 679 41.93 -28.75 -20.12
N PHE D 680 42.55 -27.88 -20.92
CA PHE D 680 43.87 -28.20 -21.46
C PHE D 680 44.90 -28.38 -20.36
N LEU D 681 44.95 -27.45 -19.41
CA LEU D 681 45.93 -27.55 -18.33
C LEU D 681 45.78 -28.87 -17.59
N LEU D 682 44.53 -29.28 -17.32
CA LEU D 682 44.34 -30.53 -16.63
C LEU D 682 44.56 -31.73 -17.55
N GLN D 683 44.62 -31.51 -18.85
CA GLN D 683 44.80 -32.59 -19.82
C GLN D 683 46.11 -32.50 -20.59
N ASN D 684 46.95 -31.50 -20.30
CA ASN D 684 48.21 -31.36 -21.02
C ASN D 684 49.10 -32.57 -20.79
N SER D 685 49.85 -32.94 -21.82
CA SER D 685 50.70 -34.12 -21.73
C SER D 685 51.81 -33.94 -20.70
N TRP D 686 52.25 -32.70 -20.45
CA TRP D 686 53.32 -32.41 -19.52
C TRP D 686 52.83 -31.45 -18.45
N GLN D 687 53.11 -31.79 -17.20
CA GLN D 687 52.83 -30.92 -16.05
C GLN D 687 51.36 -30.49 -15.99
N PRO D 688 50.43 -31.44 -15.84
CA PRO D 688 49.05 -31.05 -15.53
C PRO D 688 48.92 -30.60 -14.09
N ALA D 689 48.75 -29.30 -13.89
CA ALA D 689 48.83 -28.74 -12.55
C ALA D 689 47.86 -29.46 -11.62
N ASP D 690 48.37 -29.88 -10.47
CA ASP D 690 47.55 -30.64 -9.52
C ASP D 690 46.33 -29.82 -9.14
N ILE D 691 45.15 -30.46 -9.18
CA ILE D 691 43.92 -29.78 -8.81
C ILE D 691 43.88 -29.54 -7.31
N SER D 692 44.32 -30.52 -6.52
CA SER D 692 44.32 -30.40 -5.06
C SER D 692 45.52 -29.57 -4.66
N ALA D 693 45.33 -28.26 -4.53
CA ALA D 693 46.39 -27.34 -4.14
C ALA D 693 45.84 -26.37 -3.10
N ARG D 694 46.50 -26.29 -1.96
CA ARG D 694 46.18 -25.27 -0.97
C ARG D 694 46.88 -23.97 -1.35
N ASP D 695 46.11 -22.93 -1.59
CA ASP D 695 46.68 -21.62 -1.87
C ASP D 695 47.26 -21.03 -0.60
N SER D 696 47.82 -19.82 -0.71
CA SER D 696 48.49 -19.21 0.43
C SER D 696 47.59 -19.14 1.64
N VAL D 697 46.31 -18.85 1.43
CA VAL D 697 45.38 -18.71 2.55
C VAL D 697 44.83 -20.10 2.84
N GLY D 698 45.36 -21.12 2.14
CA GLY D 698 44.93 -22.49 2.31
C GLY D 698 43.82 -22.92 1.38
N ASN D 699 43.39 -22.09 0.45
CA ASN D 699 42.19 -22.35 -0.34
C ASN D 699 42.50 -23.22 -1.54
N THR D 700 41.51 -23.98 -1.98
CA THR D 700 41.59 -24.74 -3.22
C THR D 700 40.92 -23.95 -4.35
N VAL D 701 41.11 -24.42 -5.58
CA VAL D 701 40.43 -23.82 -6.71
C VAL D 701 38.92 -23.80 -6.47
N LEU D 702 38.41 -24.79 -5.75
CA LEU D 702 37.00 -24.76 -5.39
C LEU D 702 36.72 -23.69 -4.34
N HIS D 703 37.56 -23.60 -3.31
CA HIS D 703 37.40 -22.55 -2.32
C HIS D 703 37.46 -21.18 -2.98
N ALA D 704 38.51 -20.94 -3.77
CA ALA D 704 38.61 -19.68 -4.48
C ALA D 704 37.38 -19.46 -5.37
N LEU D 705 36.88 -20.54 -5.98
CA LEU D 705 35.72 -20.40 -6.83
C LEU D 705 34.54 -19.86 -6.04
N VAL D 706 34.16 -20.57 -4.97
CA VAL D 706 33.02 -20.14 -4.18
C VAL D 706 33.23 -18.72 -3.68
N GLU D 707 34.47 -18.38 -3.34
CA GLU D 707 34.78 -17.01 -2.97
C GLU D 707 34.39 -16.06 -4.09
N VAL D 708 34.77 -16.39 -5.32
CA VAL D 708 34.47 -15.54 -6.45
C VAL D 708 32.97 -15.43 -6.66
N ALA D 709 32.20 -16.39 -6.16
CA ALA D 709 30.76 -16.39 -6.38
C ALA D 709 30.13 -15.16 -5.74
N ASP D 710 29.05 -14.69 -6.35
CA ASP D 710 28.27 -13.58 -5.83
C ASP D 710 26.81 -14.00 -5.76
N ASN D 711 25.91 -13.05 -5.53
CA ASN D 711 24.49 -13.28 -5.72
C ASN D 711 24.04 -12.97 -7.15
N THR D 712 24.96 -12.68 -8.06
CA THR D 712 24.59 -12.34 -9.42
C THR D 712 24.22 -13.59 -10.20
N VAL D 713 23.15 -13.48 -11.01
CA VAL D 713 22.62 -14.64 -11.70
C VAL D 713 23.65 -15.21 -12.66
N ASP D 714 24.26 -14.37 -13.49
CA ASP D 714 25.29 -14.86 -14.40
C ASP D 714 26.47 -15.43 -13.62
N ASN D 715 26.84 -14.76 -12.53
CA ASN D 715 27.84 -15.32 -11.64
C ASN D 715 27.41 -16.68 -11.12
N THR D 716 26.13 -16.81 -10.77
CA THR D 716 25.63 -18.09 -10.32
C THR D 716 25.79 -19.16 -11.40
N LYS D 717 25.44 -18.81 -12.64
CA LYS D 717 25.55 -19.77 -13.73
C LYS D 717 26.99 -20.21 -13.94
N PHE D 718 27.91 -19.26 -13.95
CA PHE D 718 29.31 -19.61 -14.16
C PHE D 718 29.82 -20.47 -13.02
N VAL D 719 29.62 -20.00 -11.78
CA VAL D 719 30.13 -20.70 -10.61
C VAL D 719 29.43 -22.02 -10.36
N THR D 720 28.30 -22.28 -11.01
CA THR D 720 27.65 -23.58 -10.92
C THR D 720 28.15 -24.54 -11.99
N SER D 721 28.09 -24.12 -13.26
CA SER D 721 28.56 -24.99 -14.34
C SER D 721 30.02 -25.35 -14.14
N MET D 722 30.87 -24.34 -13.91
CA MET D 722 32.29 -24.61 -13.77
C MET D 722 32.57 -25.45 -12.54
N TYR D 723 31.84 -25.20 -11.45
CA TYR D 723 31.99 -26.03 -10.25
C TYR D 723 31.73 -27.50 -10.56
N ASN D 724 30.58 -27.79 -11.14
CA ASN D 724 30.27 -29.18 -11.46
C ASN D 724 31.33 -29.77 -12.35
N GLU D 725 31.74 -29.04 -13.39
CA GLU D 725 32.69 -29.60 -14.33
C GLU D 725 34.00 -29.94 -13.63
N ILE D 726 34.51 -29.04 -12.81
CA ILE D 726 35.79 -29.33 -12.16
C ILE D 726 35.62 -30.48 -11.20
N LEU D 727 34.49 -30.58 -10.52
CA LEU D 727 34.26 -31.74 -9.68
C LEU D 727 34.42 -33.02 -10.48
N ILE D 728 33.71 -33.11 -11.60
CA ILE D 728 33.80 -34.29 -12.43
C ILE D 728 35.24 -34.53 -12.86
N LEU D 729 35.92 -33.47 -13.30
CA LEU D 729 37.26 -33.62 -13.86
C LEU D 729 38.24 -34.12 -12.81
N GLY D 730 38.26 -33.46 -11.64
CA GLY D 730 39.11 -33.92 -10.57
C GLY D 730 38.82 -35.36 -10.20
N ALA D 731 37.54 -35.74 -10.20
CA ALA D 731 37.21 -37.14 -10.01
C ALA D 731 37.89 -37.98 -11.09
N LYS D 732 37.85 -37.52 -12.33
CA LYS D 732 38.42 -38.30 -13.43
C LYS D 732 39.90 -38.52 -13.23
N LEU D 733 40.65 -37.43 -13.02
CA LEU D 733 42.08 -37.56 -12.75
C LEU D 733 42.31 -38.35 -11.46
N HIS D 734 41.62 -37.96 -10.40
CA HIS D 734 41.67 -38.67 -9.12
C HIS D 734 40.26 -39.04 -8.72
N PRO D 735 39.79 -40.25 -9.06
CA PRO D 735 38.48 -40.68 -8.57
C PRO D 735 38.40 -40.78 -7.06
N THR D 736 39.52 -41.08 -6.40
CA THR D 736 39.55 -41.35 -4.96
C THR D 736 40.08 -40.17 -4.16
N LEU D 737 39.99 -38.96 -4.71
CA LEU D 737 40.48 -37.76 -4.05
C LEU D 737 39.31 -36.96 -3.52
N LYS D 738 39.35 -36.61 -2.23
CA LYS D 738 38.25 -35.93 -1.57
C LYS D 738 38.41 -34.41 -1.71
N LEU D 739 38.54 -33.97 -2.95
CA LEU D 739 38.90 -32.58 -3.22
C LEU D 739 37.95 -31.60 -2.54
N GLU D 740 36.69 -31.98 -2.38
CA GLU D 740 35.77 -31.14 -1.61
C GLU D 740 36.17 -31.10 -0.14
N GLU D 741 36.73 -32.19 0.37
CA GLU D 741 36.97 -32.30 1.79
C GLU D 741 38.12 -31.43 2.28
N ILE D 742 39.04 -31.04 1.40
CA ILE D 742 40.20 -30.25 1.81
C ILE D 742 39.71 -28.95 2.42
N THR D 743 40.39 -28.52 3.49
CA THR D 743 40.04 -27.32 4.21
C THR D 743 41.18 -26.31 4.16
N ASN D 744 40.83 -25.03 4.25
CA ASN D 744 41.81 -23.96 4.21
C ASN D 744 42.41 -23.76 5.60
N ARG D 745 43.25 -22.74 5.74
CA ARG D 745 43.78 -22.39 7.06
C ARG D 745 42.64 -22.09 8.02
N LYS D 746 41.66 -21.31 7.60
CA LYS D 746 40.45 -21.13 8.40
C LYS D 746 39.76 -22.46 8.66
N GLY D 747 40.02 -23.47 7.82
CA GLY D 747 39.53 -24.81 8.09
C GLY D 747 38.12 -25.05 7.64
N LEU D 748 37.74 -24.56 6.47
CA LEU D 748 36.39 -24.70 5.94
C LEU D 748 36.45 -25.43 4.60
N THR D 749 35.58 -26.40 4.41
CA THR D 749 35.41 -27.00 3.10
C THR D 749 34.52 -26.10 2.26
N PRO D 750 34.55 -26.29 0.93
CA PRO D 750 33.74 -25.41 0.06
C PRO D 750 32.31 -25.23 0.54
N LEU D 751 31.67 -26.30 1.04
CA LEU D 751 30.38 -26.12 1.65
C LEU D 751 30.47 -25.16 2.82
N ALA D 752 31.44 -25.38 3.69
CA ALA D 752 31.59 -24.52 4.86
C ALA D 752 31.91 -23.09 4.44
N LEU D 753 32.55 -22.95 3.28
CA LEU D 753 32.93 -21.62 2.77
C LEU D 753 31.67 -20.94 2.25
N ALA D 754 30.87 -21.63 1.44
CA ALA D 754 29.69 -20.96 0.85
C ALA D 754 28.76 -20.68 2.00
N ALA D 755 28.82 -21.51 3.02
CA ALA D 755 27.92 -21.40 4.17
C ALA D 755 28.31 -20.20 5.00
N SER D 756 29.60 -20.08 5.29
CA SER D 756 30.10 -19.00 6.16
C SER D 756 30.08 -17.66 5.43
N SER D 757 30.25 -17.68 4.11
CA SER D 757 30.27 -16.44 3.30
C SER D 757 28.85 -16.12 2.91
N GLY D 758 28.12 -17.12 2.46
CA GLY D 758 26.71 -16.95 2.11
C GLY D 758 26.53 -16.93 0.63
N LYS D 759 27.25 -17.78 -0.07
CA LYS D 759 27.08 -17.93 -1.54
C LYS D 759 25.86 -18.84 -1.70
N ILE D 760 24.67 -18.29 -1.83
CA ILE D 760 23.46 -19.10 -1.84
C ILE D 760 23.43 -19.98 -3.08
N GLY D 761 23.84 -19.42 -4.22
CA GLY D 761 23.85 -20.22 -5.45
C GLY D 761 24.74 -21.44 -5.33
N VAL D 762 25.95 -21.26 -4.81
CA VAL D 762 26.87 -22.39 -4.66
C VAL D 762 26.31 -23.39 -3.66
N LEU D 763 25.77 -22.89 -2.55
CA LEU D 763 25.18 -23.77 -1.55
C LEU D 763 24.10 -24.62 -2.18
N ALA D 764 23.19 -23.99 -2.92
CA ALA D 764 22.13 -24.74 -3.58
C ALA D 764 22.71 -25.76 -4.53
N TYR D 765 23.70 -25.34 -5.32
CA TYR D 765 24.31 -26.27 -6.27
C TYR D 765 24.77 -27.53 -5.55
N ILE D 766 25.47 -27.36 -4.44
CA ILE D 766 26.01 -28.52 -3.73
C ILE D 766 24.86 -29.35 -3.16
N LEU D 767 23.92 -28.69 -2.48
CA LEU D 767 22.93 -29.42 -1.69
C LEU D 767 21.90 -30.10 -2.56
N GLN D 768 21.74 -29.68 -3.82
CA GLN D 768 20.85 -30.37 -4.74
C GLN D 768 21.63 -31.06 -5.85
N ARG D 769 22.92 -31.27 -5.67
CA ARG D 769 23.77 -31.74 -6.76
C ARG D 769 23.34 -33.14 -7.19
N GLU D 770 23.04 -33.27 -8.49
CA GLU D 770 22.62 -34.52 -9.10
C GLU D 770 23.44 -34.76 -10.36
N ILE D 771 23.74 -36.02 -10.63
CA ILE D 771 24.47 -36.42 -11.84
C ILE D 771 23.79 -37.64 -12.45
N HIS D 772 23.68 -37.64 -13.77
CA HIS D 772 23.03 -38.74 -14.48
C HIS D 772 24.00 -39.80 -14.97
N GLU D 773 25.28 -39.49 -15.09
CA GLU D 773 26.25 -40.47 -15.56
C GLU D 773 26.45 -41.54 -14.50
N PRO D 774 26.21 -42.82 -14.80
CA PRO D 774 26.33 -43.84 -13.75
C PRO D 774 27.72 -43.91 -13.13
N GLU D 775 28.77 -43.72 -13.94
CA GLU D 775 30.13 -43.91 -13.44
C GLU D 775 30.50 -42.86 -12.39
N CYS D 776 30.18 -41.60 -12.67
CA CYS D 776 30.60 -40.48 -11.83
C CYS D 776 29.47 -39.93 -10.95
N ARG D 777 28.35 -40.65 -10.84
CA ARG D 777 27.27 -40.18 -9.98
C ARG D 777 27.63 -40.27 -8.51
N HIS D 778 28.77 -40.89 -8.18
CA HIS D 778 29.21 -40.97 -6.79
C HIS D 778 29.22 -39.61 -6.13
N LEU D 779 29.86 -38.63 -6.75
CA LEU D 779 30.01 -37.33 -6.13
C LEU D 779 28.76 -36.50 -6.37
N SER D 780 27.59 -37.07 -6.06
CA SER D 780 26.32 -36.44 -6.36
C SER D 780 25.55 -36.29 -5.07
N ARG D 781 25.02 -35.09 -4.82
CA ARG D 781 24.41 -34.82 -3.53
C ARG D 781 22.98 -35.32 -3.44
N LYS D 782 22.23 -35.30 -4.55
CA LYS D 782 20.85 -35.76 -4.56
C LYS D 782 20.77 -37.07 -5.33
N PHE D 783 20.25 -38.10 -4.67
CA PHE D 783 20.02 -39.42 -5.28
C PHE D 783 18.53 -39.62 -5.46
N THR D 784 18.03 -39.40 -6.67
CA THR D 784 16.66 -39.75 -6.98
C THR D 784 16.48 -41.26 -6.89
N GLU D 785 15.38 -41.69 -6.29
CA GLU D 785 15.15 -43.12 -6.04
C GLU D 785 14.36 -43.77 -7.17
N TRP D 786 13.13 -43.31 -7.39
CA TRP D 786 12.26 -43.88 -8.41
C TRP D 786 11.19 -42.86 -8.75
N ALA D 787 10.45 -43.14 -9.81
CA ALA D 787 9.38 -42.27 -10.27
C ALA D 787 8.23 -43.14 -10.79
N TYR D 788 7.22 -43.35 -9.97
CA TYR D 788 6.00 -44.05 -10.38
C TYR D 788 4.98 -43.00 -10.80
N GLY D 789 5.14 -42.52 -12.03
CA GLY D 789 4.33 -41.43 -12.52
C GLY D 789 4.77 -40.11 -11.94
N PRO D 790 3.91 -39.10 -11.99
CA PRO D 790 4.30 -37.77 -11.47
C PRO D 790 4.84 -37.83 -10.06
N VAL D 791 4.50 -38.87 -9.31
CA VAL D 791 5.02 -39.05 -7.97
C VAL D 791 6.39 -39.70 -8.04
N HIS D 792 7.36 -39.12 -7.33
CA HIS D 792 8.70 -39.66 -7.29
C HIS D 792 9.40 -39.19 -6.02
N SER D 793 10.21 -40.08 -5.45
CA SER D 793 10.94 -39.79 -4.23
C SER D 793 12.19 -38.96 -4.54
N SER D 794 12.86 -38.50 -3.48
CA SER D 794 14.11 -37.76 -3.62
C SER D 794 14.87 -37.85 -2.31
N LEU D 795 16.08 -38.42 -2.38
CA LEU D 795 16.96 -38.52 -1.23
C LEU D 795 17.97 -37.37 -1.23
N TYR D 796 18.80 -37.32 -0.19
CA TYR D 796 19.86 -36.33 -0.11
C TYR D 796 21.05 -36.95 0.60
N ASP D 797 22.07 -36.14 0.89
CA ASP D 797 23.36 -36.62 1.38
C ASP D 797 23.55 -36.40 2.87
N LEU D 798 23.36 -35.18 3.34
CA LEU D 798 23.47 -34.87 4.77
C LEU D 798 24.82 -35.31 5.34
N SER D 799 25.88 -35.19 4.54
CA SER D 799 27.18 -35.68 4.99
C SER D 799 27.68 -34.90 6.19
N CYS D 800 27.58 -33.58 6.15
CA CYS D 800 28.04 -32.72 7.24
C CYS D 800 27.01 -31.70 7.67
N ILE D 801 25.85 -31.63 7.01
CA ILE D 801 24.80 -30.74 7.48
C ILE D 801 24.40 -31.13 8.90
N ASP D 802 24.23 -32.42 9.14
CA ASP D 802 23.91 -32.89 10.48
C ASP D 802 25.07 -32.57 11.42
N THR D 803 24.73 -32.29 12.67
CA THR D 803 25.70 -31.76 13.60
C THR D 803 26.65 -32.87 14.03
N CYS D 804 27.46 -33.36 13.09
CA CYS D 804 28.49 -34.34 13.37
C CYS D 804 29.88 -33.84 12.99
N GLU D 805 29.97 -32.65 12.42
CA GLU D 805 31.22 -32.12 11.90
C GLU D 805 31.67 -30.96 12.78
N LYS D 806 32.92 -30.55 12.58
CA LYS D 806 33.48 -29.45 13.37
C LYS D 806 32.66 -28.17 13.19
N ASN D 807 32.26 -27.85 11.96
CA ASN D 807 31.32 -26.76 11.69
C ASN D 807 30.26 -27.27 10.72
N SER D 808 29.03 -27.42 11.20
CA SER D 808 27.94 -27.93 10.40
C SER D 808 27.26 -26.79 9.65
N VAL D 809 26.96 -27.04 8.38
CA VAL D 809 26.41 -25.98 7.52
C VAL D 809 25.24 -25.30 8.22
N LEU D 810 24.39 -26.07 8.88
CA LEU D 810 23.36 -25.47 9.72
C LEU D 810 24.00 -24.65 10.83
N GLU D 811 25.04 -25.16 11.47
CA GLU D 811 25.71 -24.39 12.50
C GLU D 811 26.29 -23.12 11.91
N VAL D 812 26.91 -23.20 10.74
CA VAL D 812 27.54 -22.04 10.13
C VAL D 812 26.50 -20.97 9.83
N ILE D 813 25.38 -21.37 9.23
CA ILE D 813 24.33 -20.39 8.95
C ILE D 813 23.78 -19.81 10.24
N ALA D 814 23.55 -20.67 11.24
CA ALA D 814 22.90 -20.21 12.45
C ALA D 814 23.75 -19.18 13.18
N TYR D 815 25.01 -19.51 13.43
CA TYR D 815 25.85 -18.65 14.26
C TYR D 815 26.51 -17.52 13.49
N SER D 816 26.43 -17.52 12.17
CA SER D 816 27.05 -16.46 11.39
C SER D 816 26.41 -15.11 11.74
N SER D 817 27.23 -14.07 11.76
CA SER D 817 26.74 -12.74 12.10
C SER D 817 25.88 -12.19 10.96
N SER D 818 25.20 -11.08 11.26
CA SER D 818 24.34 -10.43 10.28
C SER D 818 25.12 -9.81 9.12
N GLU D 819 26.44 -9.70 9.23
CA GLU D 819 27.23 -9.17 8.13
C GLU D 819 27.08 -10.03 6.89
N THR D 820 27.09 -11.34 7.06
CA THR D 820 26.91 -12.23 5.93
C THR D 820 25.54 -11.98 5.30
N PRO D 821 25.46 -11.72 4.00
CA PRO D 821 24.15 -11.44 3.40
C PRO D 821 23.38 -12.72 3.10
N ASN D 822 22.06 -12.58 3.11
CA ASN D 822 21.12 -13.67 2.81
C ASN D 822 21.16 -14.79 3.84
N ARG D 823 21.63 -14.51 5.06
CA ARG D 823 21.81 -15.57 6.03
C ARG D 823 20.49 -16.27 6.36
N HIS D 824 19.43 -15.50 6.55
CA HIS D 824 18.12 -16.09 6.80
C HIS D 824 17.44 -16.58 5.53
N ASP D 825 17.94 -16.17 4.36
CA ASP D 825 17.32 -16.56 3.10
C ASP D 825 17.87 -17.86 2.54
N MET D 826 19.11 -18.21 2.89
CA MET D 826 19.68 -19.47 2.41
C MET D 826 18.89 -20.66 2.93
N LEU D 827 18.41 -20.58 4.17
CA LEU D 827 17.77 -21.72 4.80
C LEU D 827 16.61 -22.27 3.96
N LEU D 828 16.14 -21.50 2.98
CA LEU D 828 14.98 -21.92 2.20
C LEU D 828 15.30 -23.09 1.27
N VAL D 829 16.56 -23.46 1.11
CA VAL D 829 16.89 -24.59 0.25
C VAL D 829 16.21 -25.84 0.78
N GLU D 830 15.46 -26.51 -0.09
CA GLU D 830 14.51 -27.53 0.34
C GLU D 830 15.10 -28.58 1.28
N PRO D 831 16.22 -29.22 0.97
CA PRO D 831 16.72 -30.23 1.91
C PRO D 831 16.97 -29.68 3.30
N LEU D 832 17.53 -28.48 3.40
CA LEU D 832 17.81 -27.92 4.71
C LEU D 832 16.52 -27.55 5.45
N ASN D 833 15.61 -26.86 4.77
CA ASN D 833 14.37 -26.44 5.42
C ASN D 833 13.58 -27.64 5.90
N ARG D 834 13.46 -28.65 5.04
CA ARG D 834 12.74 -29.86 5.42
C ARG D 834 13.44 -30.59 6.55
N LEU D 835 14.78 -30.59 6.55
CA LEU D 835 15.51 -31.20 7.66
C LEU D 835 15.18 -30.49 8.96
N LEU D 836 15.14 -29.16 8.91
CA LEU D 836 14.84 -28.40 10.12
C LEU D 836 13.43 -28.70 10.61
N GLN D 837 12.45 -28.67 9.70
CA GLN D 837 11.07 -28.92 10.10
C GLN D 837 10.93 -30.33 10.65
N ASP D 838 11.56 -31.31 10.00
CA ASP D 838 11.50 -32.68 10.47
C ASP D 838 12.03 -32.79 11.89
N LYS D 839 13.22 -32.25 12.14
CA LYS D 839 13.77 -32.36 13.48
C LYS D 839 12.87 -31.65 14.49
N TRP D 840 12.38 -30.46 14.14
CA TRP D 840 11.60 -29.67 15.09
C TRP D 840 10.33 -30.40 15.47
N ASP D 841 9.64 -30.98 14.48
CA ASP D 841 8.42 -31.72 14.77
C ASP D 841 8.70 -33.08 15.40
N ARG D 842 9.92 -33.61 15.24
CA ARG D 842 10.21 -34.93 15.77
C ARG D 842 10.57 -34.87 17.26
N PHE D 843 11.61 -34.10 17.61
CA PHE D 843 12.14 -34.18 18.97
C PHE D 843 12.41 -32.84 19.64
N VAL D 844 12.48 -31.73 18.90
CA VAL D 844 12.76 -30.45 19.54
C VAL D 844 11.48 -29.84 20.09
N LYS D 845 10.39 -29.89 19.32
CA LYS D 845 9.18 -29.19 19.72
C LYS D 845 8.78 -29.53 21.15
N ARG D 846 8.81 -30.83 21.50
CA ARG D 846 8.38 -31.23 22.84
C ARG D 846 9.28 -30.63 23.90
N ILE D 847 10.59 -30.72 23.72
CA ILE D 847 11.50 -30.14 24.71
C ILE D 847 11.35 -28.63 24.74
N PHE D 848 11.09 -28.02 23.59
CA PHE D 848 10.89 -26.57 23.57
C PHE D 848 9.70 -26.18 24.43
N TYR D 849 8.58 -26.89 24.28
CA TYR D 849 7.44 -26.62 25.14
C TYR D 849 7.76 -26.92 26.59
N PHE D 850 8.61 -27.91 26.84
CA PHE D 850 8.99 -28.18 28.23
C PHE D 850 9.74 -26.99 28.82
N ASN D 851 10.66 -26.40 28.05
CA ASN D 851 11.32 -25.20 28.56
C ASN D 851 10.33 -24.07 28.74
N PHE D 852 9.38 -23.93 27.81
CA PHE D 852 8.37 -22.88 27.97
C PHE D 852 7.64 -23.06 29.30
N PHE D 853 7.18 -24.29 29.57
CA PHE D 853 6.39 -24.54 30.78
C PHE D 853 7.22 -24.35 32.03
N VAL D 854 8.47 -24.83 32.03
CA VAL D 854 9.30 -24.68 33.23
C VAL D 854 9.62 -23.20 33.45
N TYR D 855 9.81 -22.44 32.37
CA TYR D 855 10.03 -21.01 32.52
C TYR D 855 8.78 -20.35 33.09
N CYS D 856 7.60 -20.78 32.66
CA CYS D 856 6.38 -20.23 33.24
C CYS D 856 6.33 -20.52 34.73
N LEU D 857 6.66 -21.75 35.13
CA LEU D 857 6.66 -22.09 36.55
C LEU D 857 7.68 -21.23 37.30
N TYR D 858 8.87 -21.05 36.71
CA TYR D 858 9.87 -20.18 37.29
C TYR D 858 9.33 -18.77 37.49
N MET D 859 8.75 -18.25 36.42
CA MET D 859 8.29 -16.86 36.46
C MET D 859 7.23 -16.79 37.55
N ILE D 860 6.23 -17.67 37.59
CA ILE D 860 5.15 -17.59 38.56
C ILE D 860 5.69 -17.72 39.98
N ILE D 861 6.67 -18.59 40.19
CA ILE D 861 7.27 -18.72 41.52
C ILE D 861 7.94 -17.41 41.90
N PHE D 862 8.67 -16.81 40.97
CA PHE D 862 9.33 -15.54 41.24
C PHE D 862 8.32 -14.45 41.55
N THR D 863 7.25 -14.38 40.78
CA THR D 863 6.23 -13.38 41.01
C THR D 863 5.57 -13.56 42.38
N ALA D 864 5.26 -14.81 42.74
CA ALA D 864 4.65 -15.07 44.03
C ALA D 864 5.59 -14.71 45.16
N ALA D 865 6.86 -15.06 45.04
CA ALA D 865 7.83 -14.73 46.08
C ALA D 865 7.96 -13.22 46.23
N ALA D 866 8.11 -12.51 45.11
CA ALA D 866 8.24 -11.06 45.17
C ALA D 866 7.03 -10.43 45.81
N TYR D 867 5.83 -10.82 45.35
CA TYR D 867 4.61 -10.20 45.86
C TYR D 867 4.53 -10.30 47.37
N TYR D 868 5.10 -11.37 47.94
CA TYR D 868 5.09 -11.57 49.38
C TYR D 868 6.43 -11.28 50.03
N ARG D 869 7.28 -10.55 49.32
CA ARG D 869 8.61 -10.19 49.85
C ARG D 869 8.34 -9.65 51.24
N PRO D 870 9.16 -9.95 52.26
CA PRO D 870 8.93 -9.35 53.55
C PRO D 870 9.19 -7.89 53.31
N VAL D 871 8.92 -7.06 54.30
CA VAL D 871 9.13 -5.59 54.17
C VAL D 871 9.93 -5.05 55.36
N GLU D 872 9.33 -4.96 56.55
CA GLU D 872 9.99 -4.36 57.75
C GLU D 872 11.48 -4.73 57.87
N GLY D 873 12.32 -3.80 58.31
CA GLY D 873 13.74 -4.09 58.58
C GLY D 873 14.58 -4.29 57.32
N LEU D 874 15.69 -3.56 57.20
CA LEU D 874 16.60 -3.74 56.06
C LEU D 874 16.86 -5.24 55.94
N PRO D 875 17.09 -5.78 54.73
CA PRO D 875 17.27 -7.21 54.61
C PRO D 875 18.59 -7.60 55.29
N PRO D 876 19.06 -8.85 55.18
CA PRO D 876 18.16 -9.98 55.06
C PRO D 876 17.17 -10.05 56.18
N TYR D 877 16.25 -11.02 56.09
CA TYR D 877 15.21 -11.21 57.11
C TYR D 877 15.59 -12.45 57.92
N LYS D 878 14.70 -13.43 58.00
CA LYS D 878 14.95 -14.65 58.81
C LYS D 878 13.94 -15.73 58.44
N LEU D 879 13.86 -16.83 59.20
CA LEU D 879 12.98 -17.98 58.85
C LEU D 879 12.03 -18.33 60.00
N LYS D 880 10.79 -17.84 59.97
CA LYS D 880 9.76 -18.17 60.94
C LYS D 880 9.46 -19.67 60.91
N ASN D 881 8.72 -20.13 61.91
CA ASN D 881 8.33 -21.53 62.00
C ASN D 881 7.05 -21.83 61.22
N THR D 882 6.43 -20.82 60.61
CA THR D 882 5.20 -21.02 59.86
C THR D 882 5.49 -21.56 58.47
N VAL D 883 4.49 -22.21 57.88
CA VAL D 883 4.62 -22.76 56.53
C VAL D 883 4.79 -21.64 55.50
N GLY D 884 4.12 -20.51 55.72
CA GLY D 884 4.23 -19.42 54.76
C GLY D 884 5.66 -18.93 54.58
N ASP D 885 6.39 -18.79 55.70
CA ASP D 885 7.78 -18.37 55.61
C ASP D 885 8.59 -19.37 54.78
N TYR D 886 8.40 -20.66 55.04
CA TYR D 886 9.15 -21.67 54.32
C TYR D 886 8.85 -21.61 52.83
N PHE D 887 7.57 -21.46 52.48
CA PHE D 887 7.21 -21.35 51.07
C PHE D 887 7.87 -20.13 50.45
N ARG D 888 7.86 -19.01 51.18
CA ARG D 888 8.47 -17.79 50.65
C ARG D 888 9.95 -18.00 50.36
N VAL D 889 10.67 -18.61 51.29
CA VAL D 889 12.11 -18.76 51.08
C VAL D 889 12.38 -19.77 49.98
N THR D 890 11.54 -20.80 49.89
CA THR D 890 11.68 -21.75 48.78
C THR D 890 11.55 -21.02 47.45
N GLY D 891 10.54 -20.16 47.33
CA GLY D 891 10.37 -19.40 46.11
C GLY D 891 11.57 -18.50 45.83
N GLU D 892 12.05 -17.80 46.86
CA GLU D 892 13.16 -16.89 46.67
C GLU D 892 14.40 -17.63 46.20
N ILE D 893 14.70 -18.76 46.83
CA ILE D 893 15.92 -19.49 46.48
C ILE D 893 15.79 -20.09 45.09
N LEU D 894 14.59 -20.58 44.74
CA LEU D 894 14.38 -21.06 43.38
C LEU D 894 14.63 -19.96 42.36
N SER D 895 14.14 -18.76 42.67
CA SER D 895 14.35 -17.63 41.76
C SER D 895 15.83 -17.31 41.63
N VAL D 896 16.56 -17.35 42.74
CA VAL D 896 17.99 -17.07 42.71
C VAL D 896 18.68 -18.10 41.81
N SER D 897 18.34 -19.37 41.98
CA SER D 897 18.96 -20.41 41.17
C SER D 897 18.68 -20.16 39.70
N GLY D 898 17.45 -19.83 39.35
CA GLY D 898 17.14 -19.54 37.96
C GLY D 898 17.95 -18.37 37.43
N GLY D 899 18.07 -17.32 38.23
CA GLY D 899 18.82 -16.16 37.78
C GLY D 899 20.28 -16.48 37.54
N VAL D 900 20.89 -17.22 38.46
CA VAL D 900 22.31 -17.55 38.29
C VAL D 900 22.50 -18.45 37.09
N TYR D 901 21.57 -19.38 36.85
CA TYR D 901 21.67 -20.19 35.64
C TYR D 901 21.62 -19.31 34.41
N PHE D 902 20.70 -18.35 34.39
CA PHE D 902 20.58 -17.50 33.21
C PHE D 902 21.85 -16.68 33.00
N PHE D 903 22.44 -16.20 34.09
CA PHE D 903 23.70 -15.45 34.00
C PHE D 903 24.80 -16.32 33.40
N PHE D 904 24.98 -17.53 33.94
CA PHE D 904 26.00 -18.42 33.42
C PHE D 904 25.76 -18.72 31.95
N ARG D 905 24.50 -18.94 31.57
CA ARG D 905 24.19 -19.23 30.18
C ARG D 905 24.52 -18.05 29.29
N GLY D 906 24.23 -16.83 29.76
CA GLY D 906 24.59 -15.66 28.98
C GLY D 906 26.09 -15.54 28.78
N ILE D 907 26.85 -15.79 29.84
CA ILE D 907 28.31 -15.76 29.70
C ILE D 907 28.76 -16.83 28.71
N GLN D 908 28.17 -18.03 28.80
CA GLN D 908 28.54 -19.11 27.90
C GLN D 908 28.28 -18.73 26.45
N TYR D 909 27.12 -18.12 26.19
CA TYR D 909 26.82 -17.68 24.83
C TYR D 909 27.82 -16.62 24.39
N PHE D 910 28.14 -15.68 25.28
CA PHE D 910 29.13 -14.66 24.95
C PHE D 910 30.43 -15.32 24.52
N LEU D 911 30.95 -16.23 25.32
CA LEU D 911 32.23 -16.84 25.03
C LEU D 911 32.17 -17.65 23.73
N GLN D 912 31.24 -18.62 23.67
CA GLN D 912 31.18 -19.51 22.52
C GLN D 912 30.96 -18.74 21.24
N ARG D 913 29.98 -17.84 21.22
CA ARG D 913 29.72 -17.06 20.03
C ARG D 913 30.68 -15.89 19.91
N ARG D 914 31.07 -15.27 21.02
CA ARG D 914 31.84 -14.04 21.01
C ARG D 914 31.16 -13.07 20.04
N PRO D 915 29.92 -12.68 20.33
CA PRO D 915 29.08 -12.08 19.29
C PRO D 915 29.68 -10.78 18.77
N SER D 916 29.44 -10.52 17.49
CA SER D 916 29.94 -9.31 16.86
C SER D 916 29.62 -8.10 17.71
N LEU D 917 30.67 -7.46 18.24
CA LEU D 917 30.47 -6.32 19.13
C LEU D 917 29.93 -5.11 18.39
N LYS D 918 30.16 -5.03 17.07
CA LYS D 918 29.65 -3.90 16.30
C LYS D 918 28.12 -3.85 16.35
N SER D 919 27.47 -4.97 16.05
CA SER D 919 26.01 -5.08 16.11
C SER D 919 25.70 -6.37 16.86
N LEU D 920 25.63 -6.27 18.19
CA LEU D 920 25.23 -7.38 19.02
C LEU D 920 23.77 -7.30 19.41
N PHE D 921 23.14 -6.15 19.24
CA PHE D 921 21.74 -5.96 19.55
C PHE D 921 20.81 -6.42 18.43
N VAL D 922 21.36 -6.68 17.24
CA VAL D 922 20.52 -7.07 16.11
C VAL D 922 20.46 -8.58 15.93
N ASP D 923 21.32 -9.34 16.61
CA ASP D 923 21.34 -10.79 16.48
C ASP D 923 21.18 -11.53 17.79
N SER D 924 21.21 -10.83 18.93
CA SER D 924 21.11 -11.51 20.22
C SER D 924 20.24 -10.72 21.19
N TYR D 925 19.17 -10.10 20.71
CA TYR D 925 18.38 -9.25 21.59
C TYR D 925 17.90 -10.05 22.79
N SER D 926 17.39 -11.26 22.53
CA SER D 926 16.86 -12.09 23.61
C SER D 926 17.95 -12.44 24.61
N GLU D 927 19.14 -12.78 24.14
CA GLU D 927 20.21 -13.16 25.05
C GLU D 927 20.61 -11.99 25.94
N ILE D 928 20.71 -10.79 25.36
CA ILE D 928 20.99 -9.61 26.18
C ILE D 928 19.89 -9.38 27.20
N LEU D 929 18.63 -9.58 26.80
CA LEU D 929 17.54 -9.40 27.75
C LEU D 929 17.68 -10.35 28.93
N PHE D 930 17.90 -11.63 28.64
CA PHE D 930 18.05 -12.60 29.72
C PHE D 930 19.25 -12.25 30.59
N PHE D 931 20.35 -11.83 29.97
CA PHE D 931 21.53 -11.47 30.73
C PHE D 931 21.25 -10.30 31.66
N VAL D 932 20.52 -9.29 31.17
CA VAL D 932 20.23 -8.12 31.98
C VAL D 932 19.31 -8.49 33.14
N GLN D 933 18.30 -9.30 32.88
CA GLN D 933 17.42 -9.74 33.97
C GLN D 933 18.22 -10.50 35.02
N SER D 934 19.11 -11.39 34.57
CA SER D 934 19.95 -12.12 35.50
C SER D 934 20.82 -11.17 36.32
N LEU D 935 21.38 -10.16 35.67
CA LEU D 935 22.21 -9.21 36.38
C LEU D 935 21.41 -8.48 37.44
N PHE D 936 20.18 -8.06 37.11
CA PHE D 936 19.36 -7.38 38.10
C PHE D 936 19.07 -8.31 39.27
N MET D 937 18.75 -9.57 39.01
CA MET D 937 18.47 -10.49 40.10
C MET D 937 19.71 -10.69 40.97
N LEU D 938 20.87 -10.85 40.34
CA LEU D 938 22.10 -11.06 41.09
C LEU D 938 22.44 -9.86 41.96
N VAL D 939 22.33 -8.65 41.41
CA VAL D 939 22.62 -7.48 42.22
C VAL D 939 21.59 -7.34 43.34
N SER D 940 20.36 -7.78 43.09
CA SER D 940 19.37 -7.80 44.17
C SER D 940 19.83 -8.74 45.28
N VAL D 941 20.41 -9.87 44.91
CA VAL D 941 20.94 -10.78 45.92
C VAL D 941 22.10 -10.13 46.66
N VAL D 942 22.92 -9.38 45.93
CA VAL D 942 24.08 -8.74 46.54
C VAL D 942 23.64 -7.72 47.58
N LEU D 943 22.68 -6.88 47.23
CA LEU D 943 22.20 -5.88 48.17
C LEU D 943 21.34 -6.48 49.28
N TYR D 944 20.66 -7.59 49.02
CA TYR D 944 19.75 -8.16 50.00
C TYR D 944 20.49 -8.57 51.27
N PHE D 945 21.67 -9.15 51.11
CA PHE D 945 22.52 -9.49 52.24
C PHE D 945 23.41 -8.33 52.66
N SER D 946 23.26 -7.16 52.01
CA SER D 946 24.03 -5.94 52.32
C SER D 946 23.19 -5.03 53.20
N GLN D 947 22.23 -5.58 53.93
CA GLN D 947 21.41 -4.80 54.85
C GLN D 947 20.99 -3.49 54.20
N ARG D 948 20.45 -3.59 52.99
CA ARG D 948 19.98 -2.45 52.22
C ARG D 948 18.66 -2.78 51.57
N LYS D 949 17.74 -1.82 51.57
CA LYS D 949 16.40 -2.01 51.02
C LYS D 949 16.33 -1.69 49.54
N GLU D 950 17.43 -1.24 48.95
CA GLU D 950 17.45 -0.91 47.53
C GLU D 950 17.36 -2.14 46.64
N TYR D 951 17.47 -3.34 47.19
CA TYR D 951 17.38 -4.54 46.36
C TYR D 951 16.04 -4.63 45.66
N VAL D 952 15.00 -4.01 46.21
CA VAL D 952 13.67 -4.10 45.62
C VAL D 952 13.69 -3.55 44.21
N ALA D 953 14.45 -2.48 43.98
CA ALA D 953 14.52 -1.91 42.64
C ALA D 953 15.05 -2.93 41.64
N SER D 954 16.15 -3.58 41.98
CA SER D 954 16.72 -4.57 41.08
C SER D 954 15.76 -5.74 40.88
N MET D 955 15.15 -6.21 41.96
CA MET D 955 14.22 -7.34 41.85
C MET D 955 13.06 -6.98 40.94
N VAL D 956 12.51 -5.78 41.09
CA VAL D 956 11.35 -5.38 40.32
C VAL D 956 11.71 -5.24 38.85
N PHE D 957 12.86 -4.63 38.56
CA PHE D 957 13.31 -4.54 37.18
C PHE D 957 13.48 -5.93 36.58
N SER D 958 14.04 -6.85 37.36
CA SER D 958 14.21 -8.22 36.88
C SER D 958 12.88 -8.88 36.60
N LEU D 959 11.90 -8.68 37.48
CA LEU D 959 10.59 -9.29 37.31
C LEU D 959 9.94 -8.79 36.03
N ALA D 960 9.94 -7.47 35.83
CA ALA D 960 9.37 -6.93 34.60
C ALA D 960 10.12 -7.46 33.39
N MET D 961 11.45 -7.47 33.45
CA MET D 961 12.25 -7.94 32.34
C MET D 961 11.86 -9.36 31.96
N GLY D 962 11.75 -10.25 32.95
CA GLY D 962 11.44 -11.65 32.68
C GLY D 962 10.03 -11.89 32.17
N TRP D 963 9.04 -11.29 32.83
CA TRP D 963 7.67 -11.45 32.36
C TRP D 963 7.57 -10.98 30.92
N THR D 964 8.20 -9.86 30.60
CA THR D 964 8.20 -9.37 29.23
C THR D 964 9.00 -10.30 28.31
N ASN D 965 10.07 -10.90 28.82
CA ASN D 965 10.90 -11.79 28.04
C ASN D 965 10.19 -13.07 27.66
N MET D 966 9.11 -13.41 28.38
CA MET D 966 8.31 -14.55 27.95
C MET D 966 8.05 -14.53 26.45
N LEU D 967 8.08 -13.36 25.84
CA LEU D 967 7.93 -13.27 24.39
C LEU D 967 9.00 -14.08 23.67
N TYR D 968 10.15 -14.31 24.29
CA TYR D 968 11.21 -15.02 23.60
C TYR D 968 10.76 -16.40 23.15
N TYR D 969 9.82 -17.01 23.88
CA TYR D 969 9.35 -18.34 23.55
C TYR D 969 8.32 -18.34 22.43
N THR D 970 7.86 -17.20 22.01
CA THR D 970 6.80 -17.16 21.03
C THR D 970 7.36 -17.48 19.66
N ARG D 971 8.66 -17.77 19.54
CA ARG D 971 9.24 -18.20 18.27
C ARG D 971 8.78 -19.58 17.85
N GLY D 972 8.25 -20.37 18.79
CA GLY D 972 7.77 -21.70 18.46
C GLY D 972 6.41 -21.75 17.82
N PHE D 973 5.67 -20.65 17.87
CA PHE D 973 4.36 -20.55 17.25
C PHE D 973 4.46 -19.67 16.01
N GLN D 974 3.94 -20.16 14.89
CA GLN D 974 4.20 -19.51 13.61
C GLN D 974 3.65 -18.10 13.54
N GLN D 975 2.57 -17.80 14.26
CA GLN D 975 1.91 -16.51 14.11
C GLN D 975 2.28 -15.51 15.19
N MET D 976 2.40 -15.94 16.44
CA MET D 976 2.88 -15.03 17.48
C MET D 976 4.36 -14.72 17.32
N GLY D 977 5.12 -15.64 16.74
CA GLY D 977 6.53 -15.39 16.52
C GLY D 977 6.77 -14.21 15.59
N ILE D 978 6.00 -14.12 14.51
CA ILE D 978 6.11 -12.97 13.63
C ILE D 978 5.83 -11.70 14.40
N TYR D 979 4.90 -11.76 15.34
CA TYR D 979 4.54 -10.58 16.11
C TYR D 979 5.68 -10.15 17.02
N ALA D 980 6.32 -11.12 17.68
CA ALA D 980 7.47 -10.79 18.52
C ALA D 980 8.62 -10.24 17.70
N VAL D 981 8.85 -10.80 16.50
CA VAL D 981 9.89 -10.29 15.63
C VAL D 981 9.58 -8.85 15.22
N MET D 982 8.31 -8.59 14.89
CA MET D 982 7.86 -7.23 14.60
C MET D 982 8.20 -6.30 15.76
N ILE D 983 7.88 -6.72 16.99
CA ILE D 983 8.16 -5.86 18.14
C ILE D 983 9.65 -5.60 18.26
N GLU D 984 10.46 -6.63 18.09
CA GLU D 984 11.91 -6.47 18.16
C GLU D 984 12.41 -5.46 17.13
N LYS D 985 12.02 -5.67 15.86
CA LYS D 985 12.52 -4.82 14.80
C LYS D 985 12.06 -3.38 14.99
N MET D 986 10.82 -3.17 15.42
CA MET D 986 10.35 -1.80 15.59
C MET D 986 10.95 -1.16 16.83
N ILE D 987 11.32 -1.94 17.85
CA ILE D 987 12.00 -1.34 18.99
C ILE D 987 13.40 -0.92 18.61
N LEU D 988 14.07 -1.67 17.73
CA LEU D 988 15.43 -1.34 17.35
C LEU D 988 15.55 -0.48 16.09
N ARG D 989 14.45 -0.22 15.39
CA ARG D 989 14.48 0.53 14.14
C ARG D 989 13.80 1.88 14.24
N ASP D 990 12.52 1.92 14.61
CA ASP D 990 11.74 3.14 14.53
C ASP D 990 11.58 3.81 15.89
N LEU D 991 11.31 3.04 16.94
CA LEU D 991 11.08 3.65 18.24
C LEU D 991 12.30 4.43 18.71
N CYS D 992 13.49 4.01 18.32
CA CYS D 992 14.70 4.71 18.75
C CYS D 992 14.77 6.11 18.15
N ARG D 993 14.60 6.21 16.83
CA ARG D 993 14.65 7.52 16.18
C ARG D 993 13.57 8.44 16.72
N PHE D 994 12.34 7.93 16.80
CA PHE D 994 11.24 8.78 17.23
C PHE D 994 11.45 9.18 18.68
N MET D 995 12.02 8.31 19.51
CA MET D 995 12.38 8.72 20.86
C MET D 995 13.38 9.86 20.83
N PHE D 996 14.37 9.78 19.97
CA PHE D 996 15.37 10.85 19.88
C PHE D 996 14.69 12.18 19.54
N VAL D 997 13.90 12.19 18.48
CA VAL D 997 13.30 13.45 18.02
C VAL D 997 12.31 13.98 19.05
N TYR D 998 11.48 13.10 19.61
CA TYR D 998 10.52 13.52 20.62
C TYR D 998 11.24 14.04 21.84
N LEU D 999 12.38 13.45 22.19
CA LEU D 999 13.12 13.94 23.34
C LEU D 999 13.66 15.34 23.07
N VAL D 1000 14.14 15.58 21.84
CA VAL D 1000 14.56 16.93 21.48
C VAL D 1000 13.41 17.91 21.65
N PHE D 1001 12.25 17.58 21.07
CA PHE D 1001 11.10 18.47 21.17
C PHE D 1001 10.72 18.72 22.63
N LEU D 1002 10.54 17.63 23.38
CA LEU D 1002 10.08 17.78 24.76
C LEU D 1002 11.08 18.56 25.58
N PHE D 1003 12.37 18.30 25.40
CA PHE D 1003 13.37 19.01 26.17
C PHE D 1003 13.35 20.49 25.83
N GLY D 1004 13.29 20.83 24.56
CA GLY D 1004 13.27 22.23 24.18
C GLY D 1004 12.06 22.95 24.73
N PHE D 1005 10.88 22.36 24.55
CA PHE D 1005 9.66 23.05 24.98
C PHE D 1005 9.56 23.08 26.50
N SER D 1006 10.11 22.06 27.15
CA SER D 1006 10.08 21.97 28.62
C SER D 1006 11.04 23.02 29.18
N THR D 1007 12.16 23.28 28.52
CA THR D 1007 13.08 24.35 28.89
C THR D 1007 12.44 25.71 28.68
N ALA D 1008 11.80 25.90 27.54
CA ALA D 1008 11.10 27.15 27.28
C ALA D 1008 10.07 27.43 28.36
N VAL D 1009 9.20 26.46 28.63
CA VAL D 1009 8.11 26.68 29.57
C VAL D 1009 8.67 26.98 30.96
N VAL D 1010 9.65 26.20 31.40
CA VAL D 1010 10.19 26.41 32.74
C VAL D 1010 10.85 27.77 32.83
N THR D 1011 11.49 28.22 31.75
CA THR D 1011 12.00 29.57 31.73
C THR D 1011 10.88 30.57 31.92
N LEU D 1012 9.73 30.31 31.28
CA LEU D 1012 8.61 31.24 31.39
C LEU D 1012 8.04 31.27 32.80
N ILE D 1013 7.90 30.11 33.44
CA ILE D 1013 7.32 30.07 34.78
C ILE D 1013 8.19 30.87 35.72
N GLU D 1014 7.56 31.49 36.72
CA GLU D 1014 8.26 32.29 37.71
C GLU D 1014 8.12 31.74 39.12
N ASP D 1015 6.90 31.51 39.58
CA ASP D 1015 6.64 31.08 40.96
C ASP D 1015 7.14 32.12 41.95
N GLY D 1016 6.67 33.35 41.76
CA GLY D 1016 7.07 34.46 42.59
C GLY D 1016 6.04 34.81 43.66
N LYS D 1017 5.14 33.88 43.95
CA LYS D 1017 4.08 34.13 44.92
C LYS D 1017 4.58 33.87 46.35
N GLY D 1038 0.30 22.98 43.27
CA GLY D 1038 0.34 23.76 42.05
C GLY D 1038 1.20 25.01 42.18
N ASN D 1039 2.24 24.92 43.02
CA ASN D 1039 3.16 26.02 43.24
C ASN D 1039 4.61 25.66 42.98
N SER D 1040 5.01 24.42 43.29
CA SER D 1040 6.38 23.97 43.07
C SER D 1040 6.53 23.33 41.70
N TYR D 1041 6.10 24.04 40.65
CA TYR D 1041 6.18 23.56 39.29
C TYR D 1041 7.43 24.02 38.56
N ASN D 1042 8.27 24.85 39.21
CA ASN D 1042 9.48 25.33 38.55
C ASN D 1042 10.36 24.17 38.11
N SER D 1043 10.26 23.02 38.77
CA SER D 1043 11.12 21.90 38.44
C SER D 1043 10.99 21.55 36.97
N LEU D 1044 12.13 21.32 36.32
CA LEU D 1044 12.10 20.87 34.94
C LEU D 1044 11.47 19.49 34.83
N TYR D 1045 11.67 18.63 35.82
CA TYR D 1045 11.09 17.30 35.79
C TYR D 1045 9.57 17.38 35.74
N SER D 1046 8.99 18.26 36.54
CA SER D 1046 7.53 18.39 36.53
C SER D 1046 7.03 18.82 35.16
N THR D 1047 7.69 19.78 34.53
CA THR D 1047 7.25 20.25 33.23
C THR D 1047 7.39 19.16 32.18
N CYS D 1048 8.49 18.41 32.24
CA CYS D 1048 8.64 17.29 31.33
C CYS D 1048 7.50 16.29 31.52
N LEU D 1049 7.13 16.04 32.78
CA LEU D 1049 6.04 15.11 33.05
C LEU D 1049 4.72 15.63 32.48
N GLU D 1050 4.44 16.92 32.64
CA GLU D 1050 3.19 17.46 32.10
C GLU D 1050 3.14 17.36 30.59
N LEU D 1051 4.23 17.70 29.93
CA LEU D 1051 4.24 17.58 28.47
C LEU D 1051 4.11 16.14 28.04
N PHE D 1052 4.73 15.21 28.77
CA PHE D 1052 4.56 13.81 28.45
C PHE D 1052 3.11 13.38 28.61
N LYS D 1053 2.45 13.83 29.69
CA LYS D 1053 1.03 13.56 29.83
C LYS D 1053 0.27 14.06 28.61
N PHE D 1054 0.63 15.25 28.13
CA PHE D 1054 0.08 15.72 26.87
C PHE D 1054 0.27 14.68 25.79
N THR D 1055 1.36 13.95 25.82
CA THR D 1055 1.67 12.98 24.75
C THR D 1055 0.80 11.76 24.91
N ILE D 1056 0.40 11.43 26.15
CA ILE D 1056 -0.36 10.20 26.38
C ILE D 1056 -1.84 10.51 26.57
N GLY D 1057 -2.26 11.70 26.17
CA GLY D 1057 -3.67 12.03 26.19
C GLY D 1057 -4.24 12.39 27.53
N MET D 1058 -3.42 12.94 28.43
CA MET D 1058 -3.91 13.44 29.71
C MET D 1058 -3.24 14.78 30.02
N GLY D 1059 -3.17 15.66 29.03
CA GLY D 1059 -2.52 16.94 29.18
C GLY D 1059 -3.51 18.02 29.55
N ASP D 1060 -3.18 18.77 30.59
CA ASP D 1060 -4.01 19.88 31.06
C ASP D 1060 -3.41 21.17 30.53
N LEU D 1061 -4.13 21.82 29.61
CA LEU D 1061 -3.62 23.04 28.99
C LEU D 1061 -3.48 24.18 29.97
N GLU D 1062 -4.06 24.07 31.16
CA GLU D 1062 -4.00 25.11 32.17
C GLU D 1062 -3.40 24.57 33.46
N PHE D 1063 -2.40 23.70 33.35
CA PHE D 1063 -1.86 23.08 34.53
C PHE D 1063 -1.13 24.06 35.44
N THR D 1064 -0.86 25.28 34.98
CA THR D 1064 -0.22 26.28 35.83
C THR D 1064 -0.69 27.67 35.43
N GLU D 1065 -0.86 28.52 36.43
CA GLU D 1065 -1.25 29.91 36.22
C GLU D 1065 -0.24 30.89 36.80
N ASN D 1066 0.95 30.42 37.20
CA ASN D 1066 1.95 31.28 37.82
C ASN D 1066 2.78 32.06 36.82
N TYR D 1067 2.68 31.75 35.54
CA TYR D 1067 3.33 32.53 34.49
C TYR D 1067 2.93 34.00 34.50
N ASP D 1068 3.51 34.78 33.60
CA ASP D 1068 3.22 36.20 33.46
C ASP D 1068 2.74 36.63 32.08
N PHE D 1069 2.88 35.78 31.05
CA PHE D 1069 2.35 36.06 29.71
C PHE D 1069 1.49 34.87 29.28
N LYS D 1070 0.17 34.99 29.46
CA LYS D 1070 -0.70 33.87 29.15
C LYS D 1070 -0.66 33.54 27.67
N ALA D 1071 -0.56 34.56 26.82
CA ALA D 1071 -0.44 34.30 25.38
C ALA D 1071 0.77 33.43 25.12
N VAL D 1072 1.92 33.77 25.72
CA VAL D 1072 3.14 33.03 25.45
C VAL D 1072 3.01 31.58 25.92
N PHE D 1073 2.50 31.39 27.13
CA PHE D 1073 2.35 30.04 27.67
C PHE D 1073 1.42 29.21 26.79
N ILE D 1074 0.27 29.77 26.42
CA ILE D 1074 -0.69 29.03 25.61
C ILE D 1074 -0.12 28.75 24.24
N ILE D 1075 0.60 29.70 23.67
CA ILE D 1075 1.20 29.49 22.35
C ILE D 1075 2.21 28.35 22.41
N LEU D 1076 3.02 28.32 23.47
CA LEU D 1076 4.01 27.26 23.59
C LEU D 1076 3.34 25.91 23.74
N LEU D 1077 2.32 25.81 24.60
CA LEU D 1077 1.64 24.54 24.78
C LEU D 1077 0.96 24.09 23.49
N LEU D 1078 0.33 25.02 22.78
CA LEU D 1078 -0.35 24.66 21.54
C LEU D 1078 0.65 24.24 20.47
N ALA D 1079 1.79 24.94 20.40
CA ALA D 1079 2.82 24.53 19.46
C ALA D 1079 3.34 23.14 19.79
N TYR D 1080 3.55 22.86 21.07
CA TYR D 1080 3.99 21.53 21.46
C TYR D 1080 2.98 20.47 21.08
N VAL D 1081 1.70 20.75 21.33
CA VAL D 1081 0.65 19.78 21.01
C VAL D 1081 0.61 19.52 19.51
N ILE D 1082 0.68 20.59 18.71
CA ILE D 1082 0.60 20.44 17.27
C ILE D 1082 1.81 19.68 16.76
N LEU D 1083 2.99 19.99 17.30
CA LEU D 1083 4.22 19.40 16.78
C LEU D 1083 4.40 17.95 17.21
N THR D 1084 4.02 17.61 18.44
CA THR D 1084 4.17 16.26 18.95
C THR D 1084 2.89 15.44 18.80
N TYR D 1085 1.81 15.88 19.45
CA TYR D 1085 0.63 15.02 19.59
C TYR D 1085 -0.04 14.76 18.26
N ILE D 1086 -0.33 15.82 17.50
CA ILE D 1086 -1.05 15.65 16.25
C ILE D 1086 -0.10 15.36 15.10
N LEU D 1087 1.16 15.77 15.21
CA LEU D 1087 2.11 15.64 14.10
C LEU D 1087 3.04 14.45 14.30
N LEU D 1088 3.81 14.43 15.39
CA LEU D 1088 4.87 13.44 15.51
C LEU D 1088 4.33 12.05 15.83
N LEU D 1089 3.31 11.95 16.66
CA LEU D 1089 2.72 10.64 16.92
C LEU D 1089 2.13 10.06 15.65
N ASN D 1090 1.42 10.89 14.88
CA ASN D 1090 0.90 10.43 13.61
C ASN D 1090 2.00 10.22 12.59
N MET D 1091 3.08 11.01 12.69
CA MET D 1091 4.30 10.68 11.95
C MET D 1091 4.71 9.24 12.22
N LEU D 1092 4.78 8.88 13.51
CA LEU D 1092 5.20 7.53 13.88
C LEU D 1092 4.25 6.49 13.34
N ILE D 1093 2.94 6.75 13.42
CA ILE D 1093 1.98 5.79 12.89
C ILE D 1093 2.23 5.57 11.41
N ALA D 1094 2.43 6.66 10.67
CA ALA D 1094 2.70 6.54 9.23
C ALA D 1094 3.98 5.73 8.99
N LEU D 1095 5.03 6.04 9.75
CA LEU D 1095 6.30 5.37 9.53
C LEU D 1095 6.19 3.89 9.80
N MET D 1096 5.55 3.51 10.92
CA MET D 1096 5.38 2.11 11.23
C MET D 1096 4.51 1.40 10.22
N GLY D 1097 3.51 2.10 9.67
CA GLY D 1097 2.76 1.52 8.57
C GLY D 1097 3.67 1.17 7.41
N GLU D 1098 4.55 2.10 7.04
CA GLU D 1098 5.48 1.85 5.95
C GLU D 1098 6.38 0.66 6.28
N THR D 1099 6.91 0.63 7.50
CA THR D 1099 7.75 -0.49 7.90
C THR D 1099 7.03 -1.81 7.72
N VAL D 1100 5.94 -2.01 8.47
CA VAL D 1100 5.20 -3.26 8.39
C VAL D 1100 4.97 -3.64 6.93
N ASN D 1101 4.53 -2.66 6.12
CA ASN D 1101 4.22 -2.96 4.73
C ASN D 1101 5.42 -3.57 4.04
N LYS D 1102 6.62 -3.04 4.29
CA LYS D 1102 7.77 -3.60 3.58
C LYS D 1102 8.22 -4.92 4.22
N ILE D 1103 8.11 -5.03 5.54
CA ILE D 1103 8.93 -5.99 6.28
C ILE D 1103 8.09 -7.13 6.85
N ALA D 1104 6.85 -7.30 6.40
CA ALA D 1104 6.14 -8.53 6.72
C ALA D 1104 6.99 -9.77 6.45
N GLN D 1105 7.41 -9.93 5.19
CA GLN D 1105 8.21 -11.10 4.83
C GLN D 1105 9.50 -11.16 5.63
N GLU D 1106 10.09 -10.00 5.92
CA GLU D 1106 11.33 -9.99 6.70
C GLU D 1106 11.09 -10.56 8.07
N SER D 1107 9.98 -10.18 8.71
CA SER D 1107 9.67 -10.74 10.02
C SER D 1107 9.46 -12.23 9.93
N LYS D 1108 8.80 -12.70 8.88
CA LYS D 1108 8.63 -14.13 8.69
C LYS D 1108 9.99 -14.84 8.65
N ASN D 1109 10.89 -14.35 7.80
CA ASN D 1109 12.18 -15.02 7.64
C ASN D 1109 13.00 -14.95 8.92
N ILE D 1110 12.97 -13.82 9.62
CA ILE D 1110 13.69 -13.74 10.87
C ILE D 1110 13.13 -14.73 11.88
N TRP D 1111 11.80 -14.92 11.89
CA TRP D 1111 11.26 -15.94 12.77
C TRP D 1111 11.80 -17.31 12.41
N LYS D 1112 11.88 -17.60 11.11
CA LYS D 1112 12.40 -18.89 10.69
C LYS D 1112 13.81 -19.09 11.22
N LEU D 1113 14.66 -18.07 11.06
CA LEU D 1113 16.02 -18.17 11.57
C LEU D 1113 16.02 -18.34 13.09
N GLN D 1114 15.07 -17.69 13.76
CA GLN D 1114 14.99 -17.78 15.20
C GLN D 1114 14.73 -19.22 15.62
N ARG D 1115 13.78 -19.87 14.96
CA ARG D 1115 13.49 -21.26 15.25
C ARG D 1115 14.68 -22.15 14.91
N ALA D 1116 15.39 -21.84 13.83
CA ALA D 1116 16.57 -22.63 13.47
C ALA D 1116 17.60 -22.60 14.58
N ILE D 1117 17.89 -21.40 15.11
CA ILE D 1117 18.82 -21.31 16.22
C ILE D 1117 18.27 -22.06 17.43
N THR D 1118 16.97 -21.96 17.65
CA THR D 1118 16.35 -22.69 18.76
C THR D 1118 16.67 -24.17 18.68
N ILE D 1119 16.40 -24.78 17.52
CA ILE D 1119 16.60 -26.22 17.40
C ILE D 1119 18.08 -26.56 17.53
N LEU D 1120 18.95 -25.77 16.91
CA LEU D 1120 20.37 -26.07 17.01
C LEU D 1120 20.83 -26.05 18.46
N ASP D 1121 20.41 -25.03 19.21
CA ASP D 1121 20.77 -24.96 20.61
C ASP D 1121 20.22 -26.16 21.38
N THR D 1122 18.97 -26.52 21.13
CA THR D 1122 18.39 -27.66 21.85
C THR D 1122 19.21 -28.91 21.62
N GLU D 1123 19.48 -29.24 20.35
CA GLU D 1123 20.22 -30.45 20.06
C GLU D 1123 21.62 -30.40 20.65
N LYS D 1124 22.25 -29.21 20.64
CA LYS D 1124 23.54 -29.08 21.29
C LYS D 1124 23.46 -29.27 22.80
N SER D 1125 22.31 -29.00 23.40
CA SER D 1125 22.20 -29.10 24.84
C SER D 1125 22.25 -30.54 25.32
N PHE D 1126 21.89 -31.51 24.48
CA PHE D 1126 21.82 -32.91 24.87
C PHE D 1126 23.06 -33.69 24.43
N LEU D 1127 24.21 -33.03 24.35
CA LEU D 1127 25.43 -33.70 23.92
C LEU D 1127 25.82 -34.81 24.89
N LYS D 1128 25.76 -34.53 26.19
CA LYS D 1128 26.08 -35.53 27.19
C LYS D 1128 24.88 -36.39 27.57
N CYS D 1129 23.66 -35.86 27.42
CA CYS D 1129 22.48 -36.65 27.74
C CYS D 1129 22.30 -37.81 26.77
N MET D 1130 22.11 -37.52 25.49
CA MET D 1130 22.14 -38.57 24.48
C MET D 1130 22.29 -37.96 23.10
N ARG D 1131 22.82 -38.75 22.17
CA ARG D 1131 23.04 -38.32 20.80
C ARG D 1131 22.48 -39.31 19.79
N LYS D 1132 22.44 -40.60 20.15
CA LYS D 1132 22.03 -41.62 19.19
C LYS D 1132 20.63 -41.33 18.65
N ALA D 1133 19.67 -41.12 19.54
CA ALA D 1133 18.32 -40.78 19.10
C ALA D 1133 18.27 -39.38 18.48
N PHE D 1134 19.29 -38.56 18.71
CA PHE D 1134 19.33 -37.20 18.17
C PHE D 1134 20.13 -37.19 16.87
N ARG D 1135 19.47 -37.67 15.82
CA ARG D 1135 20.04 -37.67 14.49
C ARG D 1135 18.88 -37.73 13.51
N SER D 1136 19.04 -37.06 12.37
CA SER D 1136 18.04 -37.06 11.32
C SER D 1136 18.53 -37.86 10.12
N GLY D 1137 17.59 -38.30 9.30
CA GLY D 1137 17.91 -39.08 8.12
C GLY D 1137 18.08 -40.56 8.45
N LYS D 1138 18.32 -41.34 7.39
CA LYS D 1138 18.49 -42.78 7.50
C LYS D 1138 19.70 -43.21 6.71
N LEU D 1139 20.47 -44.14 7.28
CA LEU D 1139 21.63 -44.69 6.58
C LEU D 1139 21.15 -45.52 5.40
N LEU D 1140 21.77 -45.32 4.23
CA LEU D 1140 21.37 -46.00 3.01
C LEU D 1140 22.59 -46.30 2.16
N GLN D 1141 22.39 -47.21 1.20
CA GLN D 1141 23.42 -47.65 0.26
C GLN D 1141 22.73 -47.83 -1.08
N VAL D 1142 22.87 -46.82 -1.95
CA VAL D 1142 22.17 -46.82 -3.23
C VAL D 1142 23.14 -47.19 -4.35
N GLY D 1143 24.21 -46.42 -4.50
CA GLY D 1143 25.15 -46.58 -5.58
C GLY D 1143 26.49 -47.11 -5.15
N PHE D 1144 27.45 -47.03 -6.07
CA PHE D 1144 28.81 -47.51 -5.85
C PHE D 1144 29.80 -46.43 -6.27
N THR D 1145 30.94 -46.43 -5.60
CA THR D 1145 32.07 -45.59 -5.97
C THR D 1145 32.97 -46.32 -6.96
N PRO D 1146 33.75 -45.59 -7.77
CA PRO D 1146 34.59 -46.27 -8.77
C PRO D 1146 35.51 -47.33 -8.18
N ASP D 1147 35.73 -47.29 -6.87
CA ASP D 1147 36.51 -48.29 -6.17
C ASP D 1147 35.76 -49.62 -6.00
N GLY D 1148 34.55 -49.73 -6.54
CA GLY D 1148 33.77 -50.94 -6.37
C GLY D 1148 33.37 -51.19 -4.94
N LYS D 1149 33.00 -50.15 -4.21
CA LYS D 1149 32.60 -50.26 -2.82
C LYS D 1149 31.27 -49.56 -2.61
N ASP D 1150 30.65 -49.82 -1.45
CA ASP D 1150 29.32 -49.35 -1.16
C ASP D 1150 29.36 -47.95 -0.54
N ASP D 1151 28.24 -47.25 -0.64
CA ASP D 1151 28.08 -45.90 -0.12
C ASP D 1151 27.19 -45.99 1.13
N TYR D 1152 27.77 -45.69 2.28
CA TYR D 1152 27.05 -45.66 3.54
C TYR D 1152 26.73 -44.21 3.86
N ARG D 1153 25.64 -43.71 3.27
CA ARG D 1153 25.32 -42.28 3.34
C ARG D 1153 23.99 -42.08 4.04
N TRP D 1154 23.95 -41.07 4.90
CA TRP D 1154 22.74 -40.72 5.64
C TRP D 1154 21.88 -39.83 4.76
N CYS D 1155 20.86 -40.41 4.15
CA CYS D 1155 20.00 -39.69 3.23
C CYS D 1155 18.71 -39.26 3.93
N PHE D 1156 17.84 -38.62 3.16
CA PHE D 1156 16.58 -38.14 3.69
C PHE D 1156 15.62 -37.97 2.52
N ARG D 1157 14.60 -38.82 2.46
CA ARG D 1157 13.73 -38.90 1.29
C ARG D 1157 12.86 -37.66 1.18
N VAL D 1158 12.52 -37.29 -0.05
CA VAL D 1158 11.59 -36.22 -0.34
C VAL D 1158 10.77 -36.63 -1.55
N ASP D 1159 9.47 -36.80 -1.35
CA ASP D 1159 8.58 -37.11 -2.47
C ASP D 1159 8.09 -35.82 -3.11
N GLU D 1160 7.98 -35.84 -4.44
CA GLU D 1160 7.51 -34.68 -5.19
C GLU D 1160 6.57 -35.16 -6.28
N VAL D 1161 5.64 -34.29 -6.68
CA VAL D 1161 4.59 -34.62 -7.64
C VAL D 1161 4.64 -33.58 -8.75
N ASN D 1162 5.23 -33.93 -9.88
CA ASN D 1162 5.33 -33.06 -11.03
C ASN D 1162 4.60 -33.69 -12.20
N TRP D 1163 3.72 -32.92 -12.84
CA TRP D 1163 2.85 -33.42 -13.88
C TRP D 1163 3.33 -33.06 -15.29
N THR D 1164 4.55 -32.56 -15.43
CA THR D 1164 5.02 -32.12 -16.74
C THR D 1164 6.35 -32.72 -17.13
N THR D 1165 7.27 -32.94 -16.19
CA THR D 1165 8.60 -33.43 -16.52
C THR D 1165 8.51 -34.68 -17.38
N TRP D 1166 7.91 -35.75 -16.84
CA TRP D 1166 7.59 -36.95 -17.61
C TRP D 1166 8.82 -37.53 -18.30
N ASN D 1167 9.94 -37.52 -17.59
CA ASN D 1167 11.17 -38.14 -18.10
C ASN D 1167 12.25 -38.13 -17.03
C01 A1D6W E . -19.84 -10.92 27.21
C02 A1D6W E . -20.61 -10.03 26.22
C03 A1D6W E . -20.74 -8.60 26.80
C04 A1D6W E . -22.01 -10.62 25.94
C05 A1D6W E . -19.80 -9.96 24.90
C06 A1D6W E . -20.03 -10.87 23.89
C07 A1D6W E . -19.29 -10.81 22.71
C08 A1D6W E . -18.34 -9.82 22.56
C09 A1D6W E . -18.11 -8.90 23.59
C10 A1D6W E . -18.84 -8.97 24.77
C11 A1D6W E . -17.47 -9.70 21.29
C12 A1D6W E . -18.08 -9.96 20.15
C13 A1D6W E . -19.26 -10.35 19.28
C16 A1D6W E . -20.03 -10.71 16.81
C17 A1D6W E . -19.80 -10.29 15.50
C18 A1D6W E . -20.72 -10.63 14.47
C19 A1D6W E . -21.86 -11.39 14.76
C20 A1D6W E . -22.09 -11.83 16.09
C21 A1D6W E . -21.18 -11.48 17.10
C23 A1D6W E . -22.45 -11.42 12.45
C24 A1D6W E . -20.96 -11.14 12.24
N15 A1D6W E . -19.04 -10.36 17.82
O14 A1D6W E . -20.29 -10.63 19.79
O22 A1D6W E . -22.80 -11.75 13.76
O25 A1D6W E . -20.49 -10.20 13.14
C01 A1D6W F . -26.26 20.58 13.15
C02 A1D6W F . -24.96 21.32 12.75
C03 A1D6W F . -24.16 21.70 14.01
C04 A1D6W F . -25.31 22.60 11.94
C05 A1D6W F . -24.11 20.38 11.87
C06 A1D6W F . -24.25 20.37 10.49
C07 A1D6W F . -23.48 19.51 9.71
C08 A1D6W F . -22.58 18.67 10.33
C09 A1D6W F . -22.45 18.67 11.72
C10 A1D6W F . -23.21 19.54 12.49
C11 A1D6W F . -21.71 17.68 9.54
C12 A1D6W F . -21.26 18.10 8.38
C13 A1D6W F . -21.09 19.11 7.25
C16 A1D6W F . -19.94 19.53 4.94
C17 A1D6W F . -18.83 19.19 4.17
C18 A1D6W F . -18.51 19.94 3.00
C19 A1D6W F . -19.32 21.00 2.61
C20 A1D6W F . -20.47 21.33 3.38
C21 A1D6W F . -20.77 20.60 4.53
C23 A1D6W F . -18.00 21.29 0.64
C24 A1D6W F . -17.62 19.84 0.88
N15 A1D6W F . -20.23 18.72 6.12
O14 A1D6W F . -21.63 20.15 7.32
O22 A1D6W F . -19.04 21.76 1.44
O25 A1D6W F . -17.38 19.59 2.23
NA NA G . -6.87 9.92 24.43
C01 A1D6W H . 7.14 29.56 18.44
C02 A1D6W H . 8.08 28.37 18.77
C03 A1D6W H . 7.65 27.73 20.11
C04 A1D6W H . 9.55 28.85 18.84
C05 A1D6W H . 7.93 27.31 17.65
C06 A1D6W H . 8.75 27.34 16.53
C07 A1D6W H . 8.61 26.39 15.52
C08 A1D6W H . 7.64 25.41 15.66
C09 A1D6W H . 6.81 25.39 16.78
C10 A1D6W H . 6.95 26.35 17.78
C11 A1D6W H . 7.41 24.34 14.58
C12 A1D6W H . 8.50 23.88 13.98
C13 A1D6W H . 9.99 23.78 13.72
C16 A1D6W H . 11.81 22.53 12.32
C17 A1D6W H . 12.10 21.32 11.70
C18 A1D6W H . 13.43 21.05 11.27
C19 A1D6W H . 14.43 21.98 11.46
C20 A1D6W H . 14.16 23.22 12.09
C21 A1D6W H . 12.84 23.49 12.52
C23 A1D6W H . 15.98 20.56 10.30
C24 A1D6W H . 14.71 19.97 9.68
N15 A1D6W H . 10.43 22.79 12.74
O14 A1D6W H . 10.72 24.49 14.31
O22 A1D6W H . 15.78 21.73 11.04
O25 A1D6W H . 13.71 19.81 10.64
C01 A1D6W I . 13.34 -1.75 32.85
C02 A1D6W I . 12.24 -2.79 32.55
C03 A1D6W I . 10.90 -2.31 33.18
C04 A1D6W I . 12.63 -4.18 33.11
C05 A1D6W I . 12.06 -2.87 31.01
C06 A1D6W I . 12.78 -3.80 30.26
C07 A1D6W I . 12.61 -3.86 28.88
C08 A1D6W I . 11.71 -3.00 28.27
C09 A1D6W I . 11.00 -2.07 29.03
C10 A1D6W I . 11.17 -2.01 30.41
C11 A1D6W I . 11.49 -2.99 26.75
C12 A1D6W I . 11.53 -4.18 26.17
C13 A1D6W I . 11.65 -5.70 26.12
C16 A1D6W I . 11.56 -7.78 24.55
C17 A1D6W I . 10.97 -8.26 23.37
C18 A1D6W I . 11.05 -9.64 23.06
C19 A1D6W I . 11.72 -10.52 23.91
C20 A1D6W I . 12.33 -10.03 25.11
C21 A1D6W I . 12.25 -8.66 25.40
C23 A1D6W I . 11.34 -12.31 22.37
C24 A1D6W I . 11.20 -11.19 21.36
N15 A1D6W I . 11.46 -6.34 24.82
O14 A1D6W I . 11.89 -6.27 27.11
O22 A1D6W I . 11.83 -11.91 23.63
O25 A1D6W I . 10.46 -10.13 21.87
#